data_7NSX
# 
_entry.id   7NSX 
# 
_audit_conform.dict_name       mmcif_pdbx.dic 
_audit_conform.dict_version    5.398 
_audit_conform.dict_location   http://mmcif.pdb.org/dictionaries/ascii/mmcif_pdbx.dic 
# 
loop_
_database_2.database_id 
_database_2.database_code 
_database_2.pdbx_database_accession 
_database_2.pdbx_DOI 
PDB   7NSX         pdb_00007nsx 10.2210/pdb7nsx/pdb 
WWPDB D_1292113824 ?            ?                   
# 
loop_
_pdbx_audit_revision_history.ordinal 
_pdbx_audit_revision_history.data_content_type 
_pdbx_audit_revision_history.major_revision 
_pdbx_audit_revision_history.minor_revision 
_pdbx_audit_revision_history.revision_date 
1 'Structure model' 1 0 2021-05-19 
2 'Structure model' 1 1 2021-06-16 
3 'Structure model' 1 2 2024-01-31 
4 'Structure model' 1 3 2024-11-13 
# 
_pdbx_audit_revision_details.ordinal             1 
_pdbx_audit_revision_details.revision_ordinal    1 
_pdbx_audit_revision_details.data_content_type   'Structure model' 
_pdbx_audit_revision_details.provider            repository 
_pdbx_audit_revision_details.type                'Initial release' 
_pdbx_audit_revision_details.description         ? 
_pdbx_audit_revision_details.details             ? 
# 
loop_
_pdbx_audit_revision_group.ordinal 
_pdbx_audit_revision_group.revision_ordinal 
_pdbx_audit_revision_group.data_content_type 
_pdbx_audit_revision_group.group 
1 2 'Structure model' 'Database references'    
2 3 'Structure model' 'Data collection'        
3 3 'Structure model' 'Database references'    
4 3 'Structure model' 'Derived calculations'   
5 3 'Structure model' 'Refinement description' 
6 4 'Structure model' 'Structure summary'      
# 
loop_
_pdbx_audit_revision_category.ordinal 
_pdbx_audit_revision_category.revision_ordinal 
_pdbx_audit_revision_category.data_content_type 
_pdbx_audit_revision_category.category 
1 2 'Structure model' citation                      
2 3 'Structure model' atom_type                     
3 3 'Structure model' chem_comp_atom                
4 3 'Structure model' chem_comp_bond                
5 3 'Structure model' database_2                    
6 3 'Structure model' pdbx_initial_refinement_model 
7 4 'Structure model' pdbx_entry_details            
8 4 'Structure model' pdbx_modification_feature     
# 
loop_
_pdbx_audit_revision_item.ordinal 
_pdbx_audit_revision_item.revision_ordinal 
_pdbx_audit_revision_item.data_content_type 
_pdbx_audit_revision_item.item 
1 2 'Structure model' '_citation.journal_volume'                     
2 2 'Structure model' '_citation.pdbx_database_id_PubMed'            
3 2 'Structure model' '_citation.title'                              
4 3 'Structure model' '_atom_type.pdbx_N_electrons'                  
5 3 'Structure model' '_atom_type.pdbx_scat_Z'                       
6 3 'Structure model' '_database_2.pdbx_DOI'                         
7 3 'Structure model' '_database_2.pdbx_database_accession'          
8 4 'Structure model' '_pdbx_entry_details.has_protein_modification' 
# 
_pdbx_database_status.status_code                     REL 
_pdbx_database_status.status_code_sf                  REL 
_pdbx_database_status.status_code_mr                  ? 
_pdbx_database_status.entry_id                        7NSX 
_pdbx_database_status.recvd_initial_deposition_date   2021-03-08 
_pdbx_database_status.SG_entry                        N 
_pdbx_database_status.deposit_site                    PDBE 
_pdbx_database_status.process_site                    PDBE 
_pdbx_database_status.status_code_cs                  ? 
_pdbx_database_status.status_code_nmr_data            ? 
_pdbx_database_status.methods_development_category    ? 
_pdbx_database_status.pdb_format_compatible           N 
# 
loop_
_audit_author.name 
_audit_author.pdbx_ordinal 
_audit_author.identifier_ORCID 
'Orlans, J.'   1 0000-0002-6933-2287 
'Aller, P.'    2 0000-0002-1793-7030 
'Da Silva, P.' 3 0000-0002-9275-8956 
# 
_citation.abstract                  ? 
_citation.abstract_id_CAS           ? 
_citation.book_id_ISBN              ? 
_citation.book_publisher            ? 
_citation.book_publisher_city       ? 
_citation.book_title                ? 
_citation.coordinate_linkage        ? 
_citation.country                   CH 
_citation.database_id_Medline       ? 
_citation.details                   ? 
_citation.id                        primary 
_citation.journal_abbrev            'Int J Mol Sci' 
_citation.journal_id_ASTM           ? 
_citation.journal_id_CSD            ? 
_citation.journal_id_ISSN           1422-0067 
_citation.journal_full              ? 
_citation.journal_issue             ? 
_citation.journal_volume            22 
_citation.language                  ? 
_citation.page_first                ? 
_citation.page_last                 ? 
_citation.title                     'PGRP-LB: An Inside View into the Mechanism of the Amidase Reaction.' 
_citation.year                      2021 
_citation.database_id_CSD           ? 
_citation.pdbx_database_id_DOI      10.3390/ijms22094957 
_citation.pdbx_database_id_PubMed   34066955 
_citation.pdbx_database_id_patent   ? 
_citation.unpublished_flag          ? 
# 
loop_
_citation_author.citation_id 
_citation_author.name 
_citation_author.ordinal 
_citation_author.identifier_ORCID 
primary 'Orlans, J.'          1  ? 
primary 'Vincent-Monegat, C.' 2  ? 
primary 'Rahioui, I.'         3  ? 
primary 'Sivignon, C.'        4  ? 
primary 'Butryn, A.'          5  ? 
primary 'Soulere, L.'         6  ? 
primary 'Zaidman-Remy, A.'    7  ? 
primary 'Orville, A.M.'       8  ? 
primary 'Heddi, A.'           9  ? 
primary 'Aller, P.'           10 ? 
primary 'Da Silva, P.'        11 ? 
# 
loop_
_entity.id 
_entity.type 
_entity.src_method 
_entity.pdbx_description 
_entity.formula_weight 
_entity.pdbx_number_of_molecules 
_entity.pdbx_ec 
_entity.pdbx_mutation 
_entity.pdbx_fragment 
_entity.details 
1 polymer     man 'Isoform A of Peptidoglycan-recognition protein LB' 23787.029 1  3.5.1.28 ? ? 
;Please can you count the first two residue as -1 and -2 because they belong to the cleavage site of the tag. The number 1 of the sequence would be third residue.
;
2 non-polymer syn 'ZINC ION'                                          65.409    1  ?        ? ? ? 
3 water       nat water                                               18.015    51 ?        ? ? ? 
# 
_entity_name_com.entity_id   1 
_entity_name_com.name        PGRP-LB 
# 
_entity_poly.entity_id                      1 
_entity_poly.type                           'polypeptide(L)' 
_entity_poly.nstd_linkage                   no 
_entity_poly.nstd_monomer                   no 
_entity_poly.pdbx_seq_one_letter_code       
;GPMQQANLGDGVATARLLSRSDWGARLPKSVEHFQGPAPYVIIHHSYMPAVCYSTPDCMKSMRDMQDFHQLERGWNDIGY
SFGIGGDGMIYTGRGFNVIGAHAPKYNDKSVGIVLIGDWRTELPPKQMLDAAKNLIAFGVFKGYIDPAYKLLGHRQVRDT
ECPGGRLFAEISSWPHFTHINDTEGVSSTTAPVVPHVHPQAAAPQKPHQSPPAAPKV
;
_entity_poly.pdbx_seq_one_letter_code_can   
;GPMQQANLGDGVATARLLSRSDWGARLPKSVEHFQGPAPYVIIHHSYMPAVCYSTPDCMKSMRDMQDFHQLERGWNDIGY
SFGIGGDGMIYTGRGFNVIGAHAPKYNDKSVGIVLIGDWRTELPPKQMLDAAKNLIAFGVFKGYIDPAYKLLGHRQVRDT
ECPGGRLFAEISSWPHFTHINDTEGVSSTTAPVVPHVHPQAAAPQKPHQSPPAAPKV
;
_entity_poly.pdbx_strand_id                 AAA 
_entity_poly.pdbx_target_identifier         ? 
# 
loop_
_pdbx_entity_nonpoly.entity_id 
_pdbx_entity_nonpoly.name 
_pdbx_entity_nonpoly.comp_id 
2 'ZINC ION' ZN  
3 water      HOH 
# 
loop_
_entity_poly_seq.entity_id 
_entity_poly_seq.num 
_entity_poly_seq.mon_id 
_entity_poly_seq.hetero 
1 1   GLY n 
1 2   PRO n 
1 3   MET n 
1 4   GLN n 
1 5   GLN n 
1 6   ALA n 
1 7   ASN n 
1 8   LEU n 
1 9   GLY n 
1 10  ASP n 
1 11  GLY n 
1 12  VAL n 
1 13  ALA n 
1 14  THR n 
1 15  ALA n 
1 16  ARG n 
1 17  LEU n 
1 18  LEU n 
1 19  SER n 
1 20  ARG n 
1 21  SER n 
1 22  ASP n 
1 23  TRP n 
1 24  GLY n 
1 25  ALA n 
1 26  ARG n 
1 27  LEU n 
1 28  PRO n 
1 29  LYS n 
1 30  SER n 
1 31  VAL n 
1 32  GLU n 
1 33  HIS n 
1 34  PHE n 
1 35  GLN n 
1 36  GLY n 
1 37  PRO n 
1 38  ALA n 
1 39  PRO n 
1 40  TYR n 
1 41  VAL n 
1 42  ILE n 
1 43  ILE n 
1 44  HIS n 
1 45  HIS n 
1 46  SER n 
1 47  TYR n 
1 48  MET n 
1 49  PRO n 
1 50  ALA n 
1 51  VAL n 
1 52  CYS n 
1 53  TYR n 
1 54  SER n 
1 55  THR n 
1 56  PRO n 
1 57  ASP n 
1 58  CYS n 
1 59  MET n 
1 60  LYS n 
1 61  SER n 
1 62  MET n 
1 63  ARG n 
1 64  ASP n 
1 65  MET n 
1 66  GLN n 
1 67  ASP n 
1 68  PHE n 
1 69  HIS n 
1 70  GLN n 
1 71  LEU n 
1 72  GLU n 
1 73  ARG n 
1 74  GLY n 
1 75  TRP n 
1 76  ASN n 
1 77  ASP n 
1 78  ILE n 
1 79  GLY n 
1 80  TYR n 
1 81  SER n 
1 82  PHE n 
1 83  GLY n 
1 84  ILE n 
1 85  GLY n 
1 86  GLY n 
1 87  ASP n 
1 88  GLY n 
1 89  MET n 
1 90  ILE n 
1 91  TYR n 
1 92  THR n 
1 93  GLY n 
1 94  ARG n 
1 95  GLY n 
1 96  PHE n 
1 97  ASN n 
1 98  VAL n 
1 99  ILE n 
1 100 GLY n 
1 101 ALA n 
1 102 HIS n 
1 103 ALA n 
1 104 PRO n 
1 105 LYS n 
1 106 TYR n 
1 107 ASN n 
1 108 ASP n 
1 109 LYS n 
1 110 SER n 
1 111 VAL n 
1 112 GLY n 
1 113 ILE n 
1 114 VAL n 
1 115 LEU n 
1 116 ILE n 
1 117 GLY n 
1 118 ASP n 
1 119 TRP n 
1 120 ARG n 
1 121 THR n 
1 122 GLU n 
1 123 LEU n 
1 124 PRO n 
1 125 PRO n 
1 126 LYS n 
1 127 GLN n 
1 128 MET n 
1 129 LEU n 
1 130 ASP n 
1 131 ALA n 
1 132 ALA n 
1 133 LYS n 
1 134 ASN n 
1 135 LEU n 
1 136 ILE n 
1 137 ALA n 
1 138 PHE n 
1 139 GLY n 
1 140 VAL n 
1 141 PHE n 
1 142 LYS n 
1 143 GLY n 
1 144 TYR n 
1 145 ILE n 
1 146 ASP n 
1 147 PRO n 
1 148 ALA n 
1 149 TYR n 
1 150 LYS n 
1 151 LEU n 
1 152 LEU n 
1 153 GLY n 
1 154 HIS n 
1 155 ARG n 
1 156 GLN n 
1 157 VAL n 
1 158 ARG n 
1 159 ASP n 
1 160 THR n 
1 161 GLU n 
1 162 CYS n 
1 163 PRO n 
1 164 GLY n 
1 165 GLY n 
1 166 ARG n 
1 167 LEU n 
1 168 PHE n 
1 169 ALA n 
1 170 GLU n 
1 171 ILE n 
1 172 SER n 
1 173 SER n 
1 174 TRP n 
1 175 PRO n 
1 176 HIS n 
1 177 PHE n 
1 178 THR n 
1 179 HIS n 
1 180 ILE n 
1 181 ASN n 
1 182 ASP n 
1 183 THR n 
1 184 GLU n 
1 185 GLY n 
1 186 VAL n 
1 187 SER n 
1 188 SER n 
1 189 THR n 
1 190 THR n 
1 191 ALA n 
1 192 PRO n 
1 193 VAL n 
1 194 VAL n 
1 195 PRO n 
1 196 HIS n 
1 197 VAL n 
1 198 HIS n 
1 199 PRO n 
1 200 GLN n 
1 201 ALA n 
1 202 ALA n 
1 203 ALA n 
1 204 PRO n 
1 205 GLN n 
1 206 LYS n 
1 207 PRO n 
1 208 HIS n 
1 209 GLN n 
1 210 SER n 
1 211 PRO n 
1 212 PRO n 
1 213 ALA n 
1 214 ALA n 
1 215 PRO n 
1 216 LYS n 
1 217 VAL n 
# 
_entity_src_gen.entity_id                          1 
_entity_src_gen.pdbx_src_id                        1 
_entity_src_gen.pdbx_alt_source_flag               sample 
_entity_src_gen.pdbx_seq_type                      'Biological sequence' 
_entity_src_gen.pdbx_beg_seq_num                   1 
_entity_src_gen.pdbx_end_seq_num                   217 
_entity_src_gen.gene_src_common_name               'Fruit fly' 
_entity_src_gen.gene_src_genus                     ? 
_entity_src_gen.pdbx_gene_src_gene                 'PGRP-LB, CG14704' 
_entity_src_gen.gene_src_species                   ? 
_entity_src_gen.gene_src_strain                    ? 
_entity_src_gen.gene_src_tissue                    ? 
_entity_src_gen.gene_src_tissue_fraction           ? 
_entity_src_gen.gene_src_details                   ? 
_entity_src_gen.pdbx_gene_src_fragment             ? 
_entity_src_gen.pdbx_gene_src_scientific_name      'Drosophila melanogaster' 
_entity_src_gen.pdbx_gene_src_ncbi_taxonomy_id     7227 
_entity_src_gen.pdbx_gene_src_variant              ? 
_entity_src_gen.pdbx_gene_src_cell_line            ? 
_entity_src_gen.pdbx_gene_src_atcc                 ? 
_entity_src_gen.pdbx_gene_src_organ                ? 
_entity_src_gen.pdbx_gene_src_organelle            ? 
_entity_src_gen.pdbx_gene_src_cell                 ? 
_entity_src_gen.pdbx_gene_src_cellular_location    ? 
_entity_src_gen.host_org_common_name               ? 
_entity_src_gen.pdbx_host_org_scientific_name      'Escherichia coli BL21(DE3)' 
_entity_src_gen.pdbx_host_org_ncbi_taxonomy_id     469008 
_entity_src_gen.host_org_genus                     ? 
_entity_src_gen.pdbx_host_org_gene                 ? 
_entity_src_gen.pdbx_host_org_organ                ? 
_entity_src_gen.host_org_species                   ? 
_entity_src_gen.pdbx_host_org_tissue               ? 
_entity_src_gen.pdbx_host_org_tissue_fraction      ? 
_entity_src_gen.pdbx_host_org_strain               ? 
_entity_src_gen.pdbx_host_org_variant              ? 
_entity_src_gen.pdbx_host_org_cell_line            ? 
_entity_src_gen.pdbx_host_org_atcc                 ? 
_entity_src_gen.pdbx_host_org_culture_collection   ? 
_entity_src_gen.pdbx_host_org_cell                 ? 
_entity_src_gen.pdbx_host_org_organelle            ? 
_entity_src_gen.pdbx_host_org_cellular_location    ? 
_entity_src_gen.pdbx_host_org_vector_type          ? 
_entity_src_gen.pdbx_host_org_vector               ? 
_entity_src_gen.host_org_details                   ? 
_entity_src_gen.expression_system_id               ? 
_entity_src_gen.plasmid_name                       ? 
_entity_src_gen.plasmid_details                    ? 
_entity_src_gen.pdbx_description                   ? 
# 
loop_
_chem_comp.id 
_chem_comp.type 
_chem_comp.mon_nstd_flag 
_chem_comp.name 
_chem_comp.pdbx_synonyms 
_chem_comp.formula 
_chem_comp.formula_weight 
ALA 'L-peptide linking' y ALANINE         ? 'C3 H7 N O2'     89.093  
ARG 'L-peptide linking' y ARGININE        ? 'C6 H15 N4 O2 1' 175.209 
ASN 'L-peptide linking' y ASPARAGINE      ? 'C4 H8 N2 O3'    132.118 
ASP 'L-peptide linking' y 'ASPARTIC ACID' ? 'C4 H7 N O4'     133.103 
CYS 'L-peptide linking' y CYSTEINE        ? 'C3 H7 N O2 S'   121.158 
GLN 'L-peptide linking' y GLUTAMINE       ? 'C5 H10 N2 O3'   146.144 
GLU 'L-peptide linking' y 'GLUTAMIC ACID' ? 'C5 H9 N O4'     147.129 
GLY 'peptide linking'   y GLYCINE         ? 'C2 H5 N O2'     75.067  
HIS 'L-peptide linking' y HISTIDINE       ? 'C6 H10 N3 O2 1' 156.162 
HOH non-polymer         . WATER           ? 'H2 O'           18.015  
ILE 'L-peptide linking' y ISOLEUCINE      ? 'C6 H13 N O2'    131.173 
LEU 'L-peptide linking' y LEUCINE         ? 'C6 H13 N O2'    131.173 
LYS 'L-peptide linking' y LYSINE          ? 'C6 H15 N2 O2 1' 147.195 
MET 'L-peptide linking' y METHIONINE      ? 'C5 H11 N O2 S'  149.211 
PHE 'L-peptide linking' y PHENYLALANINE   ? 'C9 H11 N O2'    165.189 
PRO 'L-peptide linking' y PROLINE         ? 'C5 H9 N O2'     115.130 
SER 'L-peptide linking' y SERINE          ? 'C3 H7 N O3'     105.093 
THR 'L-peptide linking' y THREONINE       ? 'C4 H9 N O3'     119.119 
TRP 'L-peptide linking' y TRYPTOPHAN      ? 'C11 H12 N2 O2'  204.225 
TYR 'L-peptide linking' y TYROSINE        ? 'C9 H11 N O3'    181.189 
VAL 'L-peptide linking' y VALINE          ? 'C5 H11 N O2'    117.146 
ZN  non-polymer         . 'ZINC ION'      ? 'Zn 2'           65.409  
# 
loop_
_pdbx_poly_seq_scheme.asym_id 
_pdbx_poly_seq_scheme.entity_id 
_pdbx_poly_seq_scheme.seq_id 
_pdbx_poly_seq_scheme.mon_id 
_pdbx_poly_seq_scheme.ndb_seq_num 
_pdbx_poly_seq_scheme.pdb_seq_num 
_pdbx_poly_seq_scheme.auth_seq_num 
_pdbx_poly_seq_scheme.pdb_mon_id 
_pdbx_poly_seq_scheme.auth_mon_id 
_pdbx_poly_seq_scheme.pdb_strand_id 
_pdbx_poly_seq_scheme.pdb_ins_code 
_pdbx_poly_seq_scheme.hetero 
A 1 1   GLY 1   -1  ?   ?   ?   AAA . n 
A 1 2   PRO 2   0   ?   ?   ?   AAA . n 
A 1 3   MET 3   1   ?   ?   ?   AAA . n 
A 1 4   GLN 4   2   ?   ?   ?   AAA . n 
A 1 5   GLN 5   3   ?   ?   ?   AAA . n 
A 1 6   ALA 6   4   ?   ?   ?   AAA . n 
A 1 7   ASN 7   5   ?   ?   ?   AAA . n 
A 1 8   LEU 8   6   ?   ?   ?   AAA . n 
A 1 9   GLY 9   7   ?   ?   ?   AAA . n 
A 1 10  ASP 10  8   ?   ?   ?   AAA . n 
A 1 11  GLY 11  9   ?   ?   ?   AAA . n 
A 1 12  VAL 12  10  ?   ?   ?   AAA . n 
A 1 13  ALA 13  11  ?   ?   ?   AAA . n 
A 1 14  THR 14  12  12  THR THR AAA . n 
A 1 15  ALA 15  13  13  ALA ALA AAA . n 
A 1 16  ARG 16  14  14  ARG ARG AAA . n 
A 1 17  LEU 17  15  15  LEU LEU AAA . n 
A 1 18  LEU 18  16  16  LEU LEU AAA . n 
A 1 19  SER 19  17  17  SER SER AAA . n 
A 1 20  ARG 20  18  18  ARG ARG AAA . n 
A 1 21  SER 21  19  19  SER SER AAA . n 
A 1 22  ASP 22  20  20  ASP ASP AAA . n 
A 1 23  TRP 23  21  21  TRP TRP AAA . n 
A 1 24  GLY 24  22  22  GLY GLY AAA . n 
A 1 25  ALA 25  23  23  ALA ALA AAA . n 
A 1 26  ARG 26  24  24  ARG ARG AAA . n 
A 1 27  LEU 27  25  25  LEU LEU AAA . n 
A 1 28  PRO 28  26  26  PRO PRO AAA . n 
A 1 29  LYS 29  27  27  LYS LYS AAA . n 
A 1 30  SER 30  28  28  SER SER AAA . n 
A 1 31  VAL 31  29  29  VAL VAL AAA . n 
A 1 32  GLU 32  30  30  GLU GLU AAA . n 
A 1 33  HIS 33  31  31  HIS HIS AAA . n 
A 1 34  PHE 34  32  32  PHE PHE AAA . n 
A 1 35  GLN 35  33  33  GLN GLN AAA . n 
A 1 36  GLY 36  34  34  GLY GLY AAA . n 
A 1 37  PRO 37  35  35  PRO PRO AAA . n 
A 1 38  ALA 38  36  36  ALA ALA AAA . n 
A 1 39  PRO 39  37  37  PRO PRO AAA . n 
A 1 40  TYR 40  38  38  TYR TYR AAA . n 
A 1 41  VAL 41  39  39  VAL VAL AAA . n 
A 1 42  ILE 42  40  40  ILE ILE AAA . n 
A 1 43  ILE 43  41  41  ILE ILE AAA . n 
A 1 44  HIS 44  42  42  HIS HIS AAA . n 
A 1 45  HIS 45  43  43  HIS HIS AAA . n 
A 1 46  SER 46  44  44  SER SER AAA . n 
A 1 47  TYR 47  45  45  TYR TYR AAA . n 
A 1 48  MET 48  46  46  MET MET AAA . n 
A 1 49  PRO 49  47  47  PRO PRO AAA . n 
A 1 50  ALA 50  48  48  ALA ALA AAA . n 
A 1 51  VAL 51  49  49  VAL VAL AAA . n 
A 1 52  CYS 52  50  50  CYS CYS AAA . n 
A 1 53  TYR 53  51  51  TYR TYR AAA . n 
A 1 54  SER 54  52  52  SER SER AAA . n 
A 1 55  THR 55  53  53  THR THR AAA . n 
A 1 56  PRO 56  54  54  PRO PRO AAA . n 
A 1 57  ASP 57  55  55  ASP ASP AAA . n 
A 1 58  CYS 58  56  56  CYS CYS AAA . n 
A 1 59  MET 59  57  57  MET MET AAA . n 
A 1 60  LYS 60  58  58  LYS LYS AAA . n 
A 1 61  SER 61  59  59  SER SER AAA . n 
A 1 62  MET 62  60  60  MET MET AAA . n 
A 1 63  ARG 63  61  61  ARG ARG AAA . n 
A 1 64  ASP 64  62  62  ASP ASP AAA . n 
A 1 65  MET 65  63  63  MET MET AAA . n 
A 1 66  GLN 66  64  64  GLN GLN AAA . n 
A 1 67  ASP 67  65  65  ASP ASP AAA . n 
A 1 68  PHE 68  66  66  PHE PHE AAA . n 
A 1 69  HIS 69  67  67  HIS HIS AAA . n 
A 1 70  GLN 70  68  68  GLN GLN AAA . n 
A 1 71  LEU 71  69  69  LEU LEU AAA . n 
A 1 72  GLU 72  70  70  GLU GLU AAA . n 
A 1 73  ARG 73  71  71  ARG ARG AAA . n 
A 1 74  GLY 74  72  72  GLY GLY AAA . n 
A 1 75  TRP 75  73  73  TRP TRP AAA . n 
A 1 76  ASN 76  74  74  ASN ASN AAA . n 
A 1 77  ASP 77  75  75  ASP ASP AAA . n 
A 1 78  ILE 78  76  76  ILE ILE AAA . n 
A 1 79  GLY 79  77  77  GLY GLY AAA . n 
A 1 80  TYR 80  78  78  TYR TYR AAA . n 
A 1 81  SER 81  79  79  SER SER AAA . n 
A 1 82  PHE 82  80  80  PHE PHE AAA . n 
A 1 83  GLY 83  81  81  GLY GLY AAA . n 
A 1 84  ILE 84  82  82  ILE ILE AAA . n 
A 1 85  GLY 85  83  83  GLY GLY AAA . n 
A 1 86  GLY 86  84  84  GLY GLY AAA . n 
A 1 87  ASP 87  85  85  ASP ASP AAA . n 
A 1 88  GLY 88  86  86  GLY GLY AAA . n 
A 1 89  MET 89  87  87  MET MET AAA . n 
A 1 90  ILE 90  88  88  ILE ILE AAA . n 
A 1 91  TYR 91  89  89  TYR TYR AAA . n 
A 1 92  THR 92  90  90  THR THR AAA . n 
A 1 93  GLY 93  91  91  GLY GLY AAA . n 
A 1 94  ARG 94  92  92  ARG ARG AAA . n 
A 1 95  GLY 95  93  93  GLY GLY AAA . n 
A 1 96  PHE 96  94  94  PHE PHE AAA . n 
A 1 97  ASN 97  95  95  ASN ASN AAA . n 
A 1 98  VAL 98  96  96  VAL VAL AAA . n 
A 1 99  ILE 99  97  97  ILE ILE AAA . n 
A 1 100 GLY 100 98  98  GLY GLY AAA . n 
A 1 101 ALA 101 99  99  ALA ALA AAA . n 
A 1 102 HIS 102 100 100 HIS HIS AAA . n 
A 1 103 ALA 103 101 101 ALA ALA AAA . n 
A 1 104 PRO 104 102 102 PRO PRO AAA . n 
A 1 105 LYS 105 103 103 LYS LYS AAA . n 
A 1 106 TYR 106 104 104 TYR TYR AAA . n 
A 1 107 ASN 107 105 105 ASN ASN AAA . n 
A 1 108 ASP 108 106 106 ASP ASP AAA . n 
A 1 109 LYS 109 107 107 LYS LYS AAA . n 
A 1 110 SER 110 108 108 SER SER AAA . n 
A 1 111 VAL 111 109 109 VAL VAL AAA . n 
A 1 112 GLY 112 110 110 GLY GLY AAA . n 
A 1 113 ILE 113 111 111 ILE ILE AAA . n 
A 1 114 VAL 114 112 112 VAL VAL AAA . n 
A 1 115 LEU 115 113 113 LEU LEU AAA . n 
A 1 116 ILE 116 114 114 ILE ILE AAA . n 
A 1 117 GLY 117 115 115 GLY GLY AAA . n 
A 1 118 ASP 118 116 116 ASP ASP AAA . n 
A 1 119 TRP 119 117 117 TRP TRP AAA . n 
A 1 120 ARG 120 118 118 ARG ARG AAA . n 
A 1 121 THR 121 119 119 THR THR AAA . n 
A 1 122 GLU 122 120 120 GLU GLU AAA . n 
A 1 123 LEU 123 121 121 LEU LEU AAA . n 
A 1 124 PRO 124 122 122 PRO PRO AAA . n 
A 1 125 PRO 125 123 123 PRO PRO AAA . n 
A 1 126 LYS 126 124 124 LYS LYS AAA . n 
A 1 127 GLN 127 125 125 GLN GLN AAA . n 
A 1 128 MET 128 126 126 MET MET AAA . n 
A 1 129 LEU 129 127 127 LEU LEU AAA . n 
A 1 130 ASP 130 128 128 ASP ASP AAA . n 
A 1 131 ALA 131 129 129 ALA ALA AAA . n 
A 1 132 ALA 132 130 130 ALA ALA AAA . n 
A 1 133 LYS 133 131 131 LYS LYS AAA . n 
A 1 134 ASN 134 132 132 ASN ASN AAA . n 
A 1 135 LEU 135 133 133 LEU LEU AAA . n 
A 1 136 ILE 136 134 134 ILE ILE AAA . n 
A 1 137 ALA 137 135 135 ALA ALA AAA . n 
A 1 138 PHE 138 136 136 PHE PHE AAA . n 
A 1 139 GLY 139 137 137 GLY GLY AAA . n 
A 1 140 VAL 140 138 138 VAL VAL AAA . n 
A 1 141 PHE 141 139 139 PHE PHE AAA . n 
A 1 142 LYS 142 140 140 LYS LYS AAA . n 
A 1 143 GLY 143 141 141 GLY GLY AAA . n 
A 1 144 TYR 144 142 142 TYR TYR AAA . n 
A 1 145 ILE 145 143 143 ILE ILE AAA . n 
A 1 146 ASP 146 144 144 ASP ASP AAA . n 
A 1 147 PRO 147 145 145 PRO PRO AAA . n 
A 1 148 ALA 148 146 146 ALA ALA AAA . n 
A 1 149 TYR 149 147 147 TYR TYR AAA . n 
A 1 150 LYS 150 148 148 LYS LYS AAA . n 
A 1 151 LEU 151 149 149 LEU LEU AAA . n 
A 1 152 LEU 152 150 150 LEU LEU AAA . n 
A 1 153 GLY 153 151 151 GLY GLY AAA . n 
A 1 154 HIS 154 152 152 HIS HIS AAA . n 
A 1 155 ARG 155 153 153 ARG ARG AAA . n 
A 1 156 GLN 156 154 154 GLN GLN AAA . n 
A 1 157 VAL 157 155 155 VAL VAL AAA . n 
A 1 158 ARG 158 156 156 ARG ARG AAA . n 
A 1 159 ASP 159 157 157 ASP ASP AAA . n 
A 1 160 THR 160 158 158 THR THR AAA . n 
A 1 161 GLU 161 159 159 GLU GLU AAA . n 
A 1 162 CYS 162 160 160 CYS CYS AAA . n 
A 1 163 PRO 163 161 161 PRO PRO AAA . n 
A 1 164 GLY 164 162 162 GLY GLY AAA . n 
A 1 165 GLY 165 163 163 GLY GLY AAA . n 
A 1 166 ARG 166 164 164 ARG ARG AAA . n 
A 1 167 LEU 167 165 165 LEU LEU AAA . n 
A 1 168 PHE 168 166 166 PHE PHE AAA . n 
A 1 169 ALA 169 167 167 ALA ALA AAA . n 
A 1 170 GLU 170 168 168 GLU GLU AAA . n 
A 1 171 ILE 171 169 169 ILE ILE AAA . n 
A 1 172 SER 172 170 170 SER SER AAA . n 
A 1 173 SER 173 171 171 SER SER AAA . n 
A 1 174 TRP 174 172 172 TRP TRP AAA . n 
A 1 175 PRO 175 173 173 PRO PRO AAA . n 
A 1 176 HIS 176 174 174 HIS HIS AAA . n 
A 1 177 PHE 177 175 175 PHE PHE AAA . n 
A 1 178 THR 178 176 176 THR THR AAA . n 
A 1 179 HIS 179 177 177 HIS HIS AAA . n 
A 1 180 ILE 180 178 178 ILE ILE AAA . n 
A 1 181 ASN 181 179 179 ASN ASN AAA . n 
A 1 182 ASP 182 180 180 ASP ASP AAA . n 
A 1 183 THR 183 181 181 THR THR AAA . n 
A 1 184 GLU 184 182 ?   ?   ?   AAA . n 
A 1 185 GLY 185 183 ?   ?   ?   AAA . n 
A 1 186 VAL 186 184 ?   ?   ?   AAA . n 
A 1 187 SER 187 185 ?   ?   ?   AAA . n 
A 1 188 SER 188 186 ?   ?   ?   AAA . n 
A 1 189 THR 189 187 ?   ?   ?   AAA . n 
A 1 190 THR 190 188 ?   ?   ?   AAA . n 
A 1 191 ALA 191 189 ?   ?   ?   AAA . n 
A 1 192 PRO 192 190 ?   ?   ?   AAA . n 
A 1 193 VAL 193 191 ?   ?   ?   AAA . n 
A 1 194 VAL 194 192 ?   ?   ?   AAA . n 
A 1 195 PRO 195 193 ?   ?   ?   AAA . n 
A 1 196 HIS 196 194 ?   ?   ?   AAA . n 
A 1 197 VAL 197 195 ?   ?   ?   AAA . n 
A 1 198 HIS 198 196 ?   ?   ?   AAA . n 
A 1 199 PRO 199 197 ?   ?   ?   AAA . n 
A 1 200 GLN 200 198 ?   ?   ?   AAA . n 
A 1 201 ALA 201 199 ?   ?   ?   AAA . n 
A 1 202 ALA 202 200 ?   ?   ?   AAA . n 
A 1 203 ALA 203 201 ?   ?   ?   AAA . n 
A 1 204 PRO 204 202 ?   ?   ?   AAA . n 
A 1 205 GLN 205 203 ?   ?   ?   AAA . n 
A 1 206 LYS 206 204 ?   ?   ?   AAA . n 
A 1 207 PRO 207 205 ?   ?   ?   AAA . n 
A 1 208 HIS 208 206 ?   ?   ?   AAA . n 
A 1 209 GLN 209 207 ?   ?   ?   AAA . n 
A 1 210 SER 210 208 ?   ?   ?   AAA . n 
A 1 211 PRO 211 209 ?   ?   ?   AAA . n 
A 1 212 PRO 212 210 ?   ?   ?   AAA . n 
A 1 213 ALA 213 211 ?   ?   ?   AAA . n 
A 1 214 ALA 214 212 ?   ?   ?   AAA . n 
A 1 215 PRO 215 213 ?   ?   ?   AAA . n 
A 1 216 LYS 216 214 ?   ?   ?   AAA . n 
A 1 217 VAL 217 215 ?   ?   ?   AAA . n 
# 
_pdbx_entity_instance_feature.ordinal        1 
_pdbx_entity_instance_feature.comp_id        ZN 
_pdbx_entity_instance_feature.asym_id        ? 
_pdbx_entity_instance_feature.seq_num        ? 
_pdbx_entity_instance_feature.auth_comp_id   ZN 
_pdbx_entity_instance_feature.auth_asym_id   ? 
_pdbx_entity_instance_feature.auth_seq_num   ? 
_pdbx_entity_instance_feature.feature_type   'SUBJECT OF INVESTIGATION' 
_pdbx_entity_instance_feature.details        ? 
# 
loop_
_pdbx_nonpoly_scheme.asym_id 
_pdbx_nonpoly_scheme.entity_id 
_pdbx_nonpoly_scheme.mon_id 
_pdbx_nonpoly_scheme.ndb_seq_num 
_pdbx_nonpoly_scheme.pdb_seq_num 
_pdbx_nonpoly_scheme.auth_seq_num 
_pdbx_nonpoly_scheme.pdb_mon_id 
_pdbx_nonpoly_scheme.auth_mon_id 
_pdbx_nonpoly_scheme.pdb_strand_id 
_pdbx_nonpoly_scheme.pdb_ins_code 
B 2 ZN  1  2000 2000 ZN  ZN  AAA . 
C 3 HOH 1  2101 15   HOH HOH AAA . 
C 3 HOH 2  2102 39   HOH HOH AAA . 
C 3 HOH 3  2103 37   HOH HOH AAA . 
C 3 HOH 4  2104 24   HOH HOH AAA . 
C 3 HOH 5  2105 16   HOH HOH AAA . 
C 3 HOH 6  2106 33   HOH HOH AAA . 
C 3 HOH 7  2107 8    HOH HOH AAA . 
C 3 HOH 8  2108 36   HOH HOH AAA . 
C 3 HOH 9  2109 21   HOH HOH AAA . 
C 3 HOH 10 2110 44   HOH HOH AAA . 
C 3 HOH 11 2111 5    HOH HOH AAA . 
C 3 HOH 12 2112 11   HOH HOH AAA . 
C 3 HOH 13 2113 18   HOH HOH AAA . 
C 3 HOH 14 2114 13   HOH HOH AAA . 
C 3 HOH 15 2115 4    HOH HOH AAA . 
C 3 HOH 16 2116 14   HOH HOH AAA . 
C 3 HOH 17 2117 41   HOH HOH AAA . 
C 3 HOH 18 2118 28   HOH HOH AAA . 
C 3 HOH 19 2119 43   HOH HOH AAA . 
C 3 HOH 20 2120 51   HOH HOH AAA . 
C 3 HOH 21 2121 25   HOH HOH AAA . 
C 3 HOH 22 2122 10   HOH HOH AAA . 
C 3 HOH 23 2123 31   HOH HOH AAA . 
C 3 HOH 24 2124 12   HOH HOH AAA . 
C 3 HOH 25 2125 3    HOH HOH AAA . 
C 3 HOH 26 2126 26   HOH HOH AAA . 
C 3 HOH 27 2127 34   HOH HOH AAA . 
C 3 HOH 28 2128 46   HOH HOH AAA . 
C 3 HOH 29 2129 20   HOH HOH AAA . 
C 3 HOH 30 2130 49   HOH HOH AAA . 
C 3 HOH 31 2131 47   HOH HOH AAA . 
C 3 HOH 32 2132 29   HOH HOH AAA . 
C 3 HOH 33 2133 22   HOH HOH AAA . 
C 3 HOH 34 2134 23   HOH HOH AAA . 
C 3 HOH 35 2135 35   HOH HOH AAA . 
C 3 HOH 36 2136 27   HOH HOH AAA . 
C 3 HOH 37 2137 32   HOH HOH AAA . 
C 3 HOH 38 2138 30   HOH HOH AAA . 
C 3 HOH 39 2139 7    HOH HOH AAA . 
C 3 HOH 40 2140 17   HOH HOH AAA . 
C 3 HOH 41 2141 6    HOH HOH AAA . 
C 3 HOH 42 2142 2    HOH HOH AAA . 
C 3 HOH 43 2143 1    HOH HOH AAA . 
C 3 HOH 44 2144 45   HOH HOH AAA . 
C 3 HOH 45 2145 9    HOH HOH AAA . 
C 3 HOH 46 2146 19   HOH HOH AAA . 
C 3 HOH 47 2147 48   HOH HOH AAA . 
C 3 HOH 48 2148 42   HOH HOH AAA . 
C 3 HOH 49 2149 40   HOH HOH AAA . 
C 3 HOH 50 2150 38   HOH HOH AAA . 
C 3 HOH 51 2151 50   HOH HOH AAA . 
# 
loop_
_pdbx_unobs_or_zero_occ_atoms.id 
_pdbx_unobs_or_zero_occ_atoms.PDB_model_num 
_pdbx_unobs_or_zero_occ_atoms.polymer_flag 
_pdbx_unobs_or_zero_occ_atoms.occupancy_flag 
_pdbx_unobs_or_zero_occ_atoms.auth_asym_id 
_pdbx_unobs_or_zero_occ_atoms.auth_comp_id 
_pdbx_unobs_or_zero_occ_atoms.auth_seq_id 
_pdbx_unobs_or_zero_occ_atoms.PDB_ins_code 
_pdbx_unobs_or_zero_occ_atoms.auth_atom_id 
_pdbx_unobs_or_zero_occ_atoms.label_alt_id 
_pdbx_unobs_or_zero_occ_atoms.label_asym_id 
_pdbx_unobs_or_zero_occ_atoms.label_comp_id 
_pdbx_unobs_or_zero_occ_atoms.label_seq_id 
_pdbx_unobs_or_zero_occ_atoms.label_atom_id 
1  1 Y 1 AAA LYS 58  ? CG  ? A LYS 60  CG  
2  1 Y 1 AAA LYS 58  ? CD  ? A LYS 60  CD  
3  1 Y 1 AAA LYS 58  ? CE  ? A LYS 60  CE  
4  1 Y 1 AAA LYS 58  ? NZ  ? A LYS 60  NZ  
5  1 Y 1 AAA LYS 124 ? CG  ? A LYS 126 CG  
6  1 Y 1 AAA LYS 124 ? CD  ? A LYS 126 CD  
7  1 Y 1 AAA LYS 124 ? CE  ? A LYS 126 CE  
8  1 Y 1 AAA LYS 124 ? NZ  ? A LYS 126 NZ  
9  1 Y 1 AAA PHE 136 ? CG  ? A PHE 138 CG  
10 1 Y 1 AAA PHE 136 ? CD1 ? A PHE 138 CD1 
11 1 Y 1 AAA PHE 136 ? CD2 ? A PHE 138 CD2 
12 1 Y 1 AAA PHE 136 ? CE1 ? A PHE 138 CE1 
13 1 Y 1 AAA PHE 136 ? CE2 ? A PHE 138 CE2 
14 1 Y 1 AAA PHE 136 ? CZ  ? A PHE 138 CZ  
# 
loop_
_software.citation_id 
_software.classification 
_software.compiler_name 
_software.compiler_version 
_software.contact_author 
_software.contact_author_email 
_software.date 
_software.description 
_software.dependencies 
_software.hardware 
_software.language 
_software.location 
_software.mods 
_software.name 
_software.os 
_software.os_version 
_software.type 
_software.version 
_software.pdbx_ordinal 
? refinement        ? ? ? ? ? ? ? ? ? ? ? REFMAC  ? ? ? 5.8.0267 1 
? refinement        ? ? ? ? ? ? ? ? ? ? ? REFMAC  ? ? ? 5.8.0267 2 
? 'data processing' ? ? ? ? ? ? ? ? ? ? ? DIALS   ? ? ? .        3 
? 'data reduction'  ? ? ? ? ? ? ? ? ? ? ? Aimless ? ? ? 0.7.4    4 
? 'model building'  ? ? ? ? ? ? ? ? ? ? ? Coot    ? ? ? .        5 
? 'data collection' ? ? ? ? ? ? ? ? ? ? ? GDA     ? ? ? .        6 
? 'data scaling'    ? ? ? ? ? ? ? ? ? ? ? Aimless ? ? ? .        7 
? phasing           ? ? ? ? ? ? ? ? ? ? ? PHASER  ? ? ? .        8 
# 
_cell.angle_alpha                  90.000 
_cell.angle_alpha_esd              ? 
_cell.angle_beta                   90.000 
_cell.angle_beta_esd               ? 
_cell.angle_gamma                  90.000 
_cell.angle_gamma_esd              ? 
_cell.entry_id                     7NSX 
_cell.details                      ? 
_cell.formula_units_Z              ? 
_cell.length_a                     39.869 
_cell.length_a_esd                 ? 
_cell.length_b                     70.546 
_cell.length_b_esd                 ? 
_cell.length_c                     112.828 
_cell.length_c_esd                 ? 
_cell.volume                       ? 
_cell.volume_esd                   ? 
_cell.Z_PDB                        8 
_cell.reciprocal_angle_alpha       ? 
_cell.reciprocal_angle_beta        ? 
_cell.reciprocal_angle_gamma       ? 
_cell.reciprocal_angle_alpha_esd   ? 
_cell.reciprocal_angle_beta_esd    ? 
_cell.reciprocal_angle_gamma_esd   ? 
_cell.reciprocal_length_a          ? 
_cell.reciprocal_length_b          ? 
_cell.reciprocal_length_c          ? 
_cell.reciprocal_length_a_esd      ? 
_cell.reciprocal_length_b_esd      ? 
_cell.reciprocal_length_c_esd      ? 
_cell.pdbx_unique_axis             ? 
# 
_symmetry.entry_id                         7NSX 
_symmetry.cell_setting                     ? 
_symmetry.Int_Tables_number                20 
_symmetry.space_group_name_Hall            ? 
_symmetry.space_group_name_H-M             'C 2 2 21' 
_symmetry.pdbx_full_space_group_name_H-M   ? 
# 
_exptl.absorpt_coefficient_mu     ? 
_exptl.absorpt_correction_T_max   ? 
_exptl.absorpt_correction_T_min   ? 
_exptl.absorpt_correction_type    ? 
_exptl.absorpt_process_details    ? 
_exptl.entry_id                   7NSX 
_exptl.crystals_number            1 
_exptl.details                    ? 
_exptl.method                     'X-RAY DIFFRACTION' 
_exptl.method_details             ? 
# 
_exptl_crystal.colour                      ? 
_exptl_crystal.density_diffrn              ? 
_exptl_crystal.density_Matthews            1.67 
_exptl_crystal.density_method              ? 
_exptl_crystal.density_percent_sol         26.24 
_exptl_crystal.description                 ? 
_exptl_crystal.F_000                       ? 
_exptl_crystal.id                          1 
_exptl_crystal.preparation                 ? 
_exptl_crystal.size_max                    ? 
_exptl_crystal.size_mid                    ? 
_exptl_crystal.size_min                    ? 
_exptl_crystal.size_rad                    ? 
_exptl_crystal.colour_lustre               ? 
_exptl_crystal.colour_modifier             ? 
_exptl_crystal.colour_primary              ? 
_exptl_crystal.density_meas                ? 
_exptl_crystal.density_meas_esd            ? 
_exptl_crystal.density_meas_gt             ? 
_exptl_crystal.density_meas_lt             ? 
_exptl_crystal.density_meas_temp           ? 
_exptl_crystal.density_meas_temp_esd       ? 
_exptl_crystal.density_meas_temp_gt        ? 
_exptl_crystal.density_meas_temp_lt        ? 
_exptl_crystal.pdbx_crystal_image_url      ? 
_exptl_crystal.pdbx_crystal_image_format   ? 
_exptl_crystal.pdbx_mosaicity              ? 
_exptl_crystal.pdbx_mosaicity_esd          ? 
# 
_exptl_crystal_grow.apparatus       ? 
_exptl_crystal_grow.atmosphere      ? 
_exptl_crystal_grow.crystal_id      1 
_exptl_crystal_grow.details         ? 
_exptl_crystal_grow.method          'VAPOR DIFFUSION, SITTING DROP' 
_exptl_crystal_grow.method_ref      ? 
_exptl_crystal_grow.pH              7.0 
_exptl_crystal_grow.pressure        ? 
_exptl_crystal_grow.pressure_esd    ? 
_exptl_crystal_grow.seeding         ? 
_exptl_crystal_grow.seeding_ref     ? 
_exptl_crystal_grow.temp            293 
_exptl_crystal_grow.temp_details    ? 
_exptl_crystal_grow.temp_esd        ? 
_exptl_crystal_grow.time            ? 
_exptl_crystal_grow.pdbx_details    '0.1M HEPES pH7.0, 30% v/v Jeffamine ED-2003' 
_exptl_crystal_grow.pdbx_pH_range   ? 
# 
_diffrn.ambient_environment              ? 
_diffrn.ambient_temp                     100 
_diffrn.ambient_temp_details             ? 
_diffrn.ambient_temp_esd                 ? 
_diffrn.crystal_id                       1 
_diffrn.crystal_support                  ? 
_diffrn.crystal_treatment                ? 
_diffrn.details                          ? 
_diffrn.id                               1 
_diffrn.ambient_pressure                 ? 
_diffrn.ambient_pressure_esd             ? 
_diffrn.ambient_pressure_gt              ? 
_diffrn.ambient_pressure_lt              ? 
_diffrn.ambient_temp_gt                  ? 
_diffrn.ambient_temp_lt                  ? 
_diffrn.pdbx_serial_crystal_experiment   N 
# 
_diffrn_detector.details                      ? 
_diffrn_detector.detector                     PIXEL 
_diffrn_detector.diffrn_id                    1 
_diffrn_detector.type                         'DECTRIS PILATUS3 6M' 
_diffrn_detector.area_resol_mean              ? 
_diffrn_detector.dtime                        ? 
_diffrn_detector.pdbx_frames_total            ? 
_diffrn_detector.pdbx_collection_time_total   ? 
_diffrn_detector.pdbx_collection_date         2018-09-27 
_diffrn_detector.pdbx_frequency               ? 
# 
_diffrn_radiation.collimation                      ? 
_diffrn_radiation.diffrn_id                        1 
_diffrn_radiation.filter_edge                      ? 
_diffrn_radiation.inhomogeneity                    ? 
_diffrn_radiation.monochromator                    'Double crystals monochromator, Si111' 
_diffrn_radiation.polarisn_norm                    ? 
_diffrn_radiation.polarisn_ratio                   ? 
_diffrn_radiation.probe                            ? 
_diffrn_radiation.type                             ? 
_diffrn_radiation.xray_symbol                      ? 
_diffrn_radiation.wavelength_id                    1 
_diffrn_radiation.pdbx_monochromatic_or_laue_m_l   M 
_diffrn_radiation.pdbx_wavelength_list             ? 
_diffrn_radiation.pdbx_wavelength                  ? 
_diffrn_radiation.pdbx_diffrn_protocol             'SINGLE WAVELENGTH' 
_diffrn_radiation.pdbx_analyzer                    ? 
_diffrn_radiation.pdbx_scattering_type             x-ray 
# 
_diffrn_radiation_wavelength.id           1 
_diffrn_radiation_wavelength.wavelength   0.969 
_diffrn_radiation_wavelength.wt           1.0 
# 
_diffrn_source.current                     ? 
_diffrn_source.details                     ? 
_diffrn_source.diffrn_id                   1 
_diffrn_source.power                       ? 
_diffrn_source.size                        ? 
_diffrn_source.source                      SYNCHROTRON 
_diffrn_source.target                      ? 
_diffrn_source.type                        'DIAMOND BEAMLINE I24' 
_diffrn_source.voltage                     ? 
_diffrn_source.take-off_angle              ? 
_diffrn_source.pdbx_wavelength_list        0.969 
_diffrn_source.pdbx_wavelength             ? 
_diffrn_source.pdbx_synchrotron_beamline   I24 
_diffrn_source.pdbx_synchrotron_site       Diamond 
# 
_reflns.B_iso_Wilson_estimate            ? 
_reflns.entry_id                         7NSX 
_reflns.data_reduction_details           ? 
_reflns.data_reduction_method            ? 
_reflns.d_resolution_high                1.90 
_reflns.d_resolution_low                 112.83 
_reflns.details                          ? 
_reflns.limit_h_max                      ? 
_reflns.limit_h_min                      ? 
_reflns.limit_k_max                      ? 
_reflns.limit_k_min                      ? 
_reflns.limit_l_max                      ? 
_reflns.limit_l_min                      ? 
_reflns.number_all                       ? 
_reflns.number_obs                       12942 
_reflns.observed_criterion               ? 
_reflns.observed_criterion_F_max         ? 
_reflns.observed_criterion_F_min         ? 
_reflns.observed_criterion_I_max         ? 
_reflns.observed_criterion_I_min         ? 
_reflns.observed_criterion_sigma_F       ? 
_reflns.observed_criterion_sigma_I       ? 
_reflns.percent_possible_obs             99.8 
_reflns.R_free_details                   ? 
_reflns.Rmerge_F_all                     ? 
_reflns.Rmerge_F_obs                     ? 
_reflns.Friedel_coverage                 ? 
_reflns.number_gt                        ? 
_reflns.threshold_expression             ? 
_reflns.pdbx_redundancy                  7.9 
_reflns.pdbx_Rmerge_I_obs                0.133 
_reflns.pdbx_Rmerge_I_all                ? 
_reflns.pdbx_Rsym_value                  ? 
_reflns.pdbx_netI_over_av_sigmaI         ? 
_reflns.pdbx_netI_over_sigmaI            8.5 
_reflns.pdbx_res_netI_over_av_sigmaI_2   ? 
_reflns.pdbx_res_netI_over_sigmaI_2      ? 
_reflns.pdbx_chi_squared                 ? 
_reflns.pdbx_scaling_rejects             ? 
_reflns.pdbx_d_res_high_opt              ? 
_reflns.pdbx_d_res_low_opt               ? 
_reflns.pdbx_d_res_opt_method            ? 
_reflns.phase_calculation_details        ? 
_reflns.pdbx_Rrim_I_all                  0.153 
_reflns.pdbx_Rpim_I_all                  0.073 
_reflns.pdbx_d_opt                       ? 
_reflns.pdbx_number_measured_all         ? 
_reflns.pdbx_diffrn_id                   1 
_reflns.pdbx_ordinal                     1 
_reflns.pdbx_CC_half                     0.993 
_reflns.pdbx_CC_star                     ? 
_reflns.pdbx_R_split                     ? 
# 
loop_
_reflns_shell.d_res_high 
_reflns_shell.d_res_low 
_reflns_shell.meanI_over_sigI_all 
_reflns_shell.meanI_over_sigI_obs 
_reflns_shell.number_measured_all 
_reflns_shell.number_measured_obs 
_reflns_shell.number_possible 
_reflns_shell.number_unique_all 
_reflns_shell.number_unique_obs 
_reflns_shell.percent_possible_all 
_reflns_shell.percent_possible_obs 
_reflns_shell.Rmerge_F_all 
_reflns_shell.Rmerge_F_obs 
_reflns_shell.Rmerge_I_all 
_reflns_shell.Rmerge_I_obs 
_reflns_shell.meanI_over_sigI_gt 
_reflns_shell.meanI_over_uI_all 
_reflns_shell.meanI_over_uI_gt 
_reflns_shell.number_measured_gt 
_reflns_shell.number_unique_gt 
_reflns_shell.percent_possible_gt 
_reflns_shell.Rmerge_F_gt 
_reflns_shell.Rmerge_I_gt 
_reflns_shell.pdbx_redundancy 
_reflns_shell.pdbx_Rsym_value 
_reflns_shell.pdbx_chi_squared 
_reflns_shell.pdbx_netI_over_sigmaI_all 
_reflns_shell.pdbx_netI_over_sigmaI_obs 
_reflns_shell.pdbx_Rrim_I_all 
_reflns_shell.pdbx_Rpim_I_all 
_reflns_shell.pdbx_rejects 
_reflns_shell.pdbx_ordinal 
_reflns_shell.pdbx_diffrn_id 
_reflns_shell.pdbx_CC_half 
_reflns_shell.pdbx_CC_star 
_reflns_shell.pdbx_R_split 
9.11 112.83 ? ? ? ? ? ? 150 ? ? ? ? ? 0.043 ? ? ? ? ? ? ? ? 6.0 ? ? ? ? 0.049 0.024 ? 1 1 0.998 ? ? 
1.90 1.94   ? ? ? ? ? ? 808 ? ? ? ? ? 1.197 ? ? ? ? ? ? ? ? 7.2 ? ? ? ? 1.394 0.699 ? 2 1 0.562 ? ? 
# 
_refine.aniso_B[1][1]                            -0.309 
_refine.aniso_B[1][2]                            0.000 
_refine.aniso_B[1][3]                            -0.000 
_refine.aniso_B[2][2]                            0.223 
_refine.aniso_B[2][3]                            0.000 
_refine.aniso_B[3][3]                            0.086 
_refine.B_iso_max                                ? 
_refine.B_iso_mean                               27.154 
_refine.B_iso_min                                ? 
_refine.correlation_coeff_Fo_to_Fc               0.963 
_refine.correlation_coeff_Fo_to_Fc_free          0.944 
_refine.details                                  ? 
_refine.diff_density_max                         ? 
_refine.diff_density_max_esd                     ? 
_refine.diff_density_min                         ? 
_refine.diff_density_min_esd                     ? 
_refine.diff_density_rms                         ? 
_refine.diff_density_rms_esd                     ? 
_refine.entry_id                                 7NSX 
_refine.pdbx_refine_id                           'X-RAY DIFFRACTION' 
_refine.ls_abs_structure_details                 ? 
_refine.ls_abs_structure_Flack                   ? 
_refine.ls_abs_structure_Flack_esd               ? 
_refine.ls_abs_structure_Rogers                  ? 
_refine.ls_abs_structure_Rogers_esd              ? 
_refine.ls_d_res_high                            1.900 
_refine.ls_d_res_low                             56.478 
_refine.ls_extinction_coef                       ? 
_refine.ls_extinction_coef_esd                   ? 
_refine.ls_extinction_expression                 ? 
_refine.ls_extinction_method                     ? 
_refine.ls_goodness_of_fit_all                   ? 
_refine.ls_goodness_of_fit_all_esd               ? 
_refine.ls_goodness_of_fit_obs                   ? 
_refine.ls_goodness_of_fit_obs_esd               ? 
_refine.ls_hydrogen_treatment                    ? 
_refine.ls_matrix_type                           ? 
_refine.ls_number_constraints                    ? 
_refine.ls_number_parameters                     ? 
_refine.ls_number_reflns_all                     ? 
_refine.ls_number_reflns_obs                     12883 
_refine.ls_number_reflns_R_free                  680 
_refine.ls_number_reflns_R_work                  12203 
_refine.ls_number_restraints                     ? 
_refine.ls_percent_reflns_obs                    99.667 
_refine.ls_percent_reflns_R_free                 5.278 
_refine.ls_R_factor_all                          0.182 
_refine.ls_R_factor_obs                          ? 
_refine.ls_R_factor_R_free                       0.2128 
_refine.ls_R_factor_R_free_error                 ? 
_refine.ls_R_factor_R_free_error_details         ? 
_refine.ls_R_factor_R_work                       0.1799 
_refine.ls_R_Fsqd_factor_obs                     ? 
_refine.ls_R_I_factor_obs                        ? 
_refine.ls_redundancy_reflns_all                 ? 
_refine.ls_redundancy_reflns_obs                 ? 
_refine.ls_restrained_S_all                      ? 
_refine.ls_restrained_S_obs                      ? 
_refine.ls_shift_over_esd_max                    ? 
_refine.ls_shift_over_esd_mean                   ? 
_refine.ls_structure_factor_coef                 ? 
_refine.ls_weighting_details                     ? 
_refine.ls_weighting_scheme                      ? 
_refine.ls_wR_factor_all                         ? 
_refine.ls_wR_factor_obs                         ? 
_refine.ls_wR_factor_R_free                      ? 
_refine.ls_wR_factor_R_work                      ? 
_refine.occupancy_max                            ? 
_refine.occupancy_min                            ? 
_refine.solvent_model_details                    'MASK BULK SOLVENT' 
_refine.solvent_model_param_bsol                 ? 
_refine.solvent_model_param_ksol                 ? 
_refine.pdbx_R_complete                          ? 
_refine.ls_R_factor_gt                           ? 
_refine.ls_goodness_of_fit_gt                    ? 
_refine.ls_goodness_of_fit_ref                   ? 
_refine.ls_shift_over_su_max                     ? 
_refine.ls_shift_over_su_max_lt                  ? 
_refine.ls_shift_over_su_mean                    ? 
_refine.ls_shift_over_su_mean_lt                 ? 
_refine.pdbx_ls_sigma_I                          ? 
_refine.pdbx_ls_sigma_F                          ? 
_refine.pdbx_ls_sigma_Fsqd                       ? 
_refine.pdbx_data_cutoff_high_absF               ? 
_refine.pdbx_data_cutoff_high_rms_absF           ? 
_refine.pdbx_data_cutoff_low_absF                ? 
_refine.pdbx_isotropic_thermal_model             ? 
_refine.pdbx_ls_cross_valid_method               'FREE R-VALUE' 
_refine.pdbx_method_to_determine_struct          'MOLECULAR REPLACEMENT' 
_refine.pdbx_starting_model                      1OHT 
_refine.pdbx_stereochemistry_target_values       ? 
_refine.pdbx_R_Free_selection_details            ? 
_refine.pdbx_stereochem_target_val_spec_case     ? 
_refine.pdbx_overall_ESU_R                       0.159 
_refine.pdbx_overall_ESU_R_Free                  0.139 
_refine.pdbx_solvent_vdw_probe_radii             1.200 
_refine.pdbx_solvent_ion_probe_radii             0.800 
_refine.pdbx_solvent_shrinkage_radii             0.800 
_refine.pdbx_real_space_R                        ? 
_refine.pdbx_density_correlation                 ? 
_refine.pdbx_pd_number_of_powder_patterns        ? 
_refine.pdbx_pd_number_of_points                 ? 
_refine.pdbx_pd_meas_number_of_points            ? 
_refine.pdbx_pd_proc_ls_prof_R_factor            ? 
_refine.pdbx_pd_proc_ls_prof_wR_factor           ? 
_refine.pdbx_pd_Marquardt_correlation_coeff      ? 
_refine.pdbx_pd_Fsqrd_R_factor                   ? 
_refine.pdbx_pd_ls_matrix_band_width             ? 
_refine.pdbx_overall_phase_error                 ? 
_refine.pdbx_overall_SU_R_free_Cruickshank_DPI   ? 
_refine.pdbx_overall_SU_R_free_Blow_DPI          ? 
_refine.pdbx_overall_SU_R_Blow_DPI               ? 
_refine.pdbx_TLS_residual_ADP_flag               ? 
_refine.pdbx_diffrn_id                           1 
_refine.overall_SU_B                             3.890 
_refine.overall_SU_ML                            0.109 
_refine.overall_SU_R_Cruickshank_DPI             ? 
_refine.overall_SU_R_free                        ? 
_refine.overall_FOM_free_R_set                   ? 
_refine.overall_FOM_work_R_set                   ? 
_refine.pdbx_average_fsc_overall                 ? 
_refine.pdbx_average_fsc_work                    ? 
_refine.pdbx_average_fsc_free                    ? 
# 
_refine_hist.pdbx_refine_id                   'X-RAY DIFFRACTION' 
_refine_hist.cycle_id                         LAST 
_refine_hist.details                          ? 
_refine_hist.d_res_high                       1.900 
_refine_hist.d_res_low                        56.478 
_refine_hist.number_atoms_solvent             51 
_refine_hist.number_atoms_total               1386 
_refine_hist.number_reflns_all                ? 
_refine_hist.number_reflns_obs                ? 
_refine_hist.number_reflns_R_free             ? 
_refine_hist.number_reflns_R_work             ? 
_refine_hist.R_factor_all                     ? 
_refine_hist.R_factor_obs                     ? 
_refine_hist.R_factor_R_free                  ? 
_refine_hist.R_factor_R_work                  ? 
_refine_hist.pdbx_number_residues_total       ? 
_refine_hist.pdbx_B_iso_mean_ligand           ? 
_refine_hist.pdbx_B_iso_mean_solvent          ? 
_refine_hist.pdbx_number_atoms_protein        1334 
_refine_hist.pdbx_number_atoms_nucleic_acid   0 
_refine_hist.pdbx_number_atoms_ligand         1 
_refine_hist.pdbx_number_atoms_lipid          ? 
_refine_hist.pdbx_number_atoms_carb           ? 
_refine_hist.pdbx_pseudo_atom_details         ? 
# 
loop_
_refine_ls_restr.pdbx_refine_id 
_refine_ls_restr.criterion 
_refine_ls_restr.dev_ideal 
_refine_ls_restr.dev_ideal_target 
_refine_ls_restr.number 
_refine_ls_restr.rejects 
_refine_ls_restr.type 
_refine_ls_restr.weight 
_refine_ls_restr.pdbx_restraint_function 
'X-RAY DIFFRACTION' ? 0.010  0.013  1376 ? r_bond_refined_d               ? ? 
'X-RAY DIFFRACTION' ? 0.001  0.017  1241 ? r_bond_other_d                 ? ? 
'X-RAY DIFFRACTION' ? 1.597  1.644  1869 ? r_angle_refined_deg            ? ? 
'X-RAY DIFFRACTION' ? 1.368  1.581  2856 ? r_angle_other_deg              ? ? 
'X-RAY DIFFRACTION' ? 6.912  5.000  169  ? r_dihedral_angle_1_deg         ? ? 
'X-RAY DIFFRACTION' ? 34.274 20.946 74   ? r_dihedral_angle_2_deg         ? ? 
'X-RAY DIFFRACTION' ? 13.199 15.000 210  ? r_dihedral_angle_3_deg         ? ? 
'X-RAY DIFFRACTION' ? 16.653 15.000 10   ? r_dihedral_angle_4_deg         ? ? 
'X-RAY DIFFRACTION' ? 0.074  0.200  171  ? r_chiral_restr                 ? ? 
'X-RAY DIFFRACTION' ? 0.008  0.020  1581 ? r_gen_planes_refined           ? ? 
'X-RAY DIFFRACTION' ? 0.001  0.020  335  ? r_gen_planes_other             ? ? 
'X-RAY DIFFRACTION' ? 0.203  0.200  269  ? r_nbd_refined                  ? ? 
'X-RAY DIFFRACTION' ? 0.185  0.200  1190 ? r_symmetry_nbd_other           ? ? 
'X-RAY DIFFRACTION' ? 0.173  0.200  669  ? r_nbtor_refined                ? ? 
'X-RAY DIFFRACTION' ? 0.077  0.200  626  ? r_symmetry_nbtor_other         ? ? 
'X-RAY DIFFRACTION' ? 0.141  0.200  47   ? r_xyhbond_nbd_refined          ? ? 
'X-RAY DIFFRACTION' ? 0.022  0.200  1    ? r_metal_ion_refined            ? ? 
'X-RAY DIFFRACTION' ? 0.239  0.200  13   ? r_symmetry_nbd_refined         ? ? 
'X-RAY DIFFRACTION' ? 0.203  0.200  38   ? r_nbd_other                    ? ? 
'X-RAY DIFFRACTION' ? 0.119  0.200  6    ? r_symmetry_xyhbond_nbd_refined ? ? 
'X-RAY DIFFRACTION' ? 2.224  2.683  679  ? r_mcbond_it                    ? ? 
'X-RAY DIFFRACTION' ? 2.207  2.677  678  ? r_mcbond_other                 ? ? 
'X-RAY DIFFRACTION' ? 3.116  4.009  847  ? r_mcangle_it                   ? ? 
'X-RAY DIFFRACTION' ? 3.125  4.014  848  ? r_mcangle_other                ? ? 
'X-RAY DIFFRACTION' ? 2.949  3.061  697  ? r_scbond_it                    ? ? 
'X-RAY DIFFRACTION' ? 2.914  3.059  697  ? r_scbond_other                 ? ? 
'X-RAY DIFFRACTION' ? 4.431  4.474  1022 ? r_scangle_it                   ? ? 
'X-RAY DIFFRACTION' ? 4.403  4.473  1022 ? r_scangle_other                ? ? 
'X-RAY DIFFRACTION' ? 5.566  31.424 1531 ? r_lrange_it                    ? ? 
'X-RAY DIFFRACTION' ? 5.562  31.347 1526 ? r_lrange_other                 ? ? 
# 
loop_
_refine_ls_shell.pdbx_refine_id 
_refine_ls_shell.d_res_high 
_refine_ls_shell.d_res_low 
_refine_ls_shell.number_reflns_all 
_refine_ls_shell.number_reflns_obs 
_refine_ls_shell.number_reflns_R_free 
_refine_ls_shell.number_reflns_R_work 
_refine_ls_shell.percent_reflns_obs 
_refine_ls_shell.percent_reflns_R_free 
_refine_ls_shell.R_factor_all 
_refine_ls_shell.R_factor_obs 
_refine_ls_shell.R_factor_R_free 
_refine_ls_shell.R_factor_R_free_error 
_refine_ls_shell.R_factor_R_work 
_refine_ls_shell.redundancy_reflns_all 
_refine_ls_shell.redundancy_reflns_obs 
_refine_ls_shell.wR_factor_all 
_refine_ls_shell.wR_factor_obs 
_refine_ls_shell.wR_factor_R_free 
_refine_ls_shell.wR_factor_R_work 
_refine_ls_shell.pdbx_R_complete 
_refine_ls_shell.pdbx_total_number_of_bins_used 
_refine_ls_shell.pdbx_phase_error 
_refine_ls_shell.pdbx_fsc_work 
_refine_ls_shell.pdbx_fsc_free 
'X-RAY DIFFRACTION' 1.900 1.949  . . 36 881 99.1351  . . . 0.333 . 0.279 . . . . . . . . . . . 
'X-RAY DIFFRACTION' 1.949 2.003  . . 67 853 99.5671  . . . 0.307 . 0.248 . . . . . . . . . . . 
'X-RAY DIFFRACTION' 2.003 2.061  . . 41 833 99.4312  . . . 0.305 . 0.218 . . . . . . . . . . . 
'X-RAY DIFFRACTION' 2.061 2.124  . . 33 843 99.6587  . . . 0.247 . 0.217 . . . . . . . . . . . 
'X-RAY DIFFRACTION' 2.124 2.194  . . 52 763 99.2692  . . . 0.259 . 0.209 . . . . . . . . . . . 
'X-RAY DIFFRACTION' 2.194 2.271  . . 60 761 99.2745  . . . 0.227 . 0.199 . . . . . . . . . . . 
'X-RAY DIFFRACTION' 2.271 2.357  . . 39 752 99.6222  . . . 0.193 . 0.190 . . . . . . . . . . . 
'X-RAY DIFFRACTION' 2.357 2.453  . . 33 711 99.8658  . . . 0.337 . 0.188 . . . . . . . . . . . 
'X-RAY DIFFRACTION' 2.453 2.562  . . 30 710 99.8651  . . . 0.243 . 0.189 . . . . . . . . . . . 
'X-RAY DIFFRACTION' 2.562 2.687  . . 39 657 99.5708  . . . 0.226 . 0.187 . . . . . . . . . . . 
'X-RAY DIFFRACTION' 2.687 2.832  . . 44 621 100.0000 . . . 0.244 . 0.173 . . . . . . . . . . . 
'X-RAY DIFFRACTION' 2.832 3.004  . . 37 597 100.0000 . . . 0.223 . 0.180 . . . . . . . . . . . 
'X-RAY DIFFRACTION' 3.004 3.211  . . 28 561 100.0000 . . . 0.170 . 0.170 . . . . . . . . . . . 
'X-RAY DIFFRACTION' 3.211 3.468  . . 25 536 100.0000 . . . 0.140 . 0.160 . . . . . . . . . . . 
'X-RAY DIFFRACTION' 3.468 3.799  . . 33 481 100.0000 . . . 0.187 . 0.161 . . . . . . . . . . . 
'X-RAY DIFFRACTION' 3.799 4.246  . . 24 448 100.0000 . . . 0.207 . 0.151 . . . . . . . . . . . 
'X-RAY DIFFRACTION' 4.246 4.902  . . 23 404 100.0000 . . . 0.171 . 0.143 . . . . . . . . . . . 
'X-RAY DIFFRACTION' 4.902 6.001  . . 9  357 100.0000 . . . 0.190 . 0.173 . . . . . . . . . . . 
'X-RAY DIFFRACTION' 6.001 8.475  . . 13 271 99.6491  . . . 0.199 . 0.198 . . . . . . . . . . . 
'X-RAY DIFFRACTION' 8.475 56.478 . . 14 163 98.8827  . . . 0.143 . 0.150 . . . . . . . . . . . 
# 
_struct.entry_id                     7NSX 
_struct.title                        'Drosophila PGRP-LB wild-type' 
_struct.pdbx_model_details           ? 
_struct.pdbx_formula_weight          ? 
_struct.pdbx_formula_weight_method   ? 
_struct.pdbx_model_type_details      ? 
_struct.pdbx_CASP_flag               N 
# 
_struct_keywords.entry_id        7NSX 
_struct_keywords.text            'Peptidoglycan recognition protein, PGRP, PGRP-LB, Drosophila, IMMUNE SYSTEM' 
_struct_keywords.pdbx_keywords   'IMMUNE SYSTEM' 
# 
loop_
_struct_asym.id 
_struct_asym.pdbx_blank_PDB_chainid_flag 
_struct_asym.pdbx_modified 
_struct_asym.entity_id 
_struct_asym.details 
A N N 1 ? 
B N N 2 ? 
C N N 3 ? 
# 
_struct_ref.id                         1 
_struct_ref.db_name                    UNP 
_struct_ref.db_code                    PGPLB_DROME 
_struct_ref.pdbx_db_accession          Q8INK6 
_struct_ref.pdbx_db_isoform            Q8INK6-2 
_struct_ref.entity_id                  1 
_struct_ref.pdbx_seq_one_letter_code   
;MQQANLGDGVATARLLSRSDWGARLPKSVEHFQGPAPYVIIHHSYMPAVCYSTPDCMKSMRDMQDFHQLERGWNDIGYSF
GIGGDGMIYTGRGFNVIGAHAPKYNDKSVGIVLIGDWRTELPPKQMLDAAKNLIAFGVFKGYIDPAYKLLGHRQVRDTEC
PGGRLFAEISSWPHFTHINDTEGVSSTTAPVVPHVHPQAAAPQKPHQSPPAAPKV
;
_struct_ref.pdbx_align_begin           1 
# 
_struct_ref_seq.align_id                      1 
_struct_ref_seq.ref_id                        1 
_struct_ref_seq.pdbx_PDB_id_code              7NSX 
_struct_ref_seq.pdbx_strand_id                AAA 
_struct_ref_seq.seq_align_beg                 3 
_struct_ref_seq.pdbx_seq_align_beg_ins_code   ? 
_struct_ref_seq.seq_align_end                 217 
_struct_ref_seq.pdbx_seq_align_end_ins_code   ? 
_struct_ref_seq.pdbx_db_accession             Q8INK6 
_struct_ref_seq.db_align_beg                  1 
_struct_ref_seq.pdbx_db_align_beg_ins_code    ? 
_struct_ref_seq.db_align_end                  215 
_struct_ref_seq.pdbx_db_align_end_ins_code    ? 
_struct_ref_seq.pdbx_auth_seq_align_beg       1 
_struct_ref_seq.pdbx_auth_seq_align_end       215 
# 
loop_
_struct_ref_seq_dif.align_id 
_struct_ref_seq_dif.pdbx_pdb_id_code 
_struct_ref_seq_dif.mon_id 
_struct_ref_seq_dif.pdbx_pdb_strand_id 
_struct_ref_seq_dif.seq_num 
_struct_ref_seq_dif.pdbx_pdb_ins_code 
_struct_ref_seq_dif.pdbx_seq_db_name 
_struct_ref_seq_dif.pdbx_seq_db_accession_code 
_struct_ref_seq_dif.db_mon_id 
_struct_ref_seq_dif.pdbx_seq_db_seq_num 
_struct_ref_seq_dif.details 
_struct_ref_seq_dif.pdbx_auth_seq_num 
_struct_ref_seq_dif.pdbx_ordinal 
1 7NSX GLY AAA 1 ? UNP Q8INK6 ? ? 'expression tag' -1 1 
1 7NSX PRO AAA 2 ? UNP Q8INK6 ? ? 'expression tag' 0  2 
# 
_pdbx_struct_assembly.id                   1 
_pdbx_struct_assembly.details              author_and_software_defined_assembly 
_pdbx_struct_assembly.method_details       PISA 
_pdbx_struct_assembly.oligomeric_details   monomeric 
_pdbx_struct_assembly.oligomeric_count     1 
# 
loop_
_pdbx_struct_assembly_prop.biol_id 
_pdbx_struct_assembly_prop.type 
_pdbx_struct_assembly_prop.value 
_pdbx_struct_assembly_prop.details 
1 'ABSA (A^2)' 100  ? 
1 MORE         -37  ? 
1 'SSA (A^2)'  8090 ? 
# 
_pdbx_struct_assembly_gen.assembly_id       1 
_pdbx_struct_assembly_gen.oper_expression   1 
_pdbx_struct_assembly_gen.asym_id_list      A,B,C 
# 
_pdbx_struct_assembly_auth_evidence.id                     1 
_pdbx_struct_assembly_auth_evidence.assembly_id            1 
_pdbx_struct_assembly_auth_evidence.experimental_support   none 
_pdbx_struct_assembly_auth_evidence.details                ? 
# 
_pdbx_struct_oper_list.id                   1 
_pdbx_struct_oper_list.type                 'identity operation' 
_pdbx_struct_oper_list.name                 1_555 
_pdbx_struct_oper_list.symmetry_operation   x,y,z 
_pdbx_struct_oper_list.matrix[1][1]         1.0000000000 
_pdbx_struct_oper_list.matrix[1][2]         0.0000000000 
_pdbx_struct_oper_list.matrix[1][3]         0.0000000000 
_pdbx_struct_oper_list.vector[1]            0.0000000000 
_pdbx_struct_oper_list.matrix[2][1]         0.0000000000 
_pdbx_struct_oper_list.matrix[2][2]         1.0000000000 
_pdbx_struct_oper_list.matrix[2][3]         0.0000000000 
_pdbx_struct_oper_list.vector[2]            0.0000000000 
_pdbx_struct_oper_list.matrix[3][1]         0.0000000000 
_pdbx_struct_oper_list.matrix[3][2]         0.0000000000 
_pdbx_struct_oper_list.matrix[3][3]         1.0000000000 
_pdbx_struct_oper_list.vector[3]            0.0000000000 
# 
loop_
_struct_conf.conf_type_id 
_struct_conf.id 
_struct_conf.pdbx_PDB_helix_id 
_struct_conf.beg_label_comp_id 
_struct_conf.beg_label_asym_id 
_struct_conf.beg_label_seq_id 
_struct_conf.pdbx_beg_PDB_ins_code 
_struct_conf.end_label_comp_id 
_struct_conf.end_label_asym_id 
_struct_conf.end_label_seq_id 
_struct_conf.pdbx_end_PDB_ins_code 
_struct_conf.beg_auth_comp_id 
_struct_conf.beg_auth_asym_id 
_struct_conf.beg_auth_seq_id 
_struct_conf.end_auth_comp_id 
_struct_conf.end_auth_asym_id 
_struct_conf.end_auth_seq_id 
_struct_conf.pdbx_PDB_helix_class 
_struct_conf.details 
_struct_conf.pdbx_PDB_helix_length 
HELX_P HELX_P1 AA1 ARG A 20  ? GLY A 24  ? ARG AAA 18  GLY AAA 22  5 ? 5  
HELX_P HELX_P2 AA2 SER A 54  ? GLU A 72  ? SER AAA 52  GLU AAA 70  1 ? 19 
HELX_P HELX_P3 AA3 PRO A 125 ? LYS A 142 ? PRO AAA 123 LYS AAA 140 1 ? 18 
HELX_P HELX_P4 AA4 ARG A 155 ? VAL A 157 ? ARG AAA 153 VAL AAA 155 5 ? 3  
HELX_P HELX_P5 AA5 GLY A 164 ? SER A 172 ? GLY AAA 162 SER AAA 170 1 ? 9  
# 
_struct_conf_type.id          HELX_P 
_struct_conf_type.criteria    ? 
_struct_conf_type.reference   ? 
# 
loop_
_struct_conn.id 
_struct_conn.conn_type_id 
_struct_conn.pdbx_leaving_atom_flag 
_struct_conn.pdbx_PDB_id 
_struct_conn.ptnr1_label_asym_id 
_struct_conn.ptnr1_label_comp_id 
_struct_conn.ptnr1_label_seq_id 
_struct_conn.ptnr1_label_atom_id 
_struct_conn.pdbx_ptnr1_label_alt_id 
_struct_conn.pdbx_ptnr1_PDB_ins_code 
_struct_conn.pdbx_ptnr1_standard_comp_id 
_struct_conn.ptnr1_symmetry 
_struct_conn.ptnr2_label_asym_id 
_struct_conn.ptnr2_label_comp_id 
_struct_conn.ptnr2_label_seq_id 
_struct_conn.ptnr2_label_atom_id 
_struct_conn.pdbx_ptnr2_label_alt_id 
_struct_conn.pdbx_ptnr2_PDB_ins_code 
_struct_conn.ptnr1_auth_asym_id 
_struct_conn.ptnr1_auth_comp_id 
_struct_conn.ptnr1_auth_seq_id 
_struct_conn.ptnr2_auth_asym_id 
_struct_conn.ptnr2_auth_comp_id 
_struct_conn.ptnr2_auth_seq_id 
_struct_conn.ptnr2_symmetry 
_struct_conn.pdbx_ptnr3_label_atom_id 
_struct_conn.pdbx_ptnr3_label_seq_id 
_struct_conn.pdbx_ptnr3_label_comp_id 
_struct_conn.pdbx_ptnr3_label_asym_id 
_struct_conn.pdbx_ptnr3_label_alt_id 
_struct_conn.pdbx_ptnr3_PDB_ins_code 
_struct_conn.details 
_struct_conn.pdbx_dist_value 
_struct_conn.pdbx_value_order 
_struct_conn.pdbx_role 
disulf1 disulf ? ? A CYS 52  SG  ? ? ? 1_555 A CYS 58 SG ? ? AAA CYS 50  AAA CYS 56   1_555 ? ? ? ? ? ? ? 2.117 ? ? 
metalc1 metalc ? ? A HIS 44  ND1 ? ? ? 1_555 B ZN  .  ZN ? ? AAA HIS 42  AAA ZN  2000 1_555 ? ? ? ? ? ? ? 2.090 ? ? 
metalc2 metalc ? ? A HIS 154 ND1 ? ? ? 1_555 B ZN  .  ZN ? ? AAA HIS 152 AAA ZN  2000 1_555 ? ? ? ? ? ? ? 2.038 ? ? 
metalc3 metalc ? ? A CYS 162 SG  ? ? ? 1_555 B ZN  .  ZN ? ? AAA CYS 160 AAA ZN  2000 1_555 ? ? ? ? ? ? ? 2.182 ? ? 
# 
loop_
_struct_conn_type.id 
_struct_conn_type.criteria 
_struct_conn_type.reference 
disulf ? ? 
metalc ? ? 
# 
loop_
_pdbx_struct_conn_angle.id 
_pdbx_struct_conn_angle.ptnr1_label_atom_id 
_pdbx_struct_conn_angle.ptnr1_label_alt_id 
_pdbx_struct_conn_angle.ptnr1_label_asym_id 
_pdbx_struct_conn_angle.ptnr1_label_comp_id 
_pdbx_struct_conn_angle.ptnr1_label_seq_id 
_pdbx_struct_conn_angle.ptnr1_auth_atom_id 
_pdbx_struct_conn_angle.ptnr1_auth_asym_id 
_pdbx_struct_conn_angle.ptnr1_auth_comp_id 
_pdbx_struct_conn_angle.ptnr1_auth_seq_id 
_pdbx_struct_conn_angle.ptnr1_PDB_ins_code 
_pdbx_struct_conn_angle.ptnr1_symmetry 
_pdbx_struct_conn_angle.ptnr2_label_atom_id 
_pdbx_struct_conn_angle.ptnr2_label_alt_id 
_pdbx_struct_conn_angle.ptnr2_label_asym_id 
_pdbx_struct_conn_angle.ptnr2_label_comp_id 
_pdbx_struct_conn_angle.ptnr2_label_seq_id 
_pdbx_struct_conn_angle.ptnr2_auth_atom_id 
_pdbx_struct_conn_angle.ptnr2_auth_asym_id 
_pdbx_struct_conn_angle.ptnr2_auth_comp_id 
_pdbx_struct_conn_angle.ptnr2_auth_seq_id 
_pdbx_struct_conn_angle.ptnr2_PDB_ins_code 
_pdbx_struct_conn_angle.ptnr2_symmetry 
_pdbx_struct_conn_angle.ptnr3_label_atom_id 
_pdbx_struct_conn_angle.ptnr3_label_alt_id 
_pdbx_struct_conn_angle.ptnr3_label_asym_id 
_pdbx_struct_conn_angle.ptnr3_label_comp_id 
_pdbx_struct_conn_angle.ptnr3_label_seq_id 
_pdbx_struct_conn_angle.ptnr3_auth_atom_id 
_pdbx_struct_conn_angle.ptnr3_auth_asym_id 
_pdbx_struct_conn_angle.ptnr3_auth_comp_id 
_pdbx_struct_conn_angle.ptnr3_auth_seq_id 
_pdbx_struct_conn_angle.ptnr3_PDB_ins_code 
_pdbx_struct_conn_angle.ptnr3_symmetry 
_pdbx_struct_conn_angle.value 
_pdbx_struct_conn_angle.value_esd 
1 ND1 ? A HIS 44  ? AAA HIS 42  ? 1_555 ZN ? B ZN . ? AAA ZN 2000 ? 1_555 ND1 ? A HIS 154 ? AAA HIS 152 ? 1_555 96.0  ? 
2 ND1 ? A HIS 44  ? AAA HIS 42  ? 1_555 ZN ? B ZN . ? AAA ZN 2000 ? 1_555 SG  ? A CYS 162 ? AAA CYS 160 ? 1_555 112.3 ? 
3 ND1 ? A HIS 154 ? AAA HIS 152 ? 1_555 ZN ? B ZN . ? AAA ZN 2000 ? 1_555 SG  ? A CYS 162 ? AAA CYS 160 ? 1_555 115.3 ? 
# 
_pdbx_modification_feature.ordinal                            1 
_pdbx_modification_feature.label_comp_id                      CYS 
_pdbx_modification_feature.label_asym_id                      A 
_pdbx_modification_feature.label_seq_id                       52 
_pdbx_modification_feature.label_alt_id                       ? 
_pdbx_modification_feature.modified_residue_label_comp_id     CYS 
_pdbx_modification_feature.modified_residue_label_asym_id     A 
_pdbx_modification_feature.modified_residue_label_seq_id      58 
_pdbx_modification_feature.modified_residue_label_alt_id      ? 
_pdbx_modification_feature.auth_comp_id                       CYS 
_pdbx_modification_feature.auth_asym_id                       AAA 
_pdbx_modification_feature.auth_seq_id                        50 
_pdbx_modification_feature.PDB_ins_code                       ? 
_pdbx_modification_feature.symmetry                           1_555 
_pdbx_modification_feature.modified_residue_auth_comp_id      CYS 
_pdbx_modification_feature.modified_residue_auth_asym_id      AAA 
_pdbx_modification_feature.modified_residue_auth_seq_id       56 
_pdbx_modification_feature.modified_residue_PDB_ins_code      ? 
_pdbx_modification_feature.modified_residue_symmetry          1_555 
_pdbx_modification_feature.comp_id_linking_atom               SG 
_pdbx_modification_feature.modified_residue_id_linking_atom   SG 
_pdbx_modification_feature.modified_residue_id                . 
_pdbx_modification_feature.ref_pcm_id                         . 
_pdbx_modification_feature.ref_comp_id                        . 
_pdbx_modification_feature.type                               None 
_pdbx_modification_feature.category                           'Disulfide bridge' 
# 
loop_
_struct_mon_prot_cis.pdbx_id 
_struct_mon_prot_cis.label_comp_id 
_struct_mon_prot_cis.label_seq_id 
_struct_mon_prot_cis.label_asym_id 
_struct_mon_prot_cis.label_alt_id 
_struct_mon_prot_cis.pdbx_PDB_ins_code 
_struct_mon_prot_cis.auth_comp_id 
_struct_mon_prot_cis.auth_seq_id 
_struct_mon_prot_cis.auth_asym_id 
_struct_mon_prot_cis.pdbx_label_comp_id_2 
_struct_mon_prot_cis.pdbx_label_seq_id_2 
_struct_mon_prot_cis.pdbx_label_asym_id_2 
_struct_mon_prot_cis.pdbx_PDB_ins_code_2 
_struct_mon_prot_cis.pdbx_auth_comp_id_2 
_struct_mon_prot_cis.pdbx_auth_seq_id_2 
_struct_mon_prot_cis.pdbx_auth_asym_id_2 
_struct_mon_prot_cis.pdbx_PDB_model_num 
_struct_mon_prot_cis.pdbx_omega_angle 
1 MET 48  A . ? MET 46  AAA PRO 49  A ? PRO 47  AAA 1 6.35 
2 CYS 162 A . ? CYS 160 AAA PRO 163 A ? PRO 161 AAA 1 8.80 
# 
_struct_sheet.id               AA1 
_struct_sheet.type             ? 
_struct_sheet.number_strands   6 
_struct_sheet.details          ? 
# 
loop_
_struct_sheet_order.sheet_id 
_struct_sheet_order.range_id_1 
_struct_sheet_order.range_id_2 
_struct_sheet_order.offset 
_struct_sheet_order.sense 
AA1 1 2 ? parallel      
AA1 2 3 ? anti-parallel 
AA1 3 4 ? parallel      
AA1 4 5 ? parallel      
AA1 5 6 ? parallel      
# 
loop_
_struct_sheet_range.sheet_id 
_struct_sheet_range.id 
_struct_sheet_range.beg_label_comp_id 
_struct_sheet_range.beg_label_asym_id 
_struct_sheet_range.beg_label_seq_id 
_struct_sheet_range.pdbx_beg_PDB_ins_code 
_struct_sheet_range.end_label_comp_id 
_struct_sheet_range.end_label_asym_id 
_struct_sheet_range.end_label_seq_id 
_struct_sheet_range.pdbx_end_PDB_ins_code 
_struct_sheet_range.beg_auth_comp_id 
_struct_sheet_range.beg_auth_asym_id 
_struct_sheet_range.beg_auth_seq_id 
_struct_sheet_range.end_auth_comp_id 
_struct_sheet_range.end_auth_asym_id 
_struct_sheet_range.end_auth_seq_id 
AA1 1 LEU A 17  ? LEU A 18  ? LEU AAA 15  LEU AAA 16  
AA1 2 ILE A 90  ? THR A 92  ? ILE AAA 88  THR AAA 90  
AA1 3 PHE A 82  ? ILE A 84  ? PHE AAA 80  ILE AAA 82  
AA1 4 SER A 110 ? LEU A 115 ? SER AAA 108 LEU AAA 113 
AA1 5 ALA A 38  ? HIS A 45  ? ALA AAA 36  HIS AAA 43  
AA1 6 ILE A 145 ? GLY A 153 ? ILE AAA 143 GLY AAA 151 
# 
loop_
_pdbx_struct_sheet_hbond.sheet_id 
_pdbx_struct_sheet_hbond.range_id_1 
_pdbx_struct_sheet_hbond.range_id_2 
_pdbx_struct_sheet_hbond.range_1_label_atom_id 
_pdbx_struct_sheet_hbond.range_1_label_comp_id 
_pdbx_struct_sheet_hbond.range_1_label_asym_id 
_pdbx_struct_sheet_hbond.range_1_label_seq_id 
_pdbx_struct_sheet_hbond.range_1_PDB_ins_code 
_pdbx_struct_sheet_hbond.range_1_auth_atom_id 
_pdbx_struct_sheet_hbond.range_1_auth_comp_id 
_pdbx_struct_sheet_hbond.range_1_auth_asym_id 
_pdbx_struct_sheet_hbond.range_1_auth_seq_id 
_pdbx_struct_sheet_hbond.range_2_label_atom_id 
_pdbx_struct_sheet_hbond.range_2_label_comp_id 
_pdbx_struct_sheet_hbond.range_2_label_asym_id 
_pdbx_struct_sheet_hbond.range_2_label_seq_id 
_pdbx_struct_sheet_hbond.range_2_PDB_ins_code 
_pdbx_struct_sheet_hbond.range_2_auth_atom_id 
_pdbx_struct_sheet_hbond.range_2_auth_comp_id 
_pdbx_struct_sheet_hbond.range_2_auth_asym_id 
_pdbx_struct_sheet_hbond.range_2_auth_seq_id 
AA1 1 2 N LEU A 18  ? N LEU AAA 16  O ILE A 90  ? O ILE AAA 88  
AA1 2 3 O TYR A 91  ? O TYR AAA 89  N GLY A 83  ? N GLY AAA 81  
AA1 3 4 N PHE A 82  ? N PHE AAA 80  O VAL A 114 ? O VAL AAA 112 
AA1 4 5 O VAL A 111 ? O VAL AAA 109 N ILE A 42  ? N ILE AAA 40  
AA1 5 6 N ALA A 38  ? N ALA AAA 36  O ASP A 146 ? O ASP AAA 144 
# 
_pdbx_entry_details.entry_id                   7NSX 
_pdbx_entry_details.has_ligand_of_interest     Y 
_pdbx_entry_details.compound_details           ? 
_pdbx_entry_details.source_details             ? 
_pdbx_entry_details.nonpolymer_details         ? 
_pdbx_entry_details.sequence_details           ? 
_pdbx_entry_details.has_protein_modification   Y 
# 
loop_
_pdbx_validate_torsion.id 
_pdbx_validate_torsion.PDB_model_num 
_pdbx_validate_torsion.auth_comp_id 
_pdbx_validate_torsion.auth_asym_id 
_pdbx_validate_torsion.auth_seq_id 
_pdbx_validate_torsion.PDB_ins_code 
_pdbx_validate_torsion.label_alt_id 
_pdbx_validate_torsion.phi 
_pdbx_validate_torsion.psi 
1 1 TYR AAA 45  ? ? 68.51   -64.61 
2 1 ALA AAA 101 ? ? -154.82 84.74  
3 1 LYS AAA 103 ? ? 84.96   -18.49 
4 1 LYS AAA 107 ? ? -152.37 25.36  
5 1 HIS AAA 174 ? ? 78.55   -1.60  
# 
loop_
_pdbx_unobs_or_zero_occ_residues.id 
_pdbx_unobs_or_zero_occ_residues.PDB_model_num 
_pdbx_unobs_or_zero_occ_residues.polymer_flag 
_pdbx_unobs_or_zero_occ_residues.occupancy_flag 
_pdbx_unobs_or_zero_occ_residues.auth_asym_id 
_pdbx_unobs_or_zero_occ_residues.auth_comp_id 
_pdbx_unobs_or_zero_occ_residues.auth_seq_id 
_pdbx_unobs_or_zero_occ_residues.PDB_ins_code 
_pdbx_unobs_or_zero_occ_residues.label_asym_id 
_pdbx_unobs_or_zero_occ_residues.label_comp_id 
_pdbx_unobs_or_zero_occ_residues.label_seq_id 
1  1 Y 1 AAA GLY -1  ? A GLY 1   
2  1 Y 1 AAA PRO 0   ? A PRO 2   
3  1 Y 1 AAA MET 1   ? A MET 3   
4  1 Y 1 AAA GLN 2   ? A GLN 4   
5  1 Y 1 AAA GLN 3   ? A GLN 5   
6  1 Y 1 AAA ALA 4   ? A ALA 6   
7  1 Y 1 AAA ASN 5   ? A ASN 7   
8  1 Y 1 AAA LEU 6   ? A LEU 8   
9  1 Y 1 AAA GLY 7   ? A GLY 9   
10 1 Y 1 AAA ASP 8   ? A ASP 10  
11 1 Y 1 AAA GLY 9   ? A GLY 11  
12 1 Y 1 AAA VAL 10  ? A VAL 12  
13 1 Y 1 AAA ALA 11  ? A ALA 13  
14 1 Y 1 AAA GLU 182 ? A GLU 184 
15 1 Y 1 AAA GLY 183 ? A GLY 185 
16 1 Y 1 AAA VAL 184 ? A VAL 186 
17 1 Y 1 AAA SER 185 ? A SER 187 
18 1 Y 1 AAA SER 186 ? A SER 188 
19 1 Y 1 AAA THR 187 ? A THR 189 
20 1 Y 1 AAA THR 188 ? A THR 190 
21 1 Y 1 AAA ALA 189 ? A ALA 191 
22 1 Y 1 AAA PRO 190 ? A PRO 192 
23 1 Y 1 AAA VAL 191 ? A VAL 193 
24 1 Y 1 AAA VAL 192 ? A VAL 194 
25 1 Y 1 AAA PRO 193 ? A PRO 195 
26 1 Y 1 AAA HIS 194 ? A HIS 196 
27 1 Y 1 AAA VAL 195 ? A VAL 197 
28 1 Y 1 AAA HIS 196 ? A HIS 198 
29 1 Y 1 AAA PRO 197 ? A PRO 199 
30 1 Y 1 AAA GLN 198 ? A GLN 200 
31 1 Y 1 AAA ALA 199 ? A ALA 201 
32 1 Y 1 AAA ALA 200 ? A ALA 202 
33 1 Y 1 AAA ALA 201 ? A ALA 203 
34 1 Y 1 AAA PRO 202 ? A PRO 204 
35 1 Y 1 AAA GLN 203 ? A GLN 205 
36 1 Y 1 AAA LYS 204 ? A LYS 206 
37 1 Y 1 AAA PRO 205 ? A PRO 207 
38 1 Y 1 AAA HIS 206 ? A HIS 208 
39 1 Y 1 AAA GLN 207 ? A GLN 209 
40 1 Y 1 AAA SER 208 ? A SER 210 
41 1 Y 1 AAA PRO 209 ? A PRO 211 
42 1 Y 1 AAA PRO 210 ? A PRO 212 
43 1 Y 1 AAA ALA 211 ? A ALA 213 
44 1 Y 1 AAA ALA 212 ? A ALA 214 
45 1 Y 1 AAA PRO 213 ? A PRO 215 
46 1 Y 1 AAA LYS 214 ? A LYS 216 
47 1 Y 1 AAA VAL 215 ? A VAL 217 
# 
loop_
_chem_comp_atom.comp_id 
_chem_comp_atom.atom_id 
_chem_comp_atom.type_symbol 
_chem_comp_atom.pdbx_aromatic_flag 
_chem_comp_atom.pdbx_stereo_config 
_chem_comp_atom.pdbx_ordinal 
ALA N    N  N N 1   
ALA CA   C  N S 2   
ALA C    C  N N 3   
ALA O    O  N N 4   
ALA CB   C  N N 5   
ALA OXT  O  N N 6   
ALA H    H  N N 7   
ALA H2   H  N N 8   
ALA HA   H  N N 9   
ALA HB1  H  N N 10  
ALA HB2  H  N N 11  
ALA HB3  H  N N 12  
ALA HXT  H  N N 13  
ARG N    N  N N 14  
ARG CA   C  N S 15  
ARG C    C  N N 16  
ARG O    O  N N 17  
ARG CB   C  N N 18  
ARG CG   C  N N 19  
ARG CD   C  N N 20  
ARG NE   N  N N 21  
ARG CZ   C  N N 22  
ARG NH1  N  N N 23  
ARG NH2  N  N N 24  
ARG OXT  O  N N 25  
ARG H    H  N N 26  
ARG H2   H  N N 27  
ARG HA   H  N N 28  
ARG HB2  H  N N 29  
ARG HB3  H  N N 30  
ARG HG2  H  N N 31  
ARG HG3  H  N N 32  
ARG HD2  H  N N 33  
ARG HD3  H  N N 34  
ARG HE   H  N N 35  
ARG HH11 H  N N 36  
ARG HH12 H  N N 37  
ARG HH21 H  N N 38  
ARG HH22 H  N N 39  
ARG HXT  H  N N 40  
ASN N    N  N N 41  
ASN CA   C  N S 42  
ASN C    C  N N 43  
ASN O    O  N N 44  
ASN CB   C  N N 45  
ASN CG   C  N N 46  
ASN OD1  O  N N 47  
ASN ND2  N  N N 48  
ASN OXT  O  N N 49  
ASN H    H  N N 50  
ASN H2   H  N N 51  
ASN HA   H  N N 52  
ASN HB2  H  N N 53  
ASN HB3  H  N N 54  
ASN HD21 H  N N 55  
ASN HD22 H  N N 56  
ASN HXT  H  N N 57  
ASP N    N  N N 58  
ASP CA   C  N S 59  
ASP C    C  N N 60  
ASP O    O  N N 61  
ASP CB   C  N N 62  
ASP CG   C  N N 63  
ASP OD1  O  N N 64  
ASP OD2  O  N N 65  
ASP OXT  O  N N 66  
ASP H    H  N N 67  
ASP H2   H  N N 68  
ASP HA   H  N N 69  
ASP HB2  H  N N 70  
ASP HB3  H  N N 71  
ASP HD2  H  N N 72  
ASP HXT  H  N N 73  
CYS N    N  N N 74  
CYS CA   C  N R 75  
CYS C    C  N N 76  
CYS O    O  N N 77  
CYS CB   C  N N 78  
CYS SG   S  N N 79  
CYS OXT  O  N N 80  
CYS H    H  N N 81  
CYS H2   H  N N 82  
CYS HA   H  N N 83  
CYS HB2  H  N N 84  
CYS HB3  H  N N 85  
CYS HG   H  N N 86  
CYS HXT  H  N N 87  
GLN N    N  N N 88  
GLN CA   C  N S 89  
GLN C    C  N N 90  
GLN O    O  N N 91  
GLN CB   C  N N 92  
GLN CG   C  N N 93  
GLN CD   C  N N 94  
GLN OE1  O  N N 95  
GLN NE2  N  N N 96  
GLN OXT  O  N N 97  
GLN H    H  N N 98  
GLN H2   H  N N 99  
GLN HA   H  N N 100 
GLN HB2  H  N N 101 
GLN HB3  H  N N 102 
GLN HG2  H  N N 103 
GLN HG3  H  N N 104 
GLN HE21 H  N N 105 
GLN HE22 H  N N 106 
GLN HXT  H  N N 107 
GLU N    N  N N 108 
GLU CA   C  N S 109 
GLU C    C  N N 110 
GLU O    O  N N 111 
GLU CB   C  N N 112 
GLU CG   C  N N 113 
GLU CD   C  N N 114 
GLU OE1  O  N N 115 
GLU OE2  O  N N 116 
GLU OXT  O  N N 117 
GLU H    H  N N 118 
GLU H2   H  N N 119 
GLU HA   H  N N 120 
GLU HB2  H  N N 121 
GLU HB3  H  N N 122 
GLU HG2  H  N N 123 
GLU HG3  H  N N 124 
GLU HE2  H  N N 125 
GLU HXT  H  N N 126 
GLY N    N  N N 127 
GLY CA   C  N N 128 
GLY C    C  N N 129 
GLY O    O  N N 130 
GLY OXT  O  N N 131 
GLY H    H  N N 132 
GLY H2   H  N N 133 
GLY HA2  H  N N 134 
GLY HA3  H  N N 135 
GLY HXT  H  N N 136 
HIS N    N  N N 137 
HIS CA   C  N S 138 
HIS C    C  N N 139 
HIS O    O  N N 140 
HIS CB   C  N N 141 
HIS CG   C  Y N 142 
HIS ND1  N  Y N 143 
HIS CD2  C  Y N 144 
HIS CE1  C  Y N 145 
HIS NE2  N  Y N 146 
HIS OXT  O  N N 147 
HIS H    H  N N 148 
HIS H2   H  N N 149 
HIS HA   H  N N 150 
HIS HB2  H  N N 151 
HIS HB3  H  N N 152 
HIS HD1  H  N N 153 
HIS HD2  H  N N 154 
HIS HE1  H  N N 155 
HIS HE2  H  N N 156 
HIS HXT  H  N N 157 
HOH O    O  N N 158 
HOH H1   H  N N 159 
HOH H2   H  N N 160 
ILE N    N  N N 161 
ILE CA   C  N S 162 
ILE C    C  N N 163 
ILE O    O  N N 164 
ILE CB   C  N S 165 
ILE CG1  C  N N 166 
ILE CG2  C  N N 167 
ILE CD1  C  N N 168 
ILE OXT  O  N N 169 
ILE H    H  N N 170 
ILE H2   H  N N 171 
ILE HA   H  N N 172 
ILE HB   H  N N 173 
ILE HG12 H  N N 174 
ILE HG13 H  N N 175 
ILE HG21 H  N N 176 
ILE HG22 H  N N 177 
ILE HG23 H  N N 178 
ILE HD11 H  N N 179 
ILE HD12 H  N N 180 
ILE HD13 H  N N 181 
ILE HXT  H  N N 182 
LEU N    N  N N 183 
LEU CA   C  N S 184 
LEU C    C  N N 185 
LEU O    O  N N 186 
LEU CB   C  N N 187 
LEU CG   C  N N 188 
LEU CD1  C  N N 189 
LEU CD2  C  N N 190 
LEU OXT  O  N N 191 
LEU H    H  N N 192 
LEU H2   H  N N 193 
LEU HA   H  N N 194 
LEU HB2  H  N N 195 
LEU HB3  H  N N 196 
LEU HG   H  N N 197 
LEU HD11 H  N N 198 
LEU HD12 H  N N 199 
LEU HD13 H  N N 200 
LEU HD21 H  N N 201 
LEU HD22 H  N N 202 
LEU HD23 H  N N 203 
LEU HXT  H  N N 204 
LYS N    N  N N 205 
LYS CA   C  N S 206 
LYS C    C  N N 207 
LYS O    O  N N 208 
LYS CB   C  N N 209 
LYS CG   C  N N 210 
LYS CD   C  N N 211 
LYS CE   C  N N 212 
LYS NZ   N  N N 213 
LYS OXT  O  N N 214 
LYS H    H  N N 215 
LYS H2   H  N N 216 
LYS HA   H  N N 217 
LYS HB2  H  N N 218 
LYS HB3  H  N N 219 
LYS HG2  H  N N 220 
LYS HG3  H  N N 221 
LYS HD2  H  N N 222 
LYS HD3  H  N N 223 
LYS HE2  H  N N 224 
LYS HE3  H  N N 225 
LYS HZ1  H  N N 226 
LYS HZ2  H  N N 227 
LYS HZ3  H  N N 228 
LYS HXT  H  N N 229 
MET N    N  N N 230 
MET CA   C  N S 231 
MET C    C  N N 232 
MET O    O  N N 233 
MET CB   C  N N 234 
MET CG   C  N N 235 
MET SD   S  N N 236 
MET CE   C  N N 237 
MET OXT  O  N N 238 
MET H    H  N N 239 
MET H2   H  N N 240 
MET HA   H  N N 241 
MET HB2  H  N N 242 
MET HB3  H  N N 243 
MET HG2  H  N N 244 
MET HG3  H  N N 245 
MET HE1  H  N N 246 
MET HE2  H  N N 247 
MET HE3  H  N N 248 
MET HXT  H  N N 249 
PHE N    N  N N 250 
PHE CA   C  N S 251 
PHE C    C  N N 252 
PHE O    O  N N 253 
PHE CB   C  N N 254 
PHE CG   C  Y N 255 
PHE CD1  C  Y N 256 
PHE CD2  C  Y N 257 
PHE CE1  C  Y N 258 
PHE CE2  C  Y N 259 
PHE CZ   C  Y N 260 
PHE OXT  O  N N 261 
PHE H    H  N N 262 
PHE H2   H  N N 263 
PHE HA   H  N N 264 
PHE HB2  H  N N 265 
PHE HB3  H  N N 266 
PHE HD1  H  N N 267 
PHE HD2  H  N N 268 
PHE HE1  H  N N 269 
PHE HE2  H  N N 270 
PHE HZ   H  N N 271 
PHE HXT  H  N N 272 
PRO N    N  N N 273 
PRO CA   C  N S 274 
PRO C    C  N N 275 
PRO O    O  N N 276 
PRO CB   C  N N 277 
PRO CG   C  N N 278 
PRO CD   C  N N 279 
PRO OXT  O  N N 280 
PRO H    H  N N 281 
PRO HA   H  N N 282 
PRO HB2  H  N N 283 
PRO HB3  H  N N 284 
PRO HG2  H  N N 285 
PRO HG3  H  N N 286 
PRO HD2  H  N N 287 
PRO HD3  H  N N 288 
PRO HXT  H  N N 289 
SER N    N  N N 290 
SER CA   C  N S 291 
SER C    C  N N 292 
SER O    O  N N 293 
SER CB   C  N N 294 
SER OG   O  N N 295 
SER OXT  O  N N 296 
SER H    H  N N 297 
SER H2   H  N N 298 
SER HA   H  N N 299 
SER HB2  H  N N 300 
SER HB3  H  N N 301 
SER HG   H  N N 302 
SER HXT  H  N N 303 
THR N    N  N N 304 
THR CA   C  N S 305 
THR C    C  N N 306 
THR O    O  N N 307 
THR CB   C  N R 308 
THR OG1  O  N N 309 
THR CG2  C  N N 310 
THR OXT  O  N N 311 
THR H    H  N N 312 
THR H2   H  N N 313 
THR HA   H  N N 314 
THR HB   H  N N 315 
THR HG1  H  N N 316 
THR HG21 H  N N 317 
THR HG22 H  N N 318 
THR HG23 H  N N 319 
THR HXT  H  N N 320 
TRP N    N  N N 321 
TRP CA   C  N S 322 
TRP C    C  N N 323 
TRP O    O  N N 324 
TRP CB   C  N N 325 
TRP CG   C  Y N 326 
TRP CD1  C  Y N 327 
TRP CD2  C  Y N 328 
TRP NE1  N  Y N 329 
TRP CE2  C  Y N 330 
TRP CE3  C  Y N 331 
TRP CZ2  C  Y N 332 
TRP CZ3  C  Y N 333 
TRP CH2  C  Y N 334 
TRP OXT  O  N N 335 
TRP H    H  N N 336 
TRP H2   H  N N 337 
TRP HA   H  N N 338 
TRP HB2  H  N N 339 
TRP HB3  H  N N 340 
TRP HD1  H  N N 341 
TRP HE1  H  N N 342 
TRP HE3  H  N N 343 
TRP HZ2  H  N N 344 
TRP HZ3  H  N N 345 
TRP HH2  H  N N 346 
TRP HXT  H  N N 347 
TYR N    N  N N 348 
TYR CA   C  N S 349 
TYR C    C  N N 350 
TYR O    O  N N 351 
TYR CB   C  N N 352 
TYR CG   C  Y N 353 
TYR CD1  C  Y N 354 
TYR CD2  C  Y N 355 
TYR CE1  C  Y N 356 
TYR CE2  C  Y N 357 
TYR CZ   C  Y N 358 
TYR OH   O  N N 359 
TYR OXT  O  N N 360 
TYR H    H  N N 361 
TYR H2   H  N N 362 
TYR HA   H  N N 363 
TYR HB2  H  N N 364 
TYR HB3  H  N N 365 
TYR HD1  H  N N 366 
TYR HD2  H  N N 367 
TYR HE1  H  N N 368 
TYR HE2  H  N N 369 
TYR HH   H  N N 370 
TYR HXT  H  N N 371 
VAL N    N  N N 372 
VAL CA   C  N S 373 
VAL C    C  N N 374 
VAL O    O  N N 375 
VAL CB   C  N N 376 
VAL CG1  C  N N 377 
VAL CG2  C  N N 378 
VAL OXT  O  N N 379 
VAL H    H  N N 380 
VAL H2   H  N N 381 
VAL HA   H  N N 382 
VAL HB   H  N N 383 
VAL HG11 H  N N 384 
VAL HG12 H  N N 385 
VAL HG13 H  N N 386 
VAL HG21 H  N N 387 
VAL HG22 H  N N 388 
VAL HG23 H  N N 389 
VAL HXT  H  N N 390 
ZN  ZN   ZN N N 391 
# 
loop_
_chem_comp_bond.comp_id 
_chem_comp_bond.atom_id_1 
_chem_comp_bond.atom_id_2 
_chem_comp_bond.value_order 
_chem_comp_bond.pdbx_aromatic_flag 
_chem_comp_bond.pdbx_stereo_config 
_chem_comp_bond.pdbx_ordinal 
ALA N   CA   sing N N 1   
ALA N   H    sing N N 2   
ALA N   H2   sing N N 3   
ALA CA  C    sing N N 4   
ALA CA  CB   sing N N 5   
ALA CA  HA   sing N N 6   
ALA C   O    doub N N 7   
ALA C   OXT  sing N N 8   
ALA CB  HB1  sing N N 9   
ALA CB  HB2  sing N N 10  
ALA CB  HB3  sing N N 11  
ALA OXT HXT  sing N N 12  
ARG N   CA   sing N N 13  
ARG N   H    sing N N 14  
ARG N   H2   sing N N 15  
ARG CA  C    sing N N 16  
ARG CA  CB   sing N N 17  
ARG CA  HA   sing N N 18  
ARG C   O    doub N N 19  
ARG C   OXT  sing N N 20  
ARG CB  CG   sing N N 21  
ARG CB  HB2  sing N N 22  
ARG CB  HB3  sing N N 23  
ARG CG  CD   sing N N 24  
ARG CG  HG2  sing N N 25  
ARG CG  HG3  sing N N 26  
ARG CD  NE   sing N N 27  
ARG CD  HD2  sing N N 28  
ARG CD  HD3  sing N N 29  
ARG NE  CZ   sing N N 30  
ARG NE  HE   sing N N 31  
ARG CZ  NH1  sing N N 32  
ARG CZ  NH2  doub N N 33  
ARG NH1 HH11 sing N N 34  
ARG NH1 HH12 sing N N 35  
ARG NH2 HH21 sing N N 36  
ARG NH2 HH22 sing N N 37  
ARG OXT HXT  sing N N 38  
ASN N   CA   sing N N 39  
ASN N   H    sing N N 40  
ASN N   H2   sing N N 41  
ASN CA  C    sing N N 42  
ASN CA  CB   sing N N 43  
ASN CA  HA   sing N N 44  
ASN C   O    doub N N 45  
ASN C   OXT  sing N N 46  
ASN CB  CG   sing N N 47  
ASN CB  HB2  sing N N 48  
ASN CB  HB3  sing N N 49  
ASN CG  OD1  doub N N 50  
ASN CG  ND2  sing N N 51  
ASN ND2 HD21 sing N N 52  
ASN ND2 HD22 sing N N 53  
ASN OXT HXT  sing N N 54  
ASP N   CA   sing N N 55  
ASP N   H    sing N N 56  
ASP N   H2   sing N N 57  
ASP CA  C    sing N N 58  
ASP CA  CB   sing N N 59  
ASP CA  HA   sing N N 60  
ASP C   O    doub N N 61  
ASP C   OXT  sing N N 62  
ASP CB  CG   sing N N 63  
ASP CB  HB2  sing N N 64  
ASP CB  HB3  sing N N 65  
ASP CG  OD1  doub N N 66  
ASP CG  OD2  sing N N 67  
ASP OD2 HD2  sing N N 68  
ASP OXT HXT  sing N N 69  
CYS N   CA   sing N N 70  
CYS N   H    sing N N 71  
CYS N   H2   sing N N 72  
CYS CA  C    sing N N 73  
CYS CA  CB   sing N N 74  
CYS CA  HA   sing N N 75  
CYS C   O    doub N N 76  
CYS C   OXT  sing N N 77  
CYS CB  SG   sing N N 78  
CYS CB  HB2  sing N N 79  
CYS CB  HB3  sing N N 80  
CYS SG  HG   sing N N 81  
CYS OXT HXT  sing N N 82  
GLN N   CA   sing N N 83  
GLN N   H    sing N N 84  
GLN N   H2   sing N N 85  
GLN CA  C    sing N N 86  
GLN CA  CB   sing N N 87  
GLN CA  HA   sing N N 88  
GLN C   O    doub N N 89  
GLN C   OXT  sing N N 90  
GLN CB  CG   sing N N 91  
GLN CB  HB2  sing N N 92  
GLN CB  HB3  sing N N 93  
GLN CG  CD   sing N N 94  
GLN CG  HG2  sing N N 95  
GLN CG  HG3  sing N N 96  
GLN CD  OE1  doub N N 97  
GLN CD  NE2  sing N N 98  
GLN NE2 HE21 sing N N 99  
GLN NE2 HE22 sing N N 100 
GLN OXT HXT  sing N N 101 
GLU N   CA   sing N N 102 
GLU N   H    sing N N 103 
GLU N   H2   sing N N 104 
GLU CA  C    sing N N 105 
GLU CA  CB   sing N N 106 
GLU CA  HA   sing N N 107 
GLU C   O    doub N N 108 
GLU C   OXT  sing N N 109 
GLU CB  CG   sing N N 110 
GLU CB  HB2  sing N N 111 
GLU CB  HB3  sing N N 112 
GLU CG  CD   sing N N 113 
GLU CG  HG2  sing N N 114 
GLU CG  HG3  sing N N 115 
GLU CD  OE1  doub N N 116 
GLU CD  OE2  sing N N 117 
GLU OE2 HE2  sing N N 118 
GLU OXT HXT  sing N N 119 
GLY N   CA   sing N N 120 
GLY N   H    sing N N 121 
GLY N   H2   sing N N 122 
GLY CA  C    sing N N 123 
GLY CA  HA2  sing N N 124 
GLY CA  HA3  sing N N 125 
GLY C   O    doub N N 126 
GLY C   OXT  sing N N 127 
GLY OXT HXT  sing N N 128 
HIS N   CA   sing N N 129 
HIS N   H    sing N N 130 
HIS N   H2   sing N N 131 
HIS CA  C    sing N N 132 
HIS CA  CB   sing N N 133 
HIS CA  HA   sing N N 134 
HIS C   O    doub N N 135 
HIS C   OXT  sing N N 136 
HIS CB  CG   sing N N 137 
HIS CB  HB2  sing N N 138 
HIS CB  HB3  sing N N 139 
HIS CG  ND1  sing Y N 140 
HIS CG  CD2  doub Y N 141 
HIS ND1 CE1  doub Y N 142 
HIS ND1 HD1  sing N N 143 
HIS CD2 NE2  sing Y N 144 
HIS CD2 HD2  sing N N 145 
HIS CE1 NE2  sing Y N 146 
HIS CE1 HE1  sing N N 147 
HIS NE2 HE2  sing N N 148 
HIS OXT HXT  sing N N 149 
HOH O   H1   sing N N 150 
HOH O   H2   sing N N 151 
ILE N   CA   sing N N 152 
ILE N   H    sing N N 153 
ILE N   H2   sing N N 154 
ILE CA  C    sing N N 155 
ILE CA  CB   sing N N 156 
ILE CA  HA   sing N N 157 
ILE C   O    doub N N 158 
ILE C   OXT  sing N N 159 
ILE CB  CG1  sing N N 160 
ILE CB  CG2  sing N N 161 
ILE CB  HB   sing N N 162 
ILE CG1 CD1  sing N N 163 
ILE CG1 HG12 sing N N 164 
ILE CG1 HG13 sing N N 165 
ILE CG2 HG21 sing N N 166 
ILE CG2 HG22 sing N N 167 
ILE CG2 HG23 sing N N 168 
ILE CD1 HD11 sing N N 169 
ILE CD1 HD12 sing N N 170 
ILE CD1 HD13 sing N N 171 
ILE OXT HXT  sing N N 172 
LEU N   CA   sing N N 173 
LEU N   H    sing N N 174 
LEU N   H2   sing N N 175 
LEU CA  C    sing N N 176 
LEU CA  CB   sing N N 177 
LEU CA  HA   sing N N 178 
LEU C   O    doub N N 179 
LEU C   OXT  sing N N 180 
LEU CB  CG   sing N N 181 
LEU CB  HB2  sing N N 182 
LEU CB  HB3  sing N N 183 
LEU CG  CD1  sing N N 184 
LEU CG  CD2  sing N N 185 
LEU CG  HG   sing N N 186 
LEU CD1 HD11 sing N N 187 
LEU CD1 HD12 sing N N 188 
LEU CD1 HD13 sing N N 189 
LEU CD2 HD21 sing N N 190 
LEU CD2 HD22 sing N N 191 
LEU CD2 HD23 sing N N 192 
LEU OXT HXT  sing N N 193 
LYS N   CA   sing N N 194 
LYS N   H    sing N N 195 
LYS N   H2   sing N N 196 
LYS CA  C    sing N N 197 
LYS CA  CB   sing N N 198 
LYS CA  HA   sing N N 199 
LYS C   O    doub N N 200 
LYS C   OXT  sing N N 201 
LYS CB  CG   sing N N 202 
LYS CB  HB2  sing N N 203 
LYS CB  HB3  sing N N 204 
LYS CG  CD   sing N N 205 
LYS CG  HG2  sing N N 206 
LYS CG  HG3  sing N N 207 
LYS CD  CE   sing N N 208 
LYS CD  HD2  sing N N 209 
LYS CD  HD3  sing N N 210 
LYS CE  NZ   sing N N 211 
LYS CE  HE2  sing N N 212 
LYS CE  HE3  sing N N 213 
LYS NZ  HZ1  sing N N 214 
LYS NZ  HZ2  sing N N 215 
LYS NZ  HZ3  sing N N 216 
LYS OXT HXT  sing N N 217 
MET N   CA   sing N N 218 
MET N   H    sing N N 219 
MET N   H2   sing N N 220 
MET CA  C    sing N N 221 
MET CA  CB   sing N N 222 
MET CA  HA   sing N N 223 
MET C   O    doub N N 224 
MET C   OXT  sing N N 225 
MET CB  CG   sing N N 226 
MET CB  HB2  sing N N 227 
MET CB  HB3  sing N N 228 
MET CG  SD   sing N N 229 
MET CG  HG2  sing N N 230 
MET CG  HG3  sing N N 231 
MET SD  CE   sing N N 232 
MET CE  HE1  sing N N 233 
MET CE  HE2  sing N N 234 
MET CE  HE3  sing N N 235 
MET OXT HXT  sing N N 236 
PHE N   CA   sing N N 237 
PHE N   H    sing N N 238 
PHE N   H2   sing N N 239 
PHE CA  C    sing N N 240 
PHE CA  CB   sing N N 241 
PHE CA  HA   sing N N 242 
PHE C   O    doub N N 243 
PHE C   OXT  sing N N 244 
PHE CB  CG   sing N N 245 
PHE CB  HB2  sing N N 246 
PHE CB  HB3  sing N N 247 
PHE CG  CD1  doub Y N 248 
PHE CG  CD2  sing Y N 249 
PHE CD1 CE1  sing Y N 250 
PHE CD1 HD1  sing N N 251 
PHE CD2 CE2  doub Y N 252 
PHE CD2 HD2  sing N N 253 
PHE CE1 CZ   doub Y N 254 
PHE CE1 HE1  sing N N 255 
PHE CE2 CZ   sing Y N 256 
PHE CE2 HE2  sing N N 257 
PHE CZ  HZ   sing N N 258 
PHE OXT HXT  sing N N 259 
PRO N   CA   sing N N 260 
PRO N   CD   sing N N 261 
PRO N   H    sing N N 262 
PRO CA  C    sing N N 263 
PRO CA  CB   sing N N 264 
PRO CA  HA   sing N N 265 
PRO C   O    doub N N 266 
PRO C   OXT  sing N N 267 
PRO CB  CG   sing N N 268 
PRO CB  HB2  sing N N 269 
PRO CB  HB3  sing N N 270 
PRO CG  CD   sing N N 271 
PRO CG  HG2  sing N N 272 
PRO CG  HG3  sing N N 273 
PRO CD  HD2  sing N N 274 
PRO CD  HD3  sing N N 275 
PRO OXT HXT  sing N N 276 
SER N   CA   sing N N 277 
SER N   H    sing N N 278 
SER N   H2   sing N N 279 
SER CA  C    sing N N 280 
SER CA  CB   sing N N 281 
SER CA  HA   sing N N 282 
SER C   O    doub N N 283 
SER C   OXT  sing N N 284 
SER CB  OG   sing N N 285 
SER CB  HB2  sing N N 286 
SER CB  HB3  sing N N 287 
SER OG  HG   sing N N 288 
SER OXT HXT  sing N N 289 
THR N   CA   sing N N 290 
THR N   H    sing N N 291 
THR N   H2   sing N N 292 
THR CA  C    sing N N 293 
THR CA  CB   sing N N 294 
THR CA  HA   sing N N 295 
THR C   O    doub N N 296 
THR C   OXT  sing N N 297 
THR CB  OG1  sing N N 298 
THR CB  CG2  sing N N 299 
THR CB  HB   sing N N 300 
THR OG1 HG1  sing N N 301 
THR CG2 HG21 sing N N 302 
THR CG2 HG22 sing N N 303 
THR CG2 HG23 sing N N 304 
THR OXT HXT  sing N N 305 
TRP N   CA   sing N N 306 
TRP N   H    sing N N 307 
TRP N   H2   sing N N 308 
TRP CA  C    sing N N 309 
TRP CA  CB   sing N N 310 
TRP CA  HA   sing N N 311 
TRP C   O    doub N N 312 
TRP C   OXT  sing N N 313 
TRP CB  CG   sing N N 314 
TRP CB  HB2  sing N N 315 
TRP CB  HB3  sing N N 316 
TRP CG  CD1  doub Y N 317 
TRP CG  CD2  sing Y N 318 
TRP CD1 NE1  sing Y N 319 
TRP CD1 HD1  sing N N 320 
TRP CD2 CE2  doub Y N 321 
TRP CD2 CE3  sing Y N 322 
TRP NE1 CE2  sing Y N 323 
TRP NE1 HE1  sing N N 324 
TRP CE2 CZ2  sing Y N 325 
TRP CE3 CZ3  doub Y N 326 
TRP CE3 HE3  sing N N 327 
TRP CZ2 CH2  doub Y N 328 
TRP CZ2 HZ2  sing N N 329 
TRP CZ3 CH2  sing Y N 330 
TRP CZ3 HZ3  sing N N 331 
TRP CH2 HH2  sing N N 332 
TRP OXT HXT  sing N N 333 
TYR N   CA   sing N N 334 
TYR N   H    sing N N 335 
TYR N   H2   sing N N 336 
TYR CA  C    sing N N 337 
TYR CA  CB   sing N N 338 
TYR CA  HA   sing N N 339 
TYR C   O    doub N N 340 
TYR C   OXT  sing N N 341 
TYR CB  CG   sing N N 342 
TYR CB  HB2  sing N N 343 
TYR CB  HB3  sing N N 344 
TYR CG  CD1  doub Y N 345 
TYR CG  CD2  sing Y N 346 
TYR CD1 CE1  sing Y N 347 
TYR CD1 HD1  sing N N 348 
TYR CD2 CE2  doub Y N 349 
TYR CD2 HD2  sing N N 350 
TYR CE1 CZ   doub Y N 351 
TYR CE1 HE1  sing N N 352 
TYR CE2 CZ   sing Y N 353 
TYR CE2 HE2  sing N N 354 
TYR CZ  OH   sing N N 355 
TYR OH  HH   sing N N 356 
TYR OXT HXT  sing N N 357 
VAL N   CA   sing N N 358 
VAL N   H    sing N N 359 
VAL N   H2   sing N N 360 
VAL CA  C    sing N N 361 
VAL CA  CB   sing N N 362 
VAL CA  HA   sing N N 363 
VAL C   O    doub N N 364 
VAL C   OXT  sing N N 365 
VAL CB  CG1  sing N N 366 
VAL CB  CG2  sing N N 367 
VAL CB  HB   sing N N 368 
VAL CG1 HG11 sing N N 369 
VAL CG1 HG12 sing N N 370 
VAL CG1 HG13 sing N N 371 
VAL CG2 HG21 sing N N 372 
VAL CG2 HG22 sing N N 373 
VAL CG2 HG23 sing N N 374 
VAL OXT HXT  sing N N 375 
# 
_pdbx_initial_refinement_model.id               1 
_pdbx_initial_refinement_model.entity_id_list   ? 
_pdbx_initial_refinement_model.type             'experimental model' 
_pdbx_initial_refinement_model.source_name      PDB 
_pdbx_initial_refinement_model.accession_code   1OHT 
_pdbx_initial_refinement_model.details          ? 
# 
_atom_sites.entry_id                    7NSX 
_atom_sites.Cartn_transf_matrix[1][1]   ? 
_atom_sites.Cartn_transf_matrix[1][2]   ? 
_atom_sites.Cartn_transf_matrix[1][3]   ? 
_atom_sites.Cartn_transf_matrix[2][1]   ? 
_atom_sites.Cartn_transf_matrix[2][2]   ? 
_atom_sites.Cartn_transf_matrix[2][3]   ? 
_atom_sites.Cartn_transf_matrix[3][1]   ? 
_atom_sites.Cartn_transf_matrix[3][2]   ? 
_atom_sites.Cartn_transf_matrix[3][3]   ? 
_atom_sites.Cartn_transf_vector[1]      ? 
_atom_sites.Cartn_transf_vector[2]      ? 
_atom_sites.Cartn_transf_vector[3]      ? 
_atom_sites.fract_transf_matrix[1][1]   0.01105366 
_atom_sites.fract_transf_matrix[1][2]   -0.02106145 
_atom_sites.fract_transf_matrix[1][3]   0.00795857 
_atom_sites.fract_transf_matrix[2][1]   -0.00301843 
_atom_sites.fract_transf_matrix[2][2]   -0.00625377 
_atom_sites.fract_transf_matrix[2][3]   -0.01235759 
_atom_sites.fract_transf_matrix[3][1]   0.00772882 
_atom_sites.fract_transf_matrix[3][2]   0.00280630 
_atom_sites.fract_transf_matrix[3][3]   -0.00330800 
_atom_sites.fract_transf_vector[1]      0.196279 
_atom_sites.fract_transf_vector[2]      0.172345 
_atom_sites.fract_transf_vector[3]      2.377415 
_atom_sites.solution_primary            ? 
_atom_sites.solution_secondary          ? 
_atom_sites.solution_hydrogens          ? 
_atom_sites.special_details             ? 
# 
loop_
_atom_type.symbol 
_atom_type.pdbx_scat_Z 
_atom_type.pdbx_N_electrons 
_atom_type.scat_Cromer_Mann_a1 
_atom_type.scat_Cromer_Mann_b1 
_atom_type.scat_Cromer_Mann_a2 
_atom_type.scat_Cromer_Mann_b2 
_atom_type.scat_Cromer_Mann_a3 
_atom_type.scat_Cromer_Mann_b3 
_atom_type.scat_Cromer_Mann_a4 
_atom_type.scat_Cromer_Mann_b4 
_atom_type.scat_Cromer_Mann_c 
C  6  6  2.310  20.844 1.020 10.208 1.589 0.569  0.865 51.651 0.216   
H  1  1  0.493  10.511 0.323 26.126 0.140 3.142  0.041 57.800 0.003   
N  7  7  12.222 0.006  3.135 9.893  2.014 28.997 1.167 0.583  -11.538 
O  8  8  3.049  13.277 2.287 5.701  1.546 0.324  0.867 32.909 0.251   
S  16 16 6.905  1.468  5.203 22.215 1.438 0.254  1.586 56.172 1.047   
ZN 30 30 14.081 3.266  7.035 0.233  5.168 10.316 2.411 58.710 1.029   
# 
loop_
_atom_site.group_PDB 
_atom_site.id 
_atom_site.type_symbol 
_atom_site.label_atom_id 
_atom_site.label_alt_id 
_atom_site.label_comp_id 
_atom_site.label_asym_id 
_atom_site.label_entity_id 
_atom_site.label_seq_id 
_atom_site.pdbx_PDB_ins_code 
_atom_site.Cartn_x 
_atom_site.Cartn_y 
_atom_site.Cartn_z 
_atom_site.occupancy 
_atom_site.B_iso_or_equiv 
_atom_site.pdbx_formal_charge 
_atom_site.auth_seq_id 
_atom_site.auth_comp_id 
_atom_site.auth_asym_id 
_atom_site.auth_atom_id 
_atom_site.pdbx_PDB_model_num 
_atom_site.calc_flag 
ATOM   1    N  N   . THR A 1 14  ? -15.882 -10.001 0.190   1.000 50.691 0 12   THR AAA N   1 ? 
ATOM   2    C  CA  . THR A 1 14  ? -15.078 -10.890 1.069   1.000 48.955 0 12   THR AAA CA  1 ? 
ATOM   3    C  C   . THR A 1 14  ? -14.078 -10.046 1.887   1.000 42.962 0 12   THR AAA C   1 ? 
ATOM   4    O  O   . THR A 1 14  ? -13.864 -10.410 3.075   1.000 34.101 0 12   THR AAA O   1 ? 
ATOM   5    C  CB  . THR A 1 14  ? -14.434 -12.019 0.244   1.000 55.637 0 12   THR AAA CB  1 ? 
ATOM   6    O  OG1 . THR A 1 14  ? -14.630 -13.227 0.980   1.000 57.303 0 12   THR AAA OG1 1 ? 
ATOM   7    C  CG2 . THR A 1 14  ? -12.958 -11.830 -0.067  1.000 58.079 0 12   THR AAA CG2 1 ? 
ATOM   8    N  N   . ALA A 1 15  ? -13.513 -8.969  1.301   1.000 36.684 0 13   ALA AAA N   1 ? 
ATOM   9    C  CA  . ALA A 1 15  ? -12.399 -8.162  1.873   1.000 34.803 0 13   ALA AAA CA  1 ? 
ATOM   10   C  C   . ALA A 1 15  ? -12.873 -7.413  3.126   1.000 32.793 0 13   ALA AAA C   1 ? 
ATOM   11   O  O   . ALA A 1 15  ? -13.914 -6.734  3.098   1.000 39.223 0 13   ALA AAA O   1 ? 
ATOM   12   C  CB  . ALA A 1 15  ? -11.803 -7.209  0.855   1.000 34.273 0 13   ALA AAA CB  1 ? 
ATOM   13   N  N   . ARG A 1 16  ? -12.134 -7.583  4.209   1.000 33.258 0 14   ARG AAA N   1 ? 
ATOM   14   C  CA  . ARG A 1 16  ? -12.330 -6.844  5.472   1.000 31.378 0 14   ARG AAA CA  1 ? 
ATOM   15   C  C   . ARG A 1 16  ? -11.167 -5.884  5.635   1.000 29.581 0 14   ARG AAA C   1 ? 
ATOM   16   O  O   . ARG A 1 16  ? -10.020 -6.236  5.232   1.000 24.280 0 14   ARG AAA O   1 ? 
ATOM   17   C  CB  . ARG A 1 16  ? -12.362 -7.782  6.675   1.000 34.461 0 14   ARG AAA CB  1 ? 
ATOM   18   C  CG  . ARG A 1 16  ? -13.403 -8.877  6.547   1.000 39.869 0 14   ARG AAA CG  1 ? 
ATOM   19   C  CD  . ARG A 1 16  ? -14.783 -8.432  6.992   1.000 42.440 0 14   ARG AAA CD  1 ? 
ATOM   20   N  NE  . ARG A 1 16  ? -15.657 -9.578  6.771   1.000 42.001 0 14   ARG AAA NE  1 ? 
ATOM   21   C  CZ  . ARG A 1 16  ? -16.214 -9.885  5.602   1.000 46.228 0 14   ARG AAA CZ  1 ? 
ATOM   22   N  NH1 . ARG A 1 16  ? -16.031 -9.116  4.535   1.000 46.059 0 14   ARG AAA NH1 1 ? 
ATOM   23   N  NH2 . ARG A 1 16  ? -16.978 -10.962 5.512   1.000 44.535 0 14   ARG AAA NH2 1 ? 
ATOM   24   N  N   . LEU A 1 17  ? -11.458 -4.728  6.220   1.000 26.283 0 15   LEU AAA N   1 ? 
ATOM   25   C  CA  . LEU A 1 17  ? -10.416 -3.786  6.675   1.000 30.739 0 15   LEU AAA CA  1 ? 
ATOM   26   C  C   . LEU A 1 17  ? -10.012 -4.199  8.089   1.000 30.972 0 15   LEU AAA C   1 ? 
ATOM   27   O  O   . LEU A 1 17  ? -10.832 -4.084  9.009   1.000 33.308 0 15   LEU AAA O   1 ? 
ATOM   28   C  CB  . LEU A 1 17  ? -10.967 -2.364  6.614   1.000 33.521 0 15   LEU AAA CB  1 ? 
ATOM   29   C  CG  . LEU A 1 17  ? -9.954  -1.262  6.938   1.000 36.053 0 15   LEU AAA CG  1 ? 
ATOM   30   C  CD1 . LEU A 1 17  ? -9.831  -1.075  8.441   1.000 41.143 0 15   LEU AAA CD1 1 ? 
ATOM   31   C  CD2 . LEU A 1 17  ? -8.597  -1.555  6.307   1.000 34.766 0 15   LEU AAA CD2 1 ? 
ATOM   32   N  N   . LEU A 1 18  ? -8.811  -4.735  8.254   1.000 27.002 0 16   LEU AAA N   1 ? 
ATOM   33   C  CA  . LEU A 1 18  ? -8.311  -5.147  9.576   1.000 28.015 0 16   LEU AAA CA  1 ? 
ATOM   34   C  C   . LEU A 1 18  ? -7.490  -4.003  10.155  1.000 29.802 0 16   LEU AAA C   1 ? 
ATOM   35   O  O   . LEU A 1 18  ? -6.748  -3.356  9.398   1.000 28.924 0 16   LEU AAA O   1 ? 
ATOM   36   C  CB  . LEU A 1 18  ? -7.524  -6.446  9.429   1.000 29.454 0 16   LEU AAA CB  1 ? 
ATOM   37   C  CG  . LEU A 1 18  ? -8.297  -7.552  8.695   1.000 32.450 0 16   LEU AAA CG  1 ? 
ATOM   38   C  CD1 . LEU A 1 18  ? -7.496  -8.836  8.651   1.000 35.846 0 16   LEU AAA CD1 1 ? 
ATOM   39   C  CD2 . LEU A 1 18  ? -9.658  -7.813  9.338   1.000 33.943 0 16   LEU AAA CD2 1 ? 
ATOM   40   N  N   . SER A 1 19  ? -7.726  -3.727  11.436  1.000 27.303 0 17   SER AAA N   1 ? 
ATOM   41   C  CA  . SER A 1 19  ? -7.117  -2.629  12.222  1.000 25.873 0 17   SER AAA CA  1 ? 
ATOM   42   C  C   . SER A 1 19  ? -5.689  -3.023  12.559  1.000 22.982 0 17   SER AAA C   1 ? 
ATOM   43   O  O   . SER A 1 19  ? -5.368  -4.229  12.473  1.000 23.618 0 17   SER AAA O   1 ? 
ATOM   44   C  CB  . SER A 1 19  ? -7.887  -2.382  13.487  1.000 24.669 0 17   SER AAA CB  1 ? 
ATOM   45   O  OG  . SER A 1 19  ? -7.701  -3.495  14.345  1.000 26.471 0 17   SER AAA OG  1 ? 
ATOM   46   N  N   . ARG A 1 20  ? -4.897  -2.058  13.008  1.000 23.545 0 18   ARG AAA N   1 ? 
ATOM   47   C  CA  . ARG A 1 20  ? -3.516  -2.296  13.499  1.000 25.065 0 18   ARG AAA CA  1 ? 
ATOM   48   C  C   . ARG A 1 20  ? -3.555  -3.377  14.589  1.000 26.860 0 18   ARG AAA C   1 ? 
ATOM   49   O  O   . ARG A 1 20  ? -2.701  -4.296  14.567  1.000 29.031 0 18   ARG AAA O   1 ? 
ATOM   50   C  CB  . ARG A 1 20  ? -2.916  -0.993  14.028  1.000 27.015 0 18   ARG AAA CB  1 ? 
ATOM   51   C  CG  . ARG A 1 20  ? -2.621  0.041   12.953  1.000 27.576 0 18   ARG AAA CG  1 ? 
ATOM   52   C  CD  . ARG A 1 20  ? -2.126  1.323   13.597  1.000 29.518 0 18   ARG AAA CD  1 ? 
ATOM   53   N  NE  . ARG A 1 20  ? -0.784  1.095   14.116  1.000 31.212 0 18   ARG AAA NE  1 ? 
ATOM   54   C  CZ  . ARG A 1 20  ? 0.329   1.221   13.423  1.000 30.938 0 18   ARG AAA CZ  1 ? 
ATOM   55   N  NH1 . ARG A 1 20  ? 0.280   1.584   12.152  1.000 32.690 0 18   ARG AAA NH1 1 ? 
ATOM   56   N  NH2 . ARG A 1 20  ? 1.497   0.996   13.989  1.000 30.706 0 18   ARG AAA NH2 1 ? 
ATOM   57   N  N   . SER A 1 21  ? -4.501  -3.274  15.527  1.000 29.777 0 19   SER AAA N   1 ? 
ATOM   58   C  CA  . SER A 1 21  ? -4.576  -4.206  16.683  1.000 31.874 0 19   SER AAA CA  1 ? 
ATOM   59   C  C   . SER A 1 21  ? -4.957  -5.595  16.153  1.000 28.712 0 19   SER AAA C   1 ? 
ATOM   60   O  O   . SER A 1 21  ? -4.415  -6.538  16.682  1.000 29.600 0 19   SER AAA O   1 ? 
ATOM   61   C  CB  . SER A 1 21  ? -5.503  -3.720  17.788  1.000 32.355 0 19   SER AAA CB  1 ? 
ATOM   62   O  OG  . SER A 1 21  ? -6.841  -3.707  17.338  1.000 37.953 0 19   SER AAA OG  1 ? 
ATOM   63   N  N   . ASP A 1 22  ? -5.767  -5.699  15.095  1.000 27.986 0 20   ASP AAA N   1 ? 
ATOM   64   C  CA  . ASP A 1 22  ? -6.142  -6.997  14.474  1.000 28.626 0 20   ASP AAA CA  1 ? 
ATOM   65   C  C   . ASP A 1 22  ? -4.887  -7.794  14.102  1.000 29.447 0 20   ASP AAA C   1 ? 
ATOM   66   O  O   . ASP A 1 22  ? -4.947  -9.022  14.203  1.000 27.188 0 20   ASP AAA O   1 ? 
ATOM   67   C  CB  . ASP A 1 22  ? -7.045  -6.830  13.249  1.000 30.472 0 20   ASP AAA CB  1 ? 
ATOM   68   C  CG  . ASP A 1 22  ? -8.460  -6.353  13.575  1.000 34.172 0 20   ASP AAA CG  1 ? 
ATOM   69   O  OD1 . ASP A 1 22  ? -8.860  -6.470  14.753  1.000 32.547 0 20   ASP AAA OD1 1 ? 
ATOM   70   O  OD2 . ASP A 1 22  ? -9.152  -5.845  12.657  1.000 32.879 0 20   ASP AAA OD2 1 ? 
ATOM   71   N  N   . TRP A 1 23  ? -3.802  -7.154  13.663  1.000 28.222 0 21   TRP AAA N   1 ? 
ATOM   72   C  CA  . TRP A 1 23  ? -2.601  -7.893  13.189  1.000 26.797 0 21   TRP AAA CA  1 ? 
ATOM   73   C  C   . TRP A 1 23  ? -1.479  -7.766  14.202  1.000 26.813 0 21   TRP AAA C   1 ? 
ATOM   74   O  O   . TRP A 1 23  ? -0.370  -8.201  13.885  1.000 25.992 0 21   TRP AAA O   1 ? 
ATOM   75   C  CB  . TRP A 1 23  ? -2.162  -7.516  11.758  1.000 26.669 0 21   TRP AAA CB  1 ? 
ATOM   76   C  CG  . TRP A 1 23  ? -1.848  -6.085  11.423  1.000 23.223 0 21   TRP AAA CG  1 ? 
ATOM   77   C  CD1 . TRP A 1 23  ? -2.719  -5.208  10.836  1.000 23.171 0 21   TRP AAA CD1 1 ? 
ATOM   78   C  CD2 . TRP A 1 23  ? -0.581  -5.390  11.464  1.000 23.137 0 21   TRP AAA CD2 1 ? 
ATOM   79   N  NE1 . TRP A 1 23  ? -2.112  -4.012  10.568  1.000 20.237 0 21   TRP AAA NE1 1 ? 
ATOM   80   C  CE2 . TRP A 1 23  ? -0.807  -4.081  10.949  1.000 20.443 0 21   TRP AAA CE2 1 ? 
ATOM   81   C  CE3 . TRP A 1 23  ? 0.710   -5.709  11.905  1.000 21.814 0 21   TRP AAA CE3 1 ? 
ATOM   82   C  CZ2 . TRP A 1 23  ? 0.204   -3.129  10.832  1.000 20.021 0 21   TRP AAA CZ2 1 ? 
ATOM   83   C  CZ3 . TRP A 1 23  ? 1.703   -4.761  11.801  1.000 21.621 0 21   TRP AAA CZ3 1 ? 
ATOM   84   C  CH2 . TRP A 1 23  ? 1.458   -3.493  11.267  1.000 21.503 0 21   TRP AAA CH2 1 ? 
ATOM   85   N  N   . GLY A 1 24  ? -1.788  -7.257  15.393  1.000 31.215 0 22   GLY AAA N   1 ? 
ATOM   86   C  CA  . GLY A 1 24  ? -0.831  -7.161  16.514  1.000 30.945 0 22   GLY AAA CA  1 ? 
ATOM   87   C  C   . GLY A 1 24  ? 0.285   -6.177  16.217  1.000 31.469 0 22   GLY AAA C   1 ? 
ATOM   88   O  O   . GLY A 1 24  ? 1.433   -6.442  16.627  1.000 29.069 0 22   GLY AAA O   1 ? 
ATOM   89   N  N   . ALA A 1 25  ? -0.042  -5.054  15.579  1.000 29.005 0 23   ALA AAA N   1 ? 
ATOM   90   C  CA  . ALA A 1 25  ? 0.922   -3.966  15.276  1.000 31.644 0 23   ALA AAA CA  1 ? 
ATOM   91   C  C   . ALA A 1 25  ? 1.492   -3.419  16.590  1.000 31.923 0 23   ALA AAA C   1 ? 
ATOM   92   O  O   . ALA A 1 25  ? 0.731   -3.310  17.565  1.000 29.894 0 23   ALA AAA O   1 ? 
ATOM   93   C  CB  . ALA A 1 25  ? 0.257   -2.861  14.497  1.000 28.531 0 23   ALA AAA CB  1 ? 
ATOM   94   N  N   . ARG A 1 26  ? 2.772   -3.069  16.588  1.000 29.689 0 24   ARG AAA N   1 ? 
ATOM   95   C  CA  . ARG A 1 26  ? 3.407   -2.214  17.614  1.000 34.805 0 24   ARG AAA CA  1 ? 
ATOM   96   C  C   . ARG A 1 26  ? 2.899   -0.785  17.405  1.000 37.928 0 24   ARG AAA C   1 ? 
ATOM   97   O  O   . ARG A 1 26  ? 2.489   -0.438  16.253  1.000 34.720 0 24   ARG AAA O   1 ? 
ATOM   98   C  CB  . ARG A 1 26  ? 4.922   -2.364  17.474  1.000 37.286 0 24   ARG AAA CB  1 ? 
ATOM   99   C  CG  . ARG A 1 26  ? 5.773   -1.446  18.337  1.000 38.229 0 24   ARG AAA CG  1 ? 
ATOM   100  C  CD  . ARG A 1 26  ? 7.254   -1.712  18.099  1.000 36.526 0 24   ARG AAA CD  1 ? 
ATOM   101  N  NE  . ARG A 1 26  ? 7.504   -3.149  18.087  1.000 36.251 0 24   ARG AAA NE  1 ? 
ATOM   102  C  CZ  . ARG A 1 26  ? 7.771   -3.903  17.026  1.000 35.908 0 24   ARG AAA CZ  1 ? 
ATOM   103  N  NH1 . ARG A 1 26  ? 7.899   -3.376  15.819  1.000 37.949 0 24   ARG AAA NH1 1 ? 
ATOM   104  N  NH2 . ARG A 1 26  ? 7.944   -5.205  17.195  1.000 35.118 0 24   ARG AAA NH2 1 ? 
ATOM   105  N  N   . LEU A 1 27  ? 2.896   0.023   18.468  1.000 37.373 0 25   LEU AAA N   1 ? 
ATOM   106  C  CA  . LEU A 1 27  ? 2.483   1.448   18.348  1.000 38.394 0 25   LEU AAA CA  1 ? 
ATOM   107  C  C   . LEU A 1 27  ? 3.468   2.116   17.407  1.000 33.034 0 25   LEU AAA C   1 ? 
ATOM   108  O  O   . LEU A 1 27  ? 4.631   1.722   17.301  1.000 31.409 0 25   LEU AAA O   1 ? 
ATOM   109  C  CB  . LEU A 1 27  ? 2.464   2.165   19.707  1.000 38.884 0 25   LEU AAA CB  1 ? 
ATOM   110  C  CG  . LEU A 1 27  ? 1.239   1.914   20.591  1.000 43.609 0 25   LEU AAA CG  1 ? 
ATOM   111  C  CD1 . LEU A 1 27  ? -0.064  2.341   19.919  1.000 41.685 0 25   LEU AAA CD1 1 ? 
ATOM   112  C  CD2 . LEU A 1 27  ? 1.149   0.462   21.013  1.000 48.326 0 25   LEU AAA CD2 1 ? 
ATOM   113  N  N   . PRO A 1 28  ? 3.015   3.137   16.670  1.000 32.671 0 26   PRO AAA N   1 ? 
ATOM   114  C  CA  . PRO A 1 28  ? 3.945   3.975   15.928  1.000 33.739 0 26   PRO AAA CA  1 ? 
ATOM   115  C  C   . PRO A 1 28  ? 4.763   4.756   16.973  1.000 37.069 0 26   PRO AAA C   1 ? 
ATOM   116  O  O   . PRO A 1 28  ? 4.229   5.080   17.998  1.000 34.753 0 26   PRO AAA O   1 ? 
ATOM   117  C  CB  . PRO A 1 28  ? 3.028   4.830   15.045  1.000 33.331 0 26   PRO AAA CB  1 ? 
ATOM   118  C  CG  . PRO A 1 28  ? 1.708   4.864   15.779  1.000 33.665 0 26   PRO AAA CG  1 ? 
ATOM   119  C  CD  . PRO A 1 28  ? 1.611   3.560   16.541  1.000 31.399 0 26   PRO AAA CD  1 ? 
ATOM   120  N  N   . LYS A 1 29  ? 6.046   4.993   16.727  1.000 39.283 0 27   LYS AAA N   1 ? 
ATOM   121  C  CA  . LYS A 1 29  ? 6.903   5.773   17.655  1.000 41.635 0 27   LYS AAA CA  1 ? 
ATOM   122  C  C   . LYS A 1 29  ? 6.347   7.199   17.661  1.000 44.705 0 27   LYS AAA C   1 ? 
ATOM   123  O  O   . LYS A 1 29  ? 6.401   7.848   18.701  1.000 40.294 0 27   LYS AAA O   1 ? 
ATOM   124  C  CB  . LYS A 1 29  ? 8.372   5.640   17.249  1.000 45.546 0 27   LYS AAA CB  1 ? 
ATOM   125  C  CG  . LYS A 1 29  ? 8.861   4.196   17.232  1.000 50.149 0 27   LYS AAA CG  1 ? 
ATOM   126  C  CD  . LYS A 1 29  ? 10.154  3.951   17.973  1.000 57.731 0 27   LYS AAA CD  1 ? 
ATOM   127  C  CE  . LYS A 1 29  ? 11.371  4.370   17.177  1.000 61.693 0 27   LYS AAA CE  1 ? 
ATOM   128  N  NZ  . LYS A 1 29  ? 11.558  3.510   15.983  1.000 61.928 0 27   LYS AAA NZ  1 ? 
ATOM   129  N  N   . SER A 1 30  ? 5.749   7.628   16.551  1.000 41.249 0 28   SER AAA N   1 ? 
ATOM   130  C  CA  . SER A 1 30  ? 5.274   9.018   16.339  1.000 38.687 0 28   SER AAA CA  1 ? 
ATOM   131  C  C   . SER A 1 30  ? 4.387   9.046   15.092  1.000 38.160 0 28   SER AAA C   1 ? 
ATOM   132  O  O   . SER A 1 30  ? 4.643   8.230   14.191  1.000 33.394 0 28   SER AAA O   1 ? 
ATOM   133  C  CB  . SER A 1 30  ? 6.464   9.946   16.207  1.000 39.614 0 28   SER AAA CB  1 ? 
ATOM   134  O  OG  . SER A 1 30  ? 6.043   11.280  15.991  1.000 41.517 0 28   SER AAA OG  1 ? 
ATOM   135  N  N   . VAL A 1 31  ? 3.402   9.943   15.044  1.000 35.199 0 29   VAL AAA N   1 ? 
ATOM   136  C  CA  . VAL A 1 31  ? 2.435   10.049  13.914  1.000 37.856 0 29   VAL AAA CA  1 ? 
ATOM   137  C  C   . VAL A 1 31  ? 2.422   11.494  13.422  1.000 35.590 0 29   VAL AAA C   1 ? 
ATOM   138  O  O   . VAL A 1 31  ? 2.112   12.381  14.233  1.000 33.227 0 29   VAL AAA O   1 ? 
ATOM   139  C  CB  . VAL A 1 31  ? 1.038   9.569   14.346  1.000 38.411 0 29   VAL AAA CB  1 ? 
ATOM   140  C  CG1 . VAL A 1 31  ? 0.006   9.766   13.251  1.000 40.235 0 29   VAL AAA CG1 1 ? 
ATOM   141  C  CG2 . VAL A 1 31  ? 1.075   8.111   14.816  1.000 38.170 0 29   VAL AAA CG2 1 ? 
ATOM   142  N  N   . GLU A 1 32  ? 2.759   11.714  12.151  1.000 31.739 0 30   GLU AAA N   1 ? 
ATOM   143  C  CA  . GLU A 1 32  ? 2.531   13.014  11.472  1.000 34.810 0 30   GLU AAA CA  1 ? 
ATOM   144  C  C   . GLU A 1 32  ? 1.377   12.905  10.475  1.000 37.609 0 30   GLU AAA C   1 ? 
ATOM   145  O  O   . GLU A 1 32  ? 1.381   11.955  9.659   1.000 37.029 0 30   GLU AAA O   1 ? 
ATOM   146  C  CB  . GLU A 1 32  ? 3.785   13.440  10.741  1.000 37.149 0 30   GLU AAA CB  1 ? 
ATOM   147  C  CG  . GLU A 1 32  ? 4.988   13.371  11.633  1.000 42.227 0 30   GLU AAA CG  1 ? 
ATOM   148  C  CD  . GLU A 1 32  ? 6.010   14.382  11.208  1.000 45.268 0 30   GLU AAA CD  1 ? 
ATOM   149  O  OE1 . GLU A 1 32  ? 7.071   13.956  10.712  1.000 49.301 0 30   GLU AAA OE1 1 ? 
ATOM   150  O  OE2 . GLU A 1 32  ? 5.709   15.596  11.358  1.000 58.306 0 30   GLU AAA OE2 1 ? 
ATOM   151  N  N   . HIS A 1 33  ? 0.473   13.881  10.504  1.000 34.961 0 31   HIS AAA N   1 ? 
ATOM   152  C  CA  . HIS A 1 33  ? -0.741  13.933  9.654   1.000 36.179 0 31   HIS AAA CA  1 ? 
ATOM   153  C  C   . HIS A 1 33  ? -0.497  14.818  8.429   1.000 36.518 0 31   HIS AAA C   1 ? 
ATOM   154  O  O   . HIS A 1 33  ? 0.460   15.635  8.436   1.000 36.053 0 31   HIS AAA O   1 ? 
ATOM   155  C  CB  . HIS A 1 33  ? -1.941  14.374  10.494  1.000 36.602 0 31   HIS AAA CB  1 ? 
ATOM   156  C  CG  . HIS A 1 33  ? -2.215  13.405  11.594  1.000 38.229 0 31   HIS AAA CG  1 ? 
ATOM   157  N  ND1 . HIS A 1 33  ? -3.145  12.408  11.466  1.000 40.342 0 31   HIS AAA ND1 1 ? 
ATOM   158  C  CD2 . HIS A 1 33  ? -1.640  13.228  12.803  1.000 39.313 0 31   HIS AAA CD2 1 ? 
ATOM   159  C  CE1 . HIS A 1 33  ? -3.173  11.681  12.563  1.000 37.993 0 31   HIS AAA CE1 1 ? 
ATOM   160  N  NE2 . HIS A 1 33  ? -2.251  12.158  13.392  1.000 40.645 0 31   HIS AAA NE2 1 ? 
ATOM   161  N  N   . PHE A 1 34  ? -1.307  14.618  7.390   1.000 32.147 0 32   PHE AAA N   1 ? 
ATOM   162  C  CA  . PHE A 1 34  ? -1.540  15.616  6.328   1.000 29.938 0 32   PHE AAA CA  1 ? 
ATOM   163  C  C   . PHE A 1 34  ? -3.053  15.811  6.270   1.000 31.418 0 32   PHE AAA C   1 ? 
ATOM   164  O  O   . PHE A 1 34  ? -3.810  14.967  6.794   1.000 29.127 0 32   PHE AAA O   1 ? 
ATOM   165  C  CB  . PHE A 1 34  ? -0.829  15.210  5.033   1.000 29.187 0 32   PHE AAA CB  1 ? 
ATOM   166  C  CG  . PHE A 1 34  ? -1.376  13.972  4.359   1.000 27.763 0 32   PHE AAA CG  1 ? 
ATOM   167  C  CD1 . PHE A 1 34  ? -2.514  14.034  3.564   1.000 28.856 0 32   PHE AAA CD1 1 ? 
ATOM   168  C  CD2 . PHE A 1 34  ? -0.761  12.738  4.533   1.000 28.034 0 32   PHE AAA CD2 1 ? 
ATOM   169  C  CE1 . PHE A 1 34  ? -2.998  12.903  2.920   1.000 28.609 0 32   PHE AAA CE1 1 ? 
ATOM   170  C  CE2 . PHE A 1 34  ? -1.249  11.607  3.890   1.000 26.973 0 32   PHE AAA CE2 1 ? 
ATOM   171  C  CZ  . PHE A 1 34  ? -2.357  11.691  3.085   1.000 27.974 0 32   PHE AAA CZ  1 ? 
ATOM   172  N  N   . GLN A 1 35  ? -3.484  16.943  5.730   1.000 33.895 0 33   GLN AAA N   1 ? 
ATOM   173  C  CA  . GLN A 1 35  ? -4.914  17.334  5.760   1.000 39.341 0 33   GLN AAA CA  1 ? 
ATOM   174  C  C   . GLN A 1 35  ? -5.493  17.093  4.363   1.000 39.043 0 33   GLN AAA C   1 ? 
ATOM   175  O  O   . GLN A 1 35  ? -4.722  17.083  3.392   1.000 37.319 0 33   GLN AAA O   1 ? 
ATOM   176  C  CB  . GLN A 1 35  ? -5.075  18.783  6.249   1.000 39.805 0 33   GLN AAA CB  1 ? 
ATOM   177  C  CG  . GLN A 1 35  ? -4.787  18.952  7.745   1.000 39.626 0 33   GLN AAA CG  1 ? 
ATOM   178  C  CD  . GLN A 1 35  ? -3.312  18.912  8.101   1.000 42.106 0 33   GLN AAA CD  1 ? 
ATOM   179  O  OE1 . GLN A 1 35  ? -2.484  19.612  7.519   1.000 41.367 0 33   GLN AAA OE1 1 ? 
ATOM   180  N  NE2 . GLN A 1 35  ? -2.948  18.080  9.065   1.000 43.371 0 33   GLN AAA NE2 1 ? 
ATOM   181  N  N   . GLY A 1 36  ? -6.815  16.939  4.293   1.000 38.575 0 34   GLY AAA N   1 ? 
ATOM   182  C  CA  . GLY A 1 36  ? -7.562  16.956  3.026   1.000 37.838 0 34   GLY AAA CA  1 ? 
ATOM   183  C  C   . GLY A 1 36  ? -7.392  15.613  2.349   1.000 37.670 0 34   GLY AAA C   1 ? 
ATOM   184  O  O   . GLY A 1 36  ? -6.518  14.834  2.740   1.000 39.319 0 34   GLY AAA O   1 ? 
ATOM   185  N  N   . PRO A 1 37  ? -8.232  15.295  1.350   1.000 32.213 0 35   PRO AAA N   1 ? 
ATOM   186  C  CA  . PRO A 1 37  ? -8.151  13.993  0.690   1.000 33.067 0 35   PRO AAA CA  1 ? 
ATOM   187  C  C   . PRO A 1 37  ? -6.806  13.840  -0.049  1.000 30.504 0 35   PRO AAA C   1 ? 
ATOM   188  O  O   . PRO A 1 37  ? -6.302  14.795  -0.634  1.000 27.703 0 35   PRO AAA O   1 ? 
ATOM   189  C  CB  . PRO A 1 37  ? -9.361  14.000  -0.253  1.000 34.171 0 35   PRO AAA CB  1 ? 
ATOM   190  C  CG  . PRO A 1 37  ? -9.616  15.458  -0.513  1.000 35.064 0 35   PRO AAA CG  1 ? 
ATOM   191  C  CD  . PRO A 1 37  ? -9.251  16.173  0.773   1.000 33.456 0 35   PRO AAA CD  1 ? 
ATOM   192  N  N   . ALA A 1 38  ? -6.220  12.651  0.019   1.000 27.534 0 36   ALA AAA N   1 ? 
ATOM   193  C  CA  . ALA A 1 38  ? -4.963  12.293  -0.678  1.000 22.753 0 36   ALA AAA CA  1 ? 
ATOM   194  C  C   . ALA A 1 38  ? -5.142  12.493  -2.169  1.000 22.691 0 36   ALA AAA C   1 ? 
ATOM   195  O  O   . ALA A 1 38  ? -6.040  11.904  -2.763  1.000 22.709 0 36   ALA AAA O   1 ? 
ATOM   196  C  CB  . ALA A 1 38  ? -4.592  10.863  -0.361  1.000 23.405 0 36   ALA AAA CB  1 ? 
ATOM   197  N  N   . PRO A 1 39  ? -4.324  13.337  -2.845  1.000 24.267 0 37   PRO AAA N   1 ? 
ATOM   198  C  CA  . PRO A 1 39  ? -4.405  13.448  -4.301  1.000 25.483 0 37   PRO AAA CA  1 ? 
ATOM   199  C  C   . PRO A 1 39  ? -3.757  12.286  -5.056  1.000 24.322 0 37   PRO AAA C   1 ? 
ATOM   200  O  O   . PRO A 1 39  ? -4.046  12.155  -6.239  1.000 24.379 0 37   PRO AAA O   1 ? 
ATOM   201  C  CB  . PRO A 1 39  ? -3.625  14.732  -4.623  1.000 24.772 0 37   PRO AAA CB  1 ? 
ATOM   202  C  CG  . PRO A 1 39  ? -2.657  14.865  -3.466  1.000 25.930 0 37   PRO AAA CG  1 ? 
ATOM   203  C  CD  . PRO A 1 39  ? -3.393  14.315  -2.260  1.000 24.805 0 37   PRO AAA CD  1 ? 
ATOM   204  N  N   . TYR A 1 40  ? -2.921  11.477  -4.381  1.000 23.583 0 38   TYR AAA N   1 ? 
ATOM   205  C  CA  . TYR A 1 40  ? -2.204  10.337  -5.014  1.000 21.621 0 38   TYR AAA CA  1 ? 
ATOM   206  C  C   . TYR A 1 40  ? -2.490  9.012   -4.312  1.000 18.729 0 38   TYR AAA C   1 ? 
ATOM   207  O  O   . TYR A 1 40  ? -2.578  8.978   -3.093  1.000 18.369 0 38   TYR AAA O   1 ? 
ATOM   208  C  CB  . TYR A 1 40  ? -0.692  10.546  -5.004  1.000 24.377 0 38   TYR AAA CB  1 ? 
ATOM   209  C  CG  . TYR A 1 40  ? -0.243  11.713  -5.840  1.000 26.467 0 38   TYR AAA CG  1 ? 
ATOM   210  C  CD1 . TYR A 1 40  ? -0.094  12.960  -5.270  1.000 29.755 0 38   TYR AAA CD1 1 ? 
ATOM   211  C  CD2 . TYR A 1 40  ? -0.045  11.583  -7.206  1.000 29.927 0 38   TYR AAA CD2 1 ? 
ATOM   212  C  CE1 . TYR A 1 40  ? 0.245   14.060  -6.033  1.000 32.110 0 38   TYR AAA CE1 1 ? 
ATOM   213  C  CE2 . TYR A 1 40  ? 0.338   12.666  -7.982  1.000 31.047 0 38   TYR AAA CE2 1 ? 
ATOM   214  C  CZ  . TYR A 1 40  ? 0.501   13.902  -7.381  1.000 32.789 0 38   TYR AAA CZ  1 ? 
ATOM   215  O  OH  . TYR A 1 40  ? 0.876   14.996  -8.092  1.000 40.572 0 38   TYR AAA OH  1 ? 
ATOM   216  N  N   . VAL A 1 41  ? -2.593  7.941   -5.110  1.000 19.423 0 39   VAL AAA N   1 ? 
ATOM   217  C  CA  . VAL A 1 41  ? -2.505  6.540   -4.646  1.000 17.850 0 39   VAL AAA CA  1 ? 
ATOM   218  C  C   . VAL A 1 41  ? -1.279  5.895   -5.280  1.000 18.373 0 39   VAL AAA C   1 ? 
ATOM   219  O  O   . VAL A 1 41  ? -1.175  5.829   -6.539  1.000 19.485 0 39   VAL AAA O   1 ? 
ATOM   220  C  CB  . VAL A 1 41  ? -3.800  5.775   -4.951  1.000 18.090 0 39   VAL AAA CB  1 ? 
ATOM   221  C  CG1 . VAL A 1 41  ? -3.676  4.309   -4.603  1.000 18.979 0 39   VAL AAA CG1 1 ? 
ATOM   222  C  CG2 . VAL A 1 41  ? -4.963  6.418   -4.205  1.000 19.033 0 39   VAL AAA CG2 1 ? 
ATOM   223  N  N   . ILE A 1 42  ? -0.379  5.377   -4.459  1.000 18.287 0 40   ILE AAA N   1 ? 
ATOM   224  C  CA  . ILE A 1 42  ? 0.860   4.772   -5.009  1.000 16.949 0 40   ILE AAA CA  1 ? 
ATOM   225  C  C   . ILE A 1 42  ? 0.888   3.286   -4.664  1.000 16.410 0 40   ILE AAA C   1 ? 
ATOM   226  O  O   . ILE A 1 42  ? 0.825   2.958   -3.467  1.000 14.575 0 40   ILE AAA O   1 ? 
ATOM   227  C  CB  . ILE A 1 42  ? 2.111   5.523   -4.548  1.000 18.984 0 40   ILE AAA CB  1 ? 
ATOM   228  C  CG1 . ILE A 1 42  ? 2.068   6.968   -5.053  1.000 21.245 0 40   ILE AAA CG1 1 ? 
ATOM   229  C  CG2 . ILE A 1 42  ? 3.358   4.770   -5.031  1.000 18.032 0 40   ILE AAA CG2 1 ? 
ATOM   230  C  CD1 . ILE A 1 42  ? 2.915   7.874   -4.259  1.000 23.340 0 40   ILE AAA CD1 1 ? 
ATOM   231  N  N   . ILE A 1 43  ? 1.047   2.446   -5.694  1.000 14.225 0 41   ILE AAA N   1 ? 
ATOM   232  C  CA  . ILE A 1 43  ? 1.055   0.965   -5.564  1.000 15.334 0 41   ILE AAA CA  1 ? 
ATOM   233  C  C   . ILE A 1 43  ? 2.507   0.497   -5.485  1.000 14.901 0 41   ILE AAA C   1 ? 
ATOM   234  O  O   . ILE A 1 43  ? 3.365   0.964   -6.312  1.000 15.122 0 41   ILE AAA O   1 ? 
ATOM   235  C  CB  . ILE A 1 43  ? 0.273   0.299   -6.715  1.000 16.423 0 41   ILE AAA CB  1 ? 
ATOM   236  C  CG1 . ILE A 1 43  ? -1.147  0.865   -6.827  1.000 17.415 0 41   ILE AAA CG1 1 ? 
ATOM   237  C  CG2 . ILE A 1 43  ? 0.252   -1.216  -6.529  1.000 15.321 0 41   ILE AAA CG2 1 ? 
ATOM   238  C  CD1 . ILE A 1 43  ? -2.007  0.661   -5.596  1.000 18.251 0 41   ILE AAA CD1 1 ? 
ATOM   239  N  N   . HIS A 1 44  ? 2.747   -0.372  -4.518  1.000 15.675 0 42   HIS AAA N   1 ? 
ATOM   240  C  CA  . HIS A 1 44  ? 4.005   -1.107  -4.254  1.000 16.157 0 42   HIS AAA CA  1 ? 
ATOM   241  C  C   . HIS A 1 44  ? 3.732   -2.615  -4.261  1.000 17.496 0 42   HIS AAA C   1 ? 
ATOM   242  O  O   . HIS A 1 44  ? 2.569   -3.065  -4.006  1.000 16.812 0 42   HIS AAA O   1 ? 
ATOM   243  C  CB  . HIS A 1 44  ? 4.557   -0.707  -2.871  1.000 16.693 0 42   HIS AAA CB  1 ? 
ATOM   244  C  CG  . HIS A 1 44  ? 4.753   0.753   -2.656  1.000 16.468 0 42   HIS AAA CG  1 ? 
ATOM   245  N  ND1 . HIS A 1 44  ? 5.956   1.389   -2.910  1.000 17.730 0 42   HIS AAA ND1 1 ? 
ATOM   246  C  CD2 . HIS A 1 44  ? 3.910   1.716   -2.206  1.000 17.789 0 42   HIS AAA CD2 1 ? 
ATOM   247  C  CE1 . HIS A 1 44  ? 5.850   2.660   -2.637  1.000 17.745 0 42   HIS AAA CE1 1 ? 
ATOM   248  N  NE2 . HIS A 1 44  ? 4.608   2.892   -2.204  1.000 18.419 0 42   HIS AAA NE2 1 ? 
ATOM   249  N  N   . HIS A 1 45  ? 4.798   -3.402  -4.371  1.000 18.023 0 43   HIS AAA N   1 ? 
ATOM   250  C  CA  . HIS A 1 45  ? 4.826   -4.805  -3.875  1.000 18.768 0 43   HIS AAA CA  1 ? 
ATOM   251  C  C   . HIS A 1 45  ? 5.863   -4.881  -2.755  1.000 18.627 0 43   HIS AAA C   1 ? 
ATOM   252  O  O   . HIS A 1 45  ? 6.734   -3.984  -2.677  1.000 19.038 0 43   HIS AAA O   1 ? 
ATOM   253  C  CB  . HIS A 1 45  ? 5.027   -5.809  -5.032  1.000 19.235 0 43   HIS AAA CB  1 ? 
ATOM   254  C  CG  . HIS A 1 45  ? 6.399   -5.836  -5.621  1.000 20.958 0 43   HIS AAA CG  1 ? 
ATOM   255  N  ND1 . HIS A 1 45  ? 6.849   -6.912  -6.376  1.000 20.895 0 43   HIS AAA ND1 1 ? 
ATOM   256  C  CD2 . HIS A 1 45  ? 7.436   -4.957  -5.531  1.000 21.148 0 43   HIS AAA CD2 1 ? 
ATOM   257  C  CE1 . HIS A 1 45  ? 8.120   -6.688  -6.722  1.000 21.775 0 43   HIS AAA CE1 1 ? 
ATOM   258  N  NE2 . HIS A 1 45  ? 8.488   -5.473  -6.243  1.000 20.539 0 43   HIS AAA NE2 1 ? 
ATOM   259  N  N   . SER A 1 46  ? 5.718   -5.845  -1.855  1.000 20.474 0 44   SER AAA N   1 ? 
ATOM   260  C  CA  . SER A 1 46  ? 6.644   -6.028  -0.713  1.000 21.639 0 44   SER AAA CA  1 ? 
ATOM   261  C  C   . SER A 1 46  ? 7.961   -6.604  -1.243  1.000 23.536 0 44   SER AAA C   1 ? 
ATOM   262  O  O   . SER A 1 46  ? 9.023   -6.196  -0.707  1.000 21.572 0 44   SER AAA O   1 ? 
ATOM   263  C  CB  . SER A 1 46  ? 6.061   -6.856  0.393   1.000 21.114 0 44   SER AAA CB  1 ? 
ATOM   264  O  OG  . SER A 1 46  ? 5.747   -8.160  -0.041  1.000 22.184 0 44   SER AAA OG  1 ? 
ATOM   265  N  N   . TYR A 1 47  ? 7.892   -7.436  -2.291  1.000 23.466 0 45   TYR AAA N   1 ? 
ATOM   266  C  CA  . TYR A 1 47  ? 9.024   -8.238  -2.834  1.000 27.793 0 45   TYR AAA CA  1 ? 
ATOM   267  C  C   . TYR A 1 47  ? 9.384   -9.314  -1.802  1.000 26.702 0 45   TYR AAA C   1 ? 
ATOM   268  O  O   . TYR A 1 47  ? 9.223   -10.495 -2.048  1.000 26.113 0 45   TYR AAA O   1 ? 
ATOM   269  C  CB  . TYR A 1 47  ? 10.244  -7.378  -3.197  1.000 27.889 0 45   TYR AAA CB  1 ? 
ATOM   270  C  CG  . TYR A 1 47  ? 11.368  -8.208  -3.771  1.000 31.915 0 45   TYR AAA CG  1 ? 
ATOM   271  C  CD1 . TYR A 1 47  ? 11.277  -8.704  -5.063  1.000 34.496 0 45   TYR AAA CD1 1 ? 
ATOM   272  C  CD2 . TYR A 1 47  ? 12.461  -8.594  -3.002  1.000 36.032 0 45   TYR AAA CD2 1 ? 
ATOM   273  C  CE1 . TYR A 1 47  ? 12.269  -9.510  -5.600  1.000 36.327 0 45   TYR AAA CE1 1 ? 
ATOM   274  C  CE2 . TYR A 1 47  ? 13.459  -9.412  -3.523  1.000 37.089 0 45   TYR AAA CE2 1 ? 
ATOM   275  C  CZ  . TYR A 1 47  ? 13.361  -9.869  -4.830  1.000 37.250 0 45   TYR AAA CZ  1 ? 
ATOM   276  O  OH  . TYR A 1 47  ? 14.317  -10.679 -5.389  1.000 46.483 0 45   TYR AAA OH  1 ? 
ATOM   277  N  N   . MET A 1 48  ? 9.852   -8.878  -0.640  1.000 31.163 0 46   MET AAA N   1 ? 
ATOM   278  C  CA  . MET A 1 48  ? 10.049  -9.714  0.569   1.000 32.455 0 46   MET AAA CA  1 ? 
ATOM   279  C  C   . MET A 1 48  ? 9.335   -8.976  1.688   1.000 31.457 0 46   MET AAA C   1 ? 
ATOM   280  O  O   . MET A 1 48  ? 9.704   -7.829  1.933   1.000 30.217 0 46   MET AAA O   1 ? 
ATOM   281  C  CB  . MET A 1 48  ? 11.541  -9.827  0.924   1.000 38.640 0 46   MET AAA CB  1 ? 
ATOM   282  C  CG  . MET A 1 48  ? 12.187  -11.129 0.497   1.000 46.944 0 46   MET AAA CG  1 ? 
ATOM   283  S  SD  . MET A 1 48  ? 11.433  -12.580 1.300   1.000 65.737 0 46   MET AAA SD  1 ? 
ATOM   284  C  CE  . MET A 1 48  ? 11.501  -12.118 3.033   1.000 63.020 0 46   MET AAA CE  1 ? 
ATOM   285  N  N   . PRO A 1 49  ? 8.343   -9.574  2.394   1.000 28.424 0 47   PRO AAA N   1 ? 
ATOM   286  C  CA  . PRO A 1 49  ? 7.989   -10.980 2.228   1.000 29.525 0 47   PRO AAA CA  1 ? 
ATOM   287  C  C   . PRO A 1 49  ? 7.276   -11.350 0.921   1.000 29.928 0 47   PRO AAA C   1 ? 
ATOM   288  O  O   . PRO A 1 49  ? 6.764   -10.482 0.211   1.000 33.225 0 47   PRO AAA O   1 ? 
ATOM   289  C  CB  . PRO A 1 49  ? 7.060   -11.309 3.408   1.000 30.027 0 47   PRO AAA CB  1 ? 
ATOM   290  C  CG  . PRO A 1 49  ? 6.968   -10.056 4.249   1.000 28.141 0 47   PRO AAA CG  1 ? 
ATOM   291  C  CD  . PRO A 1 49  ? 7.532   -8.926  3.423   1.000 28.574 0 47   PRO AAA CD  1 ? 
ATOM   292  N  N   . ALA A 1 50  ? 7.306   -12.648 0.632   1.000 26.447 0 48   ALA AAA N   1 ? 
ATOM   293  C  CA  . ALA A 1 50  ? 6.648   -13.299 -0.516  1.000 28.223 0 48   ALA AAA CA  1 ? 
ATOM   294  C  C   . ALA A 1 50  ? 5.133   -13.388 -0.240  1.000 25.586 0 48   ALA AAA C   1 ? 
ATOM   295  O  O   . ALA A 1 50  ? 4.727   -13.135 0.886   1.000 26.586 0 48   ALA AAA O   1 ? 
ATOM   296  C  CB  . ALA A 1 50  ? 7.277   -14.663 -0.738  1.000 28.098 0 48   ALA AAA CB  1 ? 
ATOM   297  N  N   . VAL A 1 51  ? 4.346   -13.750 -1.247  1.000 28.251 0 49   VAL AAA N   1 ? 
ATOM   298  C  CA  . VAL A 1 51  ? 2.861   -13.860 -1.165  1.000 30.478 0 49   VAL AAA CA  1 ? 
ATOM   299  C  C   . VAL A 1 51  ? 2.489   -14.639 0.110   1.000 29.266 0 49   VAL AAA C   1 ? 
ATOM   300  O  O   . VAL A 1 51  ? 3.186   -15.570 0.450   1.000 29.074 0 49   VAL AAA O   1 ? 
ATOM   301  C  CB  . VAL A 1 51  ? 2.291   -14.483 -2.451  1.000 31.362 0 49   VAL AAA CB  1 ? 
ATOM   302  C  CG1 . VAL A 1 51  ? 2.779   -15.901 -2.699  1.000 30.705 0 49   VAL AAA CG1 1 ? 
ATOM   303  C  CG2 . VAL A 1 51  ? 0.781   -14.424 -2.444  1.000 36.035 0 49   VAL AAA CG2 1 ? 
ATOM   304  N  N   . CYS A 1 52  ? 1.435   -14.237 0.820   1.000 28.200 0 50   CYS AAA N   1 ? 
ATOM   305  C  CA  . CYS A 1 52  ? 0.890   -14.920 2.017   1.000 26.193 0 50   CYS AAA CA  1 ? 
ATOM   306  C  C   . CYS A 1 52  ? -0.562  -15.291 1.675   1.000 32.045 0 50   CYS AAA C   1 ? 
ATOM   307  O  O   . CYS A 1 52  ? -1.241  -14.452 1.046   1.000 27.163 0 50   CYS AAA O   1 ? 
ATOM   308  C  CB  . CYS A 1 52  ? 0.992   -14.017 3.243   1.000 28.759 0 50   CYS AAA CB  1 ? 
ATOM   309  S  SG  . CYS A 1 52  ? 0.128   -12.419 3.079   1.000 33.483 0 50   CYS AAA SG  1 ? 
ATOM   310  N  N   . TYR A 1 53  ? -1.005  -16.519 1.978   1.000 28.583 0 51   TYR AAA N   1 ? 
ATOM   311  C  CA  . TYR A 1 53  ? -2.289  -17.062 1.476   1.000 32.246 0 51   TYR AAA CA  1 ? 
ATOM   312  C  C   . TYR A 1 53  ? -3.297  -17.206 2.601   1.000 32.892 0 51   TYR AAA C   1 ? 
ATOM   313  O  O   . TYR A 1 53  ? -4.482  -17.319 2.326   1.000 38.613 0 51   TYR AAA O   1 ? 
ATOM   314  C  CB  . TYR A 1 53  ? -2.082  -18.396 0.762   1.000 34.954 0 51   TYR AAA CB  1 ? 
ATOM   315  C  CG  . TYR A 1 53  ? -1.543  -18.215 -0.626  1.000 35.386 0 51   TYR AAA CG  1 ? 
ATOM   316  C  CD1 . TYR A 1 53  ? -0.266  -18.626 -0.938  1.000 36.991 0 51   TYR AAA CD1 1 ? 
ATOM   317  C  CD2 . TYR A 1 53  ? -2.285  -17.561 -1.600  1.000 38.164 0 51   TYR AAA CD2 1 ? 
ATOM   318  C  CE1 . TYR A 1 53  ? 0.249   -18.449 -2.206  1.000 37.587 0 51   TYR AAA CE1 1 ? 
ATOM   319  C  CE2 . TYR A 1 53  ? -1.775  -17.356 -2.869  1.000 37.244 0 51   TYR AAA CE2 1 ? 
ATOM   320  C  CZ  . TYR A 1 53  ? -0.509  -17.819 -3.169  1.000 39.675 0 51   TYR AAA CZ  1 ? 
ATOM   321  O  OH  . TYR A 1 53  ? 0.039   -17.650 -4.402  1.000 46.965 0 51   TYR AAA OH  1 ? 
ATOM   322  N  N   . SER A 1 54  ? -2.834  -17.137 3.831   1.000 30.728 0 52   SER AAA N   1 ? 
ATOM   323  C  CA  . SER A 1 54  ? -3.700  -17.269 5.014   1.000 27.981 0 52   SER AAA CA  1 ? 
ATOM   324  C  C   . SER A 1 54  ? -3.529  -16.009 5.853   1.000 28.484 0 52   SER AAA C   1 ? 
ATOM   325  O  O   . SER A 1 54  ? -2.430  -15.385 5.819   1.000 27.569 0 52   SER AAA O   1 ? 
ATOM   326  C  CB  . SER A 1 54  ? -3.385  -18.534 5.748   1.000 26.777 0 52   SER AAA CB  1 ? 
ATOM   327  O  OG  . SER A 1 54  ? -2.256  -18.371 6.557   1.000 25.674 0 52   SER AAA OG  1 ? 
ATOM   328  N  N   . THR A 1 55  ? -4.603  -15.616 6.530   1.000 24.991 0 53   THR AAA N   1 ? 
ATOM   329  C  CA  . THR A 1 55  ? -4.600  -14.426 7.399   1.000 25.020 0 53   THR AAA CA  1 ? 
ATOM   330  C  C   . THR A 1 55  ? -3.503  -14.546 8.455   1.000 25.394 0 53   THR AAA C   1 ? 
ATOM   331  O  O   . THR A 1 55  ? -2.792  -13.577 8.725   1.000 25.088 0 53   THR AAA O   1 ? 
ATOM   332  C  CB  . THR A 1 55  ? -5.998  -14.193 7.964   1.000 24.696 0 53   THR AAA CB  1 ? 
ATOM   333  O  OG1 . THR A 1 55  ? -6.826  -13.907 6.839   1.000 23.778 0 53   THR AAA OG1 1 ? 
ATOM   334  C  CG2 . THR A 1 55  ? -5.985  -13.083 8.987   1.000 23.261 0 53   THR AAA CG2 1 ? 
ATOM   335  N  N   . PRO A 1 56  ? -3.314  -15.716 9.111   1.000 26.728 0 54   PRO AAA N   1 ? 
ATOM   336  C  CA  . PRO A 1 56  ? -2.216  -15.872 10.065  1.000 25.141 0 54   PRO AAA CA  1 ? 
ATOM   337  C  C   . PRO A 1 56  ? -0.852  -15.493 9.469   1.000 25.618 0 54   PRO AAA C   1 ? 
ATOM   338  O  O   . PRO A 1 56  ? -0.081  -14.753 10.125  1.000 28.960 0 54   PRO AAA O   1 ? 
ATOM   339  C  CB  . PRO A 1 56  ? -2.301  -17.368 10.414  1.000 26.373 0 54   PRO AAA CB  1 ? 
ATOM   340  C  CG  . PRO A 1 56  ? -3.754  -17.668 10.271  1.000 24.609 0 54   PRO AAA CG  1 ? 
ATOM   341  C  CD  . PRO A 1 56  ? -4.109  -16.953 8.989   1.000 25.510 0 54   PRO AAA CD  1 ? 
ATOM   342  N  N   . ASP A 1 57  ? -0.577  -15.967 8.254   1.000 24.268 0 55   ASP AAA N   1 ? 
ATOM   343  C  CA  . ASP A 1 57  ? 0.695   -15.653 7.555   1.000 26.317 0 55   ASP AAA CA  1 ? 
ATOM   344  C  C   . ASP A 1 57  ? 0.734   -14.177 7.153   1.000 25.333 0 55   ASP AAA C   1 ? 
ATOM   345  O  O   . ASP A 1 57  ? 1.821   -13.571 7.227   1.000 24.247 0 55   ASP AAA O   1 ? 
ATOM   346  C  CB  . ASP A 1 57  ? 0.931   -16.554 6.357   1.000 25.820 0 55   ASP AAA CB  1 ? 
ATOM   347  C  CG  . ASP A 1 57  ? 0.957   -18.022 6.728   1.000 29.277 0 55   ASP AAA CG  1 ? 
ATOM   348  O  OD1 . ASP A 1 57  ? 1.122   -18.321 7.941   1.000 34.673 0 55   ASP AAA OD1 1 ? 
ATOM   349  O  OD2 . ASP A 1 57  ? 0.788   -18.837 5.825   1.000 28.750 0 55   ASP AAA OD2 1 ? 
ATOM   350  N  N   . CYS A 1 58  ? -0.379  -13.608 6.715   1.000 26.201 0 56   CYS AAA N   1 ? 
ATOM   351  C  CA  . CYS A 1 58  ? -0.395  -12.187 6.256   1.000 25.906 0 56   CYS AAA CA  1 ? 
ATOM   352  C  C   . CYS A 1 58  ? -0.215  -11.230 7.433   1.000 25.243 0 56   CYS AAA C   1 ? 
ATOM   353  O  O   . CYS A 1 58  ? 0.473   -10.221 7.264   1.000 22.108 0 56   CYS AAA O   1 ? 
ATOM   354  C  CB  . CYS A 1 58  ? -1.676  -11.874 5.504   1.000 26.559 0 56   CYS AAA CB  1 ? 
ATOM   355  S  SG  . CYS A 1 58  ? -1.766  -12.787 3.947   1.000 25.430 0 56   CYS AAA SG  1 ? 
ATOM   356  N  N   . MET A 1 59  ? -0.794  -11.536 8.589   1.000 23.791 0 57   MET AAA N   1 ? 
ATOM   357  C  CA  . MET A 1 59  ? -0.591  -10.742 9.820   1.000 26.171 0 57   MET AAA CA  1 ? 
ATOM   358  C  C   . MET A 1 59  ? 0.885   -10.789 10.210  1.000 26.222 0 57   MET AAA C   1 ? 
ATOM   359  O  O   . MET A 1 59  ? 1.414   -9.707  10.591  1.000 24.996 0 57   MET AAA O   1 ? 
ATOM   360  C  CB  . MET A 1 59  ? -1.446  -11.282 10.964  1.000 26.805 0 57   MET AAA CB  1 ? 
ATOM   361  C  CG  . MET A 1 59  ? -2.927  -11.140 10.690  1.000 29.398 0 57   MET AAA CG  1 ? 
ATOM   362  S  SD  . MET A 1 59  ? -3.900  -11.944 11.991  1.000 34.032 0 57   MET AAA SD  1 ? 
ATOM   363  C  CE  . MET A 1 59  ? -5.425  -10.996 11.957  1.000 35.705 0 57   MET AAA CE  1 ? 
ATOM   364  N  N   . LYS A 1 60  ? 1.519   -11.976 10.133  1.000 24.855 0 58   LYS AAA N   1 ? 
ATOM   365  C  CA  . LYS A 1 60  ? 2.973   -12.140 10.423  1.000 26.434 0 58   LYS AAA CA  1 ? 
ATOM   366  C  C   . LYS A 1 60  ? 3.769   -11.318 9.400   1.000 25.726 0 58   LYS AAA C   1 ? 
ATOM   367  O  O   . LYS A 1 60  ? 4.745   -10.645 9.787   1.000 26.000 0 58   LYS AAA O   1 ? 
ATOM   368  C  CB  . LYS A 1 60  ? 3.405   -13.619 10.404  1.000 28.926 0 58   LYS AAA CB  1 ? 
ATOM   369  N  N   . SER A 1 61  ? 3.379   -11.359 8.125   1.000 25.235 0 59   SER AAA N   1 ? 
ATOM   370  C  CA  . SER A 1 61  ? 4.023   -10.557 7.042   1.000 25.649 0 59   SER AAA CA  1 ? 
ATOM   371  C  C   . SER A 1 61  ? 3.940   -9.067  7.401   1.000 22.327 0 59   SER AAA C   1 ? 
ATOM   372  O  O   . SER A 1 61  ? 4.955   -8.387  7.284   1.000 20.238 0 59   SER AAA O   1 ? 
ATOM   373  C  CB  . SER A 1 61  ? 3.440   -10.844 5.673   1.000 28.217 0 59   SER AAA CB  1 ? 
ATOM   374  O  OG  . SER A 1 61  ? 3.709   -12.182 5.281   1.000 30.272 0 59   SER AAA OG  1 ? 
ATOM   375  N  N   . MET A 1 62  ? 2.809   -8.591  7.928   1.000 23.135 0 60   MET AAA N   1 ? 
ATOM   376  C  CA  . MET A 1 62  ? 2.671   -7.157  8.312   1.000 22.111 0 60   MET AAA CA  1 ? 
ATOM   377  C  C   . MET A 1 62  ? 3.628   -6.849  9.472   1.000 22.155 0 60   MET AAA C   1 ? 
ATOM   378  O  O   . MET A 1 62  ? 4.292   -5.822  9.392   1.000 18.941 0 60   MET AAA O   1 ? 
ATOM   379  C  CB  . MET A 1 62  ? 1.228   -6.773  8.658   1.000 22.547 0 60   MET AAA CB  1 ? 
ATOM   380  C  CG  . MET A 1 62  ? 0.311   -6.733  7.456   1.000 20.981 0 60   MET AAA CG  1 ? 
ATOM   381  S  SD  . MET A 1 62  ? 0.716   -5.448  6.238   1.000 23.590 0 60   MET AAA SD  1 ? 
ATOM   382  C  CE  . MET A 1 62  ? 0.263   -3.973  7.142   1.000 23.772 0 60   MET AAA CE  1 ? 
ATOM   383  N  N   . ARG A 1 63  ? 3.743   -7.738  10.463  1.000 24.095 0 61   ARG AAA N   1 ? 
ATOM   384  C  CA  . ARG A 1 63  ? 4.627   -7.531  11.653  1.000 25.302 0 61   ARG AAA CA  1 ? 
ATOM   385  C  C   . ARG A 1 63  ? 6.087   -7.597  11.183  1.000 24.299 0 61   ARG AAA C   1 ? 
ATOM   386  O  O   . ARG A 1 63  ? 6.898   -6.785  11.648  1.000 23.915 0 61   ARG AAA O   1 ? 
ATOM   387  C  CB  . ARG A 1 63  ? 4.315   -8.525  12.771  1.000 24.510 0 61   ARG AAA CB  1 ? 
ATOM   388  C  CG  . ARG A 1 63  ? 2.996   -8.280  13.502  1.000 26.676 0 61   ARG AAA CG  1 ? 
ATOM   389  C  CD  . ARG A 1 63  ? 2.835   -9.126  14.772  1.000 28.051 0 61   ARG AAA CD  1 ? 
ATOM   390  N  NE  . ARG A 1 63  ? 2.894   -10.570 14.513  1.000 26.068 0 61   ARG AAA NE  1 ? 
ATOM   391  C  CZ  . ARG A 1 63  ? 1.867   -11.322 14.140  1.000 28.378 0 61   ARG AAA CZ  1 ? 
ATOM   392  N  NH1 . ARG A 1 63  ? 0.657   -10.804 13.987  1.000 31.449 0 61   ARG AAA NH1 1 ? 
ATOM   393  N  NH2 . ARG A 1 63  ? 2.029   -12.613 13.936  1.000 30.885 0 61   ARG AAA NH2 1 ? 
ATOM   394  N  N   . ASP A 1 64  ? 6.408   -8.477  10.230  1.000 27.354 0 62   ASP AAA N   1 ? 
ATOM   395  C  CA  . ASP A 1 64  ? 7.790   -8.562  9.678   1.000 27.018 0 62   ASP AAA CA  1 ? 
ATOM   396  C  C   . ASP A 1 64  ? 8.162   -7.229  9.027   1.000 26.936 0 62   ASP AAA C   1 ? 
ATOM   397  O  O   . ASP A 1 64  ? 9.302   -6.728  9.288   1.000 26.214 0 62   ASP AAA O   1 ? 
ATOM   398  C  CB  . ASP A 1 64  ? 7.953   -9.743  8.721   1.000 31.665 0 62   ASP AAA CB  1 ? 
ATOM   399  C  CG  . ASP A 1 64  ? 7.806   -11.090 9.411   1.000 33.354 0 62   ASP AAA CG  1 ? 
ATOM   400  O  OD1 . ASP A 1 64  ? 7.853   -11.130 10.691  1.000 33.412 0 62   ASP AAA OD1 1 ? 
ATOM   401  O  OD2 . ASP A 1 64  ? 7.601   -12.082 8.681   1.000 36.542 0 62   ASP AAA OD2 1 ? 
ATOM   402  N  N   . MET A 1 65  ? 7.281   -6.648  8.205   1.000 23.462 0 63   MET AAA N   1 ? 
ATOM   403  C  CA  . MET A 1 65  ? 7.586   -5.352  7.539   1.000 23.339 0 63   MET AAA CA  1 ? 
ATOM   404  C  C   . MET A 1 65  ? 7.695   -4.249  8.607   1.000 22.905 0 63   MET AAA C   1 ? 
ATOM   405  O  O   . MET A 1 65  ? 8.638   -3.450  8.525   1.000 24.452 0 63   MET AAA O   1 ? 
ATOM   406  C  CB  . MET A 1 65  ? 6.532   -4.986  6.482   1.000 22.994 0 63   MET AAA CB  1 ? 
ATOM   407  C  CG  . MET A 1 65  ? 6.627   -5.889  5.263   1.000 23.846 0 63   MET AAA CG  1 ? 
ATOM   408  S  SD  . MET A 1 65  ? 5.504   -5.396  3.913   1.000 24.914 0 63   MET AAA SD  1 ? 
ATOM   409  C  CE  . MET A 1 65  ? 3.922   -5.876  4.604   1.000 24.349 0 63   MET AAA CE  1 ? 
ATOM   410  N  N   . GLN A 1 66  ? 6.783   -4.221  9.584   1.000 23.622 0 64   GLN AAA N   1 ? 
ATOM   411  C  CA  . GLN A 1 66  ? 6.774   -3.186  10.646  1.000 25.724 0 64   GLN AAA CA  1 ? 
ATOM   412  C  C   . GLN A 1 66  ? 8.098   -3.281  11.417  1.000 25.994 0 64   GLN AAA C   1 ? 
ATOM   413  O  O   . GLN A 1 66  ? 8.687   -2.244  11.705  1.000 27.186 0 64   GLN AAA O   1 ? 
ATOM   414  C  CB  . GLN A 1 66  ? 5.616   -3.349  11.629  1.000 24.368 0 64   GLN AAA CB  1 ? 
ATOM   415  C  CG  . GLN A 1 66  ? 5.562   -2.190  12.614  1.000 24.139 0 64   GLN AAA CG  1 ? 
ATOM   416  C  CD  . GLN A 1 66  ? 4.508   -2.370  13.673  1.000 24.285 0 64   GLN AAA CD  1 ? 
ATOM   417  O  OE1 . GLN A 1 66  ? 4.277   -3.485  14.167  1.000 24.520 0 64   GLN AAA OE1 1 ? 
ATOM   418  N  NE2 . GLN A 1 66  ? 3.839   -1.267  14.007  1.000 25.321 0 64   GLN AAA NE2 1 ? 
ATOM   419  N  N   . ASP A 1 67  ? 8.507   -4.497  11.771  1.000 28.520 0 65   ASP AAA N   1 ? 
ATOM   420  C  CA  . ASP A 1 67  ? 9.764   -4.758  12.532  1.000 29.307 0 65   ASP AAA CA  1 ? 
ATOM   421  C  C   . ASP A 1 67  ? 10.974  -4.342  11.676  1.000 28.261 0 65   ASP AAA C   1 ? 
ATOM   422  O  O   . ASP A 1 67  ? 11.873  -3.667  12.207  1.000 30.212 0 65   ASP AAA O   1 ? 
ATOM   423  C  CB  . ASP A 1 67  ? 9.879   -6.222  12.938  1.000 28.236 0 65   ASP AAA CB  1 ? 
ATOM   424  C  CG  . ASP A 1 67  ? 8.902   -6.719  13.992  1.000 30.247 0 65   ASP AAA CG  1 ? 
ATOM   425  O  OD1 . ASP A 1 67  ? 8.211   -5.905  14.653  1.000 31.100 0 65   ASP AAA OD1 1 ? 
ATOM   426  O  OD2 . ASP A 1 67  ? 8.862   -7.944  14.158  1.000 32.877 0 65   ASP AAA OD2 1 ? 
ATOM   427  N  N   . PHE A 1 68  ? 11.015  -4.700  10.394  1.000 27.162 0 66   PHE AAA N   1 ? 
ATOM   428  C  CA  . PHE A 1 68  ? 12.107  -4.239  9.504   1.000 28.289 0 66   PHE AAA CA  1 ? 
ATOM   429  C  C   . PHE A 1 68  ? 12.125  -2.705  9.500   1.000 26.992 0 66   PHE AAA C   1 ? 
ATOM   430  O  O   . PHE A 1 68  ? 13.217  -2.116  9.673   1.000 27.628 0 66   PHE AAA O   1 ? 
ATOM   431  C  CB  . PHE A 1 68  ? 11.995  -4.817  8.094   1.000 30.430 0 66   PHE AAA CB  1 ? 
ATOM   432  C  CG  . PHE A 1 68  ? 13.092  -4.371  7.162   1.000 34.261 0 66   PHE AAA CG  1 ? 
ATOM   433  C  CD1 . PHE A 1 68  ? 14.428  -4.602  7.476   1.000 36.428 0 66   PHE AAA CD1 1 ? 
ATOM   434  C  CD2 . PHE A 1 68  ? 12.797  -3.727  5.964   1.000 39.760 0 66   PHE AAA CD2 1 ? 
ATOM   435  C  CE1 . PHE A 1 68  ? 15.440  -4.206  6.613   1.000 38.261 0 66   PHE AAA CE1 1 ? 
ATOM   436  C  CE2 . PHE A 1 68  ? 13.813  -3.309  5.115   1.000 38.716 0 66   PHE AAA CE2 1 ? 
ATOM   437  C  CZ  . PHE A 1 68  ? 15.129  -3.556  5.436   1.000 39.416 0 66   PHE AAA CZ  1 ? 
ATOM   438  N  N   . HIS A 1 69  ? 10.976  -2.035  9.352   1.000 26.716 0 67   HIS AAA N   1 ? 
ATOM   439  C  CA  . HIS A 1 69  ? 10.954  -0.551  9.212   1.000 27.178 0 67   HIS AAA CA  1 ? 
ATOM   440  C  C   . HIS A 1 69  ? 11.240  0.150   10.540  1.000 25.739 0 67   HIS AAA C   1 ? 
ATOM   441  O  O   . HIS A 1 69  ? 12.091  1.045   10.540  1.000 26.867 0 67   HIS AAA O   1 ? 
ATOM   442  C  CB  . HIS A 1 69  ? 9.644   -0.044  8.607   1.000 27.882 0 67   HIS AAA CB  1 ? 
ATOM   443  C  CG  . HIS A 1 69  ? 9.473   -0.485  7.202   1.000 29.677 0 67   HIS AAA CG  1 ? 
ATOM   444  N  ND1 . HIS A 1 69  ? 8.265   -0.377  6.538   1.000 27.200 0 67   HIS AAA ND1 1 ? 
ATOM   445  C  CD2 . HIS A 1 69  ? 10.349  -1.077  6.349   1.000 29.902 0 67   HIS AAA CD2 1 ? 
ATOM   446  C  CE1 . HIS A 1 69  ? 8.406   -0.890  5.329   1.000 25.236 0 67   HIS AAA CE1 1 ? 
ATOM   447  N  NE2 . HIS A 1 69  ? 9.677   -1.332  5.193   1.000 28.562 0 67   HIS AAA NE2 1 ? 
ATOM   448  N  N   . GLN A 1 70  ? 10.551  -0.227  11.610  1.000 28.992 0 68   GLN AAA N   1 ? 
ATOM   449  C  CA  . GLN A 1 70  ? 10.733  0.384   12.958  1.000 31.452 0 68   GLN AAA CA  1 ? 
ATOM   450  C  C   . GLN A 1 70  ? 12.118  0.048   13.534  1.000 30.787 0 68   GLN AAA C   1 ? 
ATOM   451  O  O   . GLN A 1 70  ? 12.803  1.001   13.888  1.000 35.596 0 68   GLN AAA O   1 ? 
ATOM   452  C  CB  . GLN A 1 70  ? 9.630   -0.055  13.916  1.000 31.036 0 68   GLN AAA CB  1 ? 
ATOM   453  C  CG  . GLN A 1 70  ? 8.344   0.730   13.733  1.000 30.154 0 68   GLN AAA CG  1 ? 
ATOM   454  C  CD  . GLN A 1 70  ? 7.327   0.279   14.750  1.000 29.525 0 68   GLN AAA CD  1 ? 
ATOM   455  O  OE1 . GLN A 1 70  ? 7.312   -0.878  15.146  1.000 33.325 0 68   GLN AAA OE1 1 ? 
ATOM   456  N  NE2 . GLN A 1 70  ? 6.489   1.193   15.198  1.000 28.084 0 68   GLN AAA NE2 1 ? 
ATOM   457  N  N   . LEU A 1 71  ? 12.508  -1.229  13.619  1.000 32.212 0 69   LEU AAA N   1 ? 
ATOM   458  C  CA  . LEU A 1 71  ? 13.641  -1.695  14.472  1.000 32.126 0 69   LEU AAA CA  1 ? 
ATOM   459  C  C   . LEU A 1 71  ? 14.944  -1.675  13.678  1.000 39.491 0 69   LEU AAA C   1 ? 
ATOM   460  O  O   . LEU A 1 71  ? 15.967  -1.269  14.256  1.000 41.854 0 69   LEU AAA O   1 ? 
ATOM   461  C  CB  . LEU A 1 71  ? 13.355  -3.099  15.013  1.000 29.928 0 69   LEU AAA CB  1 ? 
ATOM   462  C  CG  . LEU A 1 71  ? 11.992  -3.232  15.689  1.000 32.341 0 69   LEU AAA CG  1 ? 
ATOM   463  C  CD1 . LEU A 1 71  ? 11.726  -4.651  16.150  1.000 33.323 0 69   LEU AAA CD1 1 ? 
ATOM   464  C  CD2 . LEU A 1 71  ? 11.854  -2.246  16.845  1.000 34.890 0 69   LEU AAA CD2 1 ? 
ATOM   465  N  N   . GLU A 1 72  ? 14.935  -2.081  12.408  1.000 38.146 0 70   GLU AAA N   1 ? 
ATOM   466  C  CA  . GLU A 1 72  ? 16.177  -2.089  11.598  1.000 39.477 0 70   GLU AAA CA  1 ? 
ATOM   467  C  C   . GLU A 1 72  ? 16.385  -0.740  10.922  1.000 41.140 0 70   GLU AAA C   1 ? 
ATOM   468  O  O   . GLU A 1 72  ? 17.538  -0.350  10.803  1.000 44.494 0 70   GLU AAA O   1 ? 
ATOM   469  C  CB  . GLU A 1 72  ? 16.169  -3.193  10.555  1.000 44.274 0 70   GLU AAA CB  1 ? 
ATOM   470  C  CG  . GLU A 1 72  ? 16.540  -4.538  11.122  1.000 49.621 0 70   GLU AAA CG  1 ? 
ATOM   471  C  CD  . GLU A 1 72  ? 16.917  -5.507  10.025  1.000 57.354 0 70   GLU AAA CD  1 ? 
ATOM   472  O  OE1 . GLU A 1 72  ? 17.724  -5.117  9.150   1.000 67.632 0 70   GLU AAA OE1 1 ? 
ATOM   473  O  OE2 . GLU A 1 72  ? 16.371  -6.624  10.021  1.000 64.645 0 70   GLU AAA OE2 1 ? 
ATOM   474  N  N   . ARG A 1 73  ? 15.338  -0.062  10.460  1.000 38.621 0 71   ARG AAA N   1 ? 
ATOM   475  C  CA  . ARG A 1 73  ? 15.514  1.216   9.725   1.000 38.571 0 71   ARG AAA CA  1 ? 
ATOM   476  C  C   . ARG A 1 73  ? 15.294  2.414   10.644  1.000 36.130 0 71   ARG AAA C   1 ? 
ATOM   477  O  O   . ARG A 1 73  ? 15.622  3.509   10.212  1.000 36.776 0 71   ARG AAA O   1 ? 
ATOM   478  C  CB  . ARG A 1 73  ? 14.584  1.295   8.513   1.000 40.350 0 71   ARG AAA CB  1 ? 
ATOM   479  C  CG  . ARG A 1 73  ? 15.076  0.447   7.355   1.000 43.025 0 71   ARG AAA CG  1 ? 
ATOM   480  C  CD  . ARG A 1 73  ? 14.049  0.290   6.266   1.000 47.919 0 71   ARG AAA CD  1 ? 
ATOM   481  N  NE  . ARG A 1 73  ? 14.679  -0.172  5.035   1.000 55.150 0 71   ARG AAA NE  1 ? 
ATOM   482  C  CZ  . ARG A 1 73  ? 14.040  -0.352  3.878   1.000 54.701 0 71   ARG AAA CZ  1 ? 
ATOM   483  N  NH1 . ARG A 1 73  ? 12.736  -0.132  3.802   1.000 50.965 0 71   ARG AAA NH1 1 ? 
ATOM   484  N  NH2 . ARG A 1 73  ? 14.707  -0.766  2.812   1.000 54.692 0 71   ARG AAA NH2 1 ? 
ATOM   485  N  N   . GLY A 1 74  ? 14.741  2.222   11.835  1.000 35.825 0 72   GLY AAA N   1 ? 
ATOM   486  C  CA  . GLY A 1 74  ? 14.499  3.330   12.778  1.000 40.770 0 72   GLY AAA CA  1 ? 
ATOM   487  C  C   . GLY A 1 74  ? 13.333  4.225   12.367  1.000 43.503 0 72   GLY AAA C   1 ? 
ATOM   488  O  O   . GLY A 1 74  ? 13.184  5.293   12.975  1.000 44.320 0 72   GLY AAA O   1 ? 
ATOM   489  N  N   . TRP A 1 75  ? 12.485  3.801   11.418  1.000 38.941 0 73   TRP AAA N   1 ? 
ATOM   490  C  CA  . TRP A 1 75  ? 11.302  4.588   10.984  1.000 36.127 0 73   TRP AAA CA  1 ? 
ATOM   491  C  C   . TRP A 1 75  ? 10.258  4.622   12.102  1.000 31.476 0 73   TRP AAA C   1 ? 
ATOM   492  O  O   . TRP A 1 75  ? 10.278  3.756   12.998  1.000 33.771 0 73   TRP AAA O   1 ? 
ATOM   493  C  CB  . TRP A 1 75  ? 10.705  4.017   9.691   1.000 36.079 0 73   TRP AAA CB  1 ? 
ATOM   494  C  CG  . TRP A 1 75  ? 11.578  4.171   8.483   1.000 34.837 0 73   TRP AAA CG  1 ? 
ATOM   495  C  CD1 . TRP A 1 75  ? 12.726  4.902   8.369   1.000 35.355 0 73   TRP AAA CD1 1 ? 
ATOM   496  C  CD2 . TRP A 1 75  ? 11.331  3.611   7.177   1.000 35.941 0 73   TRP AAA CD2 1 ? 
ATOM   497  N  NE1 . TRP A 1 75  ? 13.203  4.836   7.088   1.000 32.681 0 73   TRP AAA NE1 1 ? 
ATOM   498  C  CE2 . TRP A 1 75  ? 12.369  4.059   6.331   1.000 35.122 0 73   TRP AAA CE2 1 ? 
ATOM   499  C  CE3 . TRP A 1 75  ? 10.328  2.796   6.640   1.000 33.492 0 73   TRP AAA CE3 1 ? 
ATOM   500  C  CZ2 . TRP A 1 75  ? 12.429  3.718   4.982   1.000 34.905 0 73   TRP AAA CZ2 1 ? 
ATOM   501  C  CZ3 . TRP A 1 75  ? 10.401  2.449   5.311   1.000 33.458 0 73   TRP AAA CZ3 1 ? 
ATOM   502  C  CH2 . TRP A 1 75  ? 11.434  2.903   4.497   1.000 34.286 0 73   TRP AAA CH2 1 ? 
ATOM   503  N  N   . ASN A 1 76  ? 9.327   5.558   12.020  1.000 31.452 0 74   ASN AAA N   1 ? 
ATOM   504  C  CA  . ASN A 1 76  ? 8.260   5.709   13.044  1.000 33.776 0 74   ASN AAA CA  1 ? 
ATOM   505  C  C   . ASN A 1 76  ? 7.380   4.462   13.076  1.000 31.955 0 74   ASN AAA C   1 ? 
ATOM   506  O  O   . ASN A 1 76  ? 6.873   4.087   14.176  1.000 28.144 0 74   ASN AAA O   1 ? 
ATOM   507  C  CB  . ASN A 1 76  ? 7.376   6.920   12.742  1.000 37.457 0 74   ASN AAA CB  1 ? 
ATOM   508  C  CG  . ASN A 1 76  ? 7.984   8.222   13.208  1.000 38.369 0 74   ASN AAA CG  1 ? 
ATOM   509  O  OD1 . ASN A 1 76  ? 7.840   9.241   12.551  1.000 46.655 0 74   ASN AAA OD1 1 ? 
ATOM   510  N  ND2 . ASN A 1 76  ? 8.657   8.214   14.342  1.000 40.439 0 74   ASN AAA ND2 1 ? 
ATOM   511  N  N   . ASP A 1 77  ? 7.158   3.874   11.893  1.000 30.277 0 75   ASP AAA N   1 ? 
ATOM   512  C  CA  . ASP A 1 77  ? 6.167   2.785   11.719  1.000 25.369 0 75   ASP AAA CA  1 ? 
ATOM   513  C  C   . ASP A 1 77  ? 6.451   2.074   10.405  1.000 23.992 0 75   ASP AAA C   1 ? 
ATOM   514  O  O   . ASP A 1 77  ? 7.306   2.556   9.650   1.000 24.389 0 75   ASP AAA O   1 ? 
ATOM   515  C  CB  . ASP A 1 77  ? 4.769   3.382   11.758  1.000 25.183 0 75   ASP AAA CB  1 ? 
ATOM   516  C  CG  . ASP A 1 77  ? 3.625   2.407   11.906  1.000 23.615 0 75   ASP AAA CG  1 ? 
ATOM   517  O  OD1 . ASP A 1 77  ? 3.853   1.210   12.291  1.000 26.900 0 75   ASP AAA OD1 1 ? 
ATOM   518  O  OD2 . ASP A 1 77  ? 2.487   2.878   11.696  1.000 28.525 0 75   ASP AAA OD2 1 ? 
ATOM   519  N  N   . ILE A 1 78  ? 5.756   0.963   10.140  1.000 22.575 0 76   ILE AAA N   1 ? 
ATOM   520  C  CA  . ILE A 1 78  ? 5.720   0.388   8.766   1.000 22.329 0 76   ILE AAA CA  1 ? 
ATOM   521  C  C   . ILE A 1 78  ? 5.519   1.568   7.802   1.000 20.903 0 76   ILE AAA C   1 ? 
ATOM   522  O  O   . ILE A 1 78  ? 4.717   2.470   8.139   1.000 22.072 0 76   ILE AAA O   1 ? 
ATOM   523  C  CB  . ILE A 1 78  ? 4.639   -0.705  8.645   1.000 21.975 0 76   ILE AAA CB  1 ? 
ATOM   524  C  CG1 . ILE A 1 78  ? 4.803   -1.502  7.351   1.000 20.823 0 76   ILE AAA CG1 1 ? 
ATOM   525  C  CG2 . ILE A 1 78  ? 3.251   -0.121  8.791   1.000 22.826 0 76   ILE AAA CG2 1 ? 
ATOM   526  C  CD1 . ILE A 1 78  ? 3.809   -2.630  7.212   1.000 23.124 0 76   ILE AAA CD1 1 ? 
ATOM   527  N  N   . GLY A 1 79  ? 6.224   1.590   6.671   1.000 20.728 0 77   GLY AAA N   1 ? 
ATOM   528  C  CA  . GLY A 1 79  ? 6.243   2.747   5.753   1.000 22.294 0 77   GLY AAA CA  1 ? 
ATOM   529  C  C   . GLY A 1 79  ? 4.970   2.917   4.916   1.000 20.751 0 77   GLY AAA C   1 ? 
ATOM   530  O  O   . GLY A 1 79  ? 4.682   4.060   4.447   1.000 21.435 0 77   GLY AAA O   1 ? 
ATOM   531  N  N   . TYR A 1 80  ? 4.177   1.864   4.736   1.000 19.964 0 78   TYR AAA N   1 ? 
ATOM   532  C  CA  . TYR A 1 80  ? 2.991   1.882   3.838   1.000 17.371 0 78   TYR AAA CA  1 ? 
ATOM   533  C  C   . TYR A 1 80  ? 1.747   2.324   4.607   1.000 18.531 0 78   TYR AAA C   1 ? 
ATOM   534  O  O   . TYR A 1 80  ? 1.646   2.118   5.860   1.000 18.637 0 78   TYR AAA O   1 ? 
ATOM   535  C  CB  . TYR A 1 80  ? 2.811   0.476   3.256   1.000 17.733 0 78   TYR AAA CB  1 ? 
ATOM   536  C  CG  . TYR A 1 80  ? 4.014   -0.082  2.549   1.000 17.975 0 78   TYR AAA CG  1 ? 
ATOM   537  C  CD1 . TYR A 1 80  ? 4.743   -1.133  3.091   1.000 18.984 0 78   TYR AAA CD1 1 ? 
ATOM   538  C  CD2 . TYR A 1 80  ? 4.433   0.432   1.334   1.000 18.866 0 78   TYR AAA CD2 1 ? 
ATOM   539  C  CE1 . TYR A 1 80  ? 5.813   -1.698  2.417   1.000 19.219 0 78   TYR AAA CE1 1 ? 
ATOM   540  C  CE2 . TYR A 1 80  ? 5.504   -0.122  0.647   1.000 19.931 0 78   TYR AAA CE2 1 ? 
ATOM   541  C  CZ  . TYR A 1 80  ? 6.213   -1.180  1.199   1.000 20.736 0 78   TYR AAA CZ  1 ? 
ATOM   542  O  OH  . TYR A 1 80  ? 7.277   -1.716  0.519   1.000 22.193 0 78   TYR AAA OH  1 ? 
ATOM   543  N  N   . SER A 1 81  ? 0.790   2.920   3.893   1.000 17.147 0 79   SER AAA N   1 ? 
ATOM   544  C  CA  . SER A 1 81  ? -0.517  3.314   4.461   1.000 16.855 0 79   SER AAA CA  1 ? 
ATOM   545  C  C   . SER A 1 81  ? -1.335  2.048   4.761   1.000 16.984 0 79   SER AAA C   1 ? 
ATOM   546  O  O   . SER A 1 81  ? -1.970  2.010   5.789   1.000 15.897 0 79   SER AAA O   1 ? 
ATOM   547  C  CB  . SER A 1 81  ? -1.266  4.251   3.549   1.000 16.765 0 79   SER AAA CB  1 ? 
ATOM   548  O  OG  . SER A 1 81  ? -0.436  5.285   3.074   1.000 17.627 0 79   SER AAA OG  1 ? 
ATOM   549  N  N   . PHE A 1 82  ? -1.302  1.062   3.852   1.000 16.890 0 80   PHE AAA N   1 ? 
ATOM   550  C  CA  . PHE A 1 82  ? -2.089  -0.176  3.917   1.000 16.129 0 80   PHE AAA CA  1 ? 
ATOM   551  C  C   . PHE A 1 82  ? -1.310  -1.293  3.240   1.000 16.153 0 80   PHE AAA C   1 ? 
ATOM   552  O  O   . PHE A 1 82  ? -0.566  -1.007  2.280   1.000 15.094 0 80   PHE AAA O   1 ? 
ATOM   553  C  CB  . PHE A 1 82  ? -3.454  0.010   3.251   1.000 17.253 0 80   PHE AAA CB  1 ? 
ATOM   554  C  CG  . PHE A 1 82  ? -4.371  0.986   3.944   1.000 17.280 0 80   PHE AAA CG  1 ? 
ATOM   555  C  CD1 . PHE A 1 82  ? -4.423  2.310   3.550   1.000 18.662 0 80   PHE AAA CD1 1 ? 
ATOM   556  C  CD2 . PHE A 1 82  ? -5.165  0.593   5.012   1.000 17.333 0 80   PHE AAA CD2 1 ? 
ATOM   557  C  CE1 . PHE A 1 82  ? -5.279  3.208   4.173   1.000 18.170 0 80   PHE AAA CE1 1 ? 
ATOM   558  C  CE2 . PHE A 1 82  ? -6.006  1.494   5.660   1.000 17.942 0 80   PHE AAA CE2 1 ? 
ATOM   559  C  CZ  . PHE A 1 82  ? -6.077  2.801   5.228   1.000 18.855 0 80   PHE AAA CZ  1 ? 
ATOM   560  N  N   . GLY A 1 83  ? -1.541  -2.525  3.727   1.000 15.167 0 81   GLY AAA N   1 ? 
ATOM   561  C  CA  . GLY A 1 83  ? -1.072  -3.781  3.124   1.000 15.364 0 81   GLY AAA CA  1 ? 
ATOM   562  C  C   . GLY A 1 83  ? -2.247  -4.604  2.609   1.000 16.322 0 81   GLY AAA C   1 ? 
ATOM   563  O  O   . GLY A 1 83  ? -3.372  -4.507  3.147   1.000 15.996 0 81   GLY AAA O   1 ? 
ATOM   564  N  N   . ILE A 1 84  ? -2.007  -5.372  1.550   1.000 15.335 0 82   ILE AAA N   1 ? 
ATOM   565  C  CA  . ILE A 1 84  ? -2.982  -6.328  0.995   1.000 16.257 0 82   ILE AAA CA  1 ? 
ATOM   566  C  C   . ILE A 1 84  ? -2.369  -7.725  0.976   1.000 16.964 0 82   ILE AAA C   1 ? 
ATOM   567  O  O   . ILE A 1 84  ? -1.267  -7.909  0.441   1.000 15.186 0 82   ILE AAA O   1 ? 
ATOM   568  C  CB  . ILE A 1 84  ? -3.485  -5.847  -0.365  1.000 18.142 0 82   ILE AAA CB  1 ? 
ATOM   569  C  CG1 . ILE A 1 84  ? -4.197  -4.500  -0.157  1.000 21.989 0 82   ILE AAA CG1 1 ? 
ATOM   570  C  CG2 . ILE A 1 84  ? -4.386  -6.927  -0.951  1.000 19.131 0 82   ILE AAA CG2 1 ? 
ATOM   571  C  CD1 . ILE A 1 84  ? -4.644  -3.850  -1.372  1.000 25.209 0 82   ILE AAA CD1 1 ? 
ATOM   572  N  N   . GLY A 1 85  ? -3.067  -8.674  1.582   1.000 19.279 0 83   GLY AAA N   1 ? 
ATOM   573  C  CA  . GLY A 1 85  ? -2.617  -10.074 1.648   1.000 21.166 0 83   GLY AAA CA  1 ? 
ATOM   574  C  C   . GLY A 1 85  ? -3.253  -10.934 0.577   1.000 21.739 0 83   GLY AAA C   1 ? 
ATOM   575  O  O   . GLY A 1 85  ? -4.328  -10.563 0.005   1.000 20.298 0 83   GLY AAA O   1 ? 
ATOM   576  N  N   . GLY A 1 86  ? -2.669  -12.116 0.363   1.000 23.058 0 84   GLY AAA N   1 ? 
ATOM   577  C  CA  . GLY A 1 86  ? -3.219  -13.097 -0.579  1.000 23.305 0 84   GLY AAA CA  1 ? 
ATOM   578  C  C   . GLY A 1 86  ? -4.440  -13.762 0.005   1.000 23.258 0 84   GLY AAA C   1 ? 
ATOM   579  O  O   . GLY A 1 86  ? -5.092  -14.458 -0.737  1.000 26.449 0 84   GLY AAA O   1 ? 
ATOM   580  N  N   . ASP A 1 87  ? -4.745  -13.480 1.278   1.000 23.422 0 85   ASP AAA N   1 ? 
ATOM   581  C  CA  . ASP A 1 87  ? -6.032  -13.803 1.936   1.000 20.937 0 85   ASP AAA CA  1 ? 
ATOM   582  C  C   . ASP A 1 87  ? -7.161  -12.896 1.419   1.000 23.645 0 85   ASP AAA C   1 ? 
ATOM   583  O  O   . ASP A 1 87  ? -8.329  -13.150 1.790   1.000 27.073 0 85   ASP AAA O   1 ? 
ATOM   584  C  CB  . ASP A 1 87  ? -5.873  -13.739 3.455   1.000 21.383 0 85   ASP AAA CB  1 ? 
ATOM   585  C  CG  . ASP A 1 87  ? -5.502  -12.383 4.028   1.000 19.785 0 85   ASP AAA CG  1 ? 
ATOM   586  O  OD1 . ASP A 1 87  ? -5.478  -12.270 5.277   1.000 20.158 0 85   ASP AAA OD1 1 ? 
ATOM   587  O  OD2 . ASP A 1 87  ? -5.262  -11.432 3.217   1.000 20.163 0 85   ASP AAA OD2 1 ? 
ATOM   588  N  N   . GLY A 1 88  ? -6.850  -11.846 0.656   1.000 21.900 0 86   GLY AAA N   1 ? 
ATOM   589  C  CA  . GLY A 1 88  ? -7.823  -10.868 0.127   1.000 23.314 0 86   GLY AAA CA  1 ? 
ATOM   590  C  C   . GLY A 1 88  ? -8.291  -9.889  1.208   1.000 21.716 0 86   GLY AAA C   1 ? 
ATOM   591  O  O   . GLY A 1 88  ? -9.287  -9.195  1.016   1.000 23.140 0 86   GLY AAA O   1 ? 
ATOM   592  N  N   . MET A 1 89  ? -7.577  -9.815  2.313   1.000 20.637 0 87   MET AAA N   1 ? 
ATOM   593  C  CA  . MET A 1 89  ? -7.859  -8.862  3.428   1.000 20.545 0 87   MET AAA CA  1 ? 
ATOM   594  C  C   . MET A 1 89  ? -6.961  -7.613  3.289   1.000 19.505 0 87   MET AAA C   1 ? 
ATOM   595  O  O   . MET A 1 89  ? -5.896  -7.671  2.632   1.000 18.645 0 87   MET AAA O   1 ? 
ATOM   596  C  CB  . MET A 1 89  ? -7.582  -9.529  4.774   1.000 21.382 0 87   MET AAA CB  1 ? 
ATOM   597  C  CG  . MET A 1 89  ? -8.439  -10.752 5.017   1.000 22.498 0 87   MET AAA CG  1 ? 
ATOM   598  S  SD  . MET A 1 89  ? -10.215 -10.342 5.000   1.000 26.593 0 87   MET AAA SD  1 ? 
ATOM   599  C  CE  . MET A 1 89  ? -10.800 -11.713 4.013   1.000 28.254 0 87   MET AAA CE  1 ? 
ATOM   600  N  N   . ILE A 1 90  ? -7.428  -6.502  3.839   1.000 18.415 0 88   ILE AAA N   1 ? 
ATOM   601  C  CA  . ILE A 1 90  ? -6.659  -5.231  3.893   1.000 20.282 0 88   ILE AAA CA  1 ? 
ATOM   602  C  C   . ILE A 1 90  ? -6.216  -5.017  5.319   1.000 19.911 0 88   ILE AAA C   1 ? 
ATOM   603  O  O   . ILE A 1 90  ? -7.077  -5.150  6.244   1.000 20.591 0 88   ILE AAA O   1 ? 
ATOM   604  C  CB  . ILE A 1 90  ? -7.492  -4.056  3.374   1.000 21.709 0 88   ILE AAA CB  1 ? 
ATOM   605  C  CG1 . ILE A 1 90  ? -7.926  -4.319  1.932   1.000 24.241 0 88   ILE AAA CG1 1 ? 
ATOM   606  C  CG2 . ILE A 1 90  ? -6.698  -2.775  3.521   1.000 20.789 0 88   ILE AAA CG2 1 ? 
ATOM   607  C  CD1 . ILE A 1 90  ? -9.347  -4.001  1.669   1.000 27.155 0 88   ILE AAA CD1 1 ? 
ATOM   608  N  N   . TYR A 1 91  ? -4.931  -4.704  5.480   1.000 18.728 0 89   TYR AAA N   1 ? 
ATOM   609  C  CA  . TYR A 1 91  ? -4.253  -4.486  6.775   1.000 18.589 0 89   TYR AAA CA  1 ? 
ATOM   610  C  C   . TYR A 1 91  ? -3.934  -2.999  6.911   1.000 19.534 0 89   TYR AAA C   1 ? 
ATOM   611  O  O   . TYR A 1 91  ? -3.182  -2.478  6.072   1.000 17.696 0 89   TYR AAA O   1 ? 
ATOM   612  C  CB  . TYR A 1 91  ? -3.016  -5.379  6.877   1.000 18.573 0 89   TYR AAA CB  1 ? 
ATOM   613  C  CG  . TYR A 1 91  ? -3.356  -6.842  6.871   1.000 20.823 0 89   TYR AAA CG  1 ? 
ATOM   614  C  CD1 . TYR A 1 91  ? -3.553  -7.535  5.685   1.000 20.605 0 89   TYR AAA CD1 1 ? 
ATOM   615  C  CD2 . TYR A 1 91  ? -3.614  -7.502  8.058   1.000 22.290 0 89   TYR AAA CD2 1 ? 
ATOM   616  C  CE1 . TYR A 1 91  ? -3.894  -8.879  5.679   1.000 21.256 0 89   TYR AAA CE1 1 ? 
ATOM   617  C  CE2 . TYR A 1 91  ? -3.969  -8.840  8.067   1.000 23.106 0 89   TYR AAA CE2 1 ? 
ATOM   618  C  CZ  . TYR A 1 91  ? -4.116  -9.530  6.875   1.000 20.987 0 89   TYR AAA CZ  1 ? 
ATOM   619  O  OH  . TYR A 1 91  ? -4.501  -10.837 6.894   1.000 22.536 0 89   TYR AAA OH  1 ? 
ATOM   620  N  N   . THR A 1 92  ? -4.488  -2.340  7.925   1.000 18.425 0 90   THR AAA N   1 ? 
ATOM   621  C  CA  . THR A 1 92  ? -4.152  -0.921  8.198   1.000 18.556 0 90   THR AAA CA  1 ? 
ATOM   622  C  C   . THR A 1 92  ? -2.664  -0.816  8.531   1.000 18.396 0 90   THR AAA C   1 ? 
ATOM   623  O  O   . THR A 1 92  ? -2.234  -1.470  9.489   1.000 17.882 0 90   THR AAA O   1 ? 
ATOM   624  C  CB  . THR A 1 92  ? -5.005  -0.316  9.328   1.000 19.280 0 90   THR AAA CB  1 ? 
ATOM   625  O  OG1 . THR A 1 92  ? -6.381  -0.518  8.997   1.000 19.727 0 90   THR AAA OG1 1 ? 
ATOM   626  C  CG2 . THR A 1 92  ? -4.730  1.158   9.520   1.000 18.866 0 90   THR AAA CG2 1 ? 
ATOM   627  N  N   . GLY A 1 93  ? -1.923  0.012   7.782   1.000 18.312 0 91   GLY AAA N   1 ? 
ATOM   628  C  CA  . GLY A 1 93  ? -0.565  0.435   8.122   1.000 19.916 0 91   GLY AAA CA  1 ? 
ATOM   629  C  C   . GLY A 1 93  ? -0.638  1.766   8.851   1.000 19.944 0 91   GLY AAA C   1 ? 
ATOM   630  O  O   . GLY A 1 93  ? -1.358  1.857   9.849   1.000 22.239 0 91   GLY AAA O   1 ? 
ATOM   631  N  N   . ARG A 1 94  ? -0.027  2.809   8.314   1.000 20.350 0 92   ARG AAA N   1 ? 
ATOM   632  C  CA  . ARG A 1 94  ? -0.170  4.173   8.882   1.000 21.069 0 92   ARG AAA CA  1 ? 
ATOM   633  C  C   . ARG A 1 94  ? -1.610  4.669   8.697   1.000 22.165 0 92   ARG AAA C   1 ? 
ATOM   634  O  O   . ARG A 1 94  ? -2.038  5.545   9.455   1.000 20.535 0 92   ARG AAA O   1 ? 
ATOM   635  C  CB  . ARG A 1 94  ? 0.845   5.096   8.222   1.000 20.482 0 92   ARG AAA CB  1 ? 
ATOM   636  C  CG  . ARG A 1 94  ? 2.271   4.652   8.441   1.000 22.006 0 92   ARG AAA CG  1 ? 
ATOM   637  C  CD  . ARG A 1 94  ? 3.249   5.741   8.177   1.000 22.998 0 92   ARG AAA CD  1 ? 
ATOM   638  N  NE  . ARG A 1 94  ? 4.585   5.213   8.370   1.000 23.436 0 92   ARG AAA NE  1 ? 
ATOM   639  C  CZ  . ARG A 1 94  ? 5.684   5.945   8.470   1.000 26.383 0 92   ARG AAA CZ  1 ? 
ATOM   640  N  NH1 . ARG A 1 94  ? 5.615   7.265   8.374   1.000 27.622 0 92   ARG AAA NH1 1 ? 
ATOM   641  N  NH2 . ARG A 1 94  ? 6.857   5.358   8.640   1.000 26.533 0 92   ARG AAA NH2 1 ? 
ATOM   642  N  N   . GLY A 1 95  ? -2.317  4.195   7.663   1.000 20.550 0 93   GLY AAA N   1 ? 
ATOM   643  C  CA  . GLY A 1 95  ? -3.702  4.584   7.421   1.000 19.239 0 93   GLY AAA CA  1 ? 
ATOM   644  C  C   . GLY A 1 95  ? -3.799  5.904   6.689   1.000 20.841 0 93   GLY AAA C   1 ? 
ATOM   645  O  O   . GLY A 1 95  ? -2.787  6.449   6.214   1.000 20.803 0 93   GLY AAA O   1 ? 
ATOM   646  N  N   . PHE A 1 96  ? -5.019  6.352   6.518   1.000 20.532 0 94   PHE AAA N   1 ? 
ATOM   647  C  CA  . PHE A 1 96  ? -5.340  7.554   5.722   1.000 22.016 0 94   PHE AAA CA  1 ? 
ATOM   648  C  C   . PHE A 1 96  ? -4.860  8.810   6.463   1.000 22.528 0 94   PHE AAA C   1 ? 
ATOM   649  O  O   . PHE A 1 96  ? -4.979  8.838   7.695   1.000 22.095 0 94   PHE AAA O   1 ? 
ATOM   650  C  CB  . PHE A 1 96  ? -6.844  7.602   5.480   1.000 22.668 0 94   PHE AAA CB  1 ? 
ATOM   651  C  CG  . PHE A 1 96  ? -7.375  6.540   4.552   1.000 22.073 0 94   PHE AAA CG  1 ? 
ATOM   652  C  CD1 . PHE A 1 96  ? -8.293  5.612   4.999   1.000 20.783 0 94   PHE AAA CD1 1 ? 
ATOM   653  C  CD2 . PHE A 1 96  ? -6.984  6.511   3.220   1.000 24.789 0 94   PHE AAA CD2 1 ? 
ATOM   654  C  CE1 . PHE A 1 96  ? -8.812  4.664   4.132   1.000 24.664 0 94   PHE AAA CE1 1 ? 
ATOM   655  C  CE2 . PHE A 1 96  ? -7.490  5.544   2.362   1.000 23.063 0 94   PHE AAA CE2 1 ? 
ATOM   656  C  CZ  . PHE A 1 96  ? -8.422  4.641   2.815   1.000 22.514 0 94   PHE AAA CZ  1 ? 
ATOM   657  N  N   . ASN A 1 97  ? -4.353  9.794   5.713   1.000 24.452 0 95   ASN AAA N   1 ? 
ATOM   658  C  CA  . ASN A 1 97  ? -4.013  11.175  6.177   1.000 30.631 0 95   ASN AAA CA  1 ? 
ATOM   659  C  C   . ASN A 1 97  ? -2.832  11.122  7.162   1.000 28.183 0 95   ASN AAA C   1 ? 
ATOM   660  O  O   . ASN A 1 97  ? -2.663  12.052  7.978   1.000 31.705 0 95   ASN AAA O   1 ? 
ATOM   661  C  CB  . ASN A 1 97  ? -5.234  11.886  6.778   1.000 31.603 0 95   ASN AAA CB  1 ? 
ATOM   662  C  CG  . ASN A 1 97  ? -6.217  12.371  5.734   1.000 33.086 0 95   ASN AAA CG  1 ? 
ATOM   663  O  OD1 . ASN A 1 97  ? -7.254  11.760  5.526   1.000 33.549 0 95   ASN AAA OD1 1 ? 
ATOM   664  N  ND2 . ASN A 1 97  ? -5.935  13.503  5.112   1.000 39.007 0 95   ASN AAA ND2 1 ? 
ATOM   665  N  N   . VAL A 1 98  ? -2.028  10.074  7.105   1.000 27.179 0 96   VAL AAA N   1 ? 
ATOM   666  C  CA  . VAL A 1 98  ? -0.791  9.987   7.928   1.000 26.027 0 96   VAL AAA CA  1 ? 
ATOM   667  C  C   . VAL A 1 98  ? 0.370   9.946   6.946   1.000 25.173 0 96   VAL AAA C   1 ? 
ATOM   668  O  O   . VAL A 1 98  ? 0.320   9.210   5.931   1.000 19.186 0 96   VAL AAA O   1 ? 
ATOM   669  C  CB  . VAL A 1 98  ? -0.798  8.789   8.893   1.000 25.376 0 96   VAL AAA CB  1 ? 
ATOM   670  C  CG1 . VAL A 1 98  ? 0.540   8.593   9.562   1.000 26.519 0 96   VAL AAA CG1 1 ? 
ATOM   671  C  CG2 . VAL A 1 98  ? -1.907  8.899   9.920   1.000 27.181 0 96   VAL AAA CG2 1 ? 
ATOM   672  N  N   . ILE A 1 99  ? 1.376   10.764  7.214   1.000 25.804 0 97   ILE AAA N   1 ? 
ATOM   673  C  CA  . ILE A 1 99  ? 2.583   10.870  6.363   1.000 26.847 0 97   ILE AAA CA  1 ? 
ATOM   674  C  C   . ILE A 1 99  ? 3.295   9.509   6.364   1.000 25.185 0 97   ILE AAA C   1 ? 
ATOM   675  O  O   . ILE A 1 99  ? 3.599   8.988   7.472   1.000 24.200 0 97   ILE AAA O   1 ? 
ATOM   676  C  CB  . ILE A 1 99  ? 3.479   12.023  6.865   1.000 29.557 0 97   ILE AAA CB  1 ? 
ATOM   677  C  CG1 . ILE A 1 99  ? 2.755   13.379  6.752   1.000 33.657 0 97   ILE AAA CG1 1 ? 
ATOM   678  C  CG2 . ILE A 1 99  ? 4.799   12.000  6.122   1.000 26.867 0 97   ILE AAA CG2 1 ? 
ATOM   679  C  CD1 . ILE A 1 99  ? 3.542   14.564  7.319   1.000 33.707 0 97   ILE AAA CD1 1 ? 
ATOM   680  N  N   . GLY A 1 100 ? 3.589   8.983   5.167   1.000 25.656 0 98   GLY AAA N   1 ? 
ATOM   681  C  CA  . GLY A 1 100 ? 4.156   7.635   4.964   1.000 25.356 0 98   GLY AAA CA  1 ? 
ATOM   682  C  C   . GLY A 1 100 ? 5.664   7.648   4.899   1.000 26.507 0 98   GLY AAA C   1 ? 
ATOM   683  O  O   . GLY A 1 100 ? 6.255   8.709   5.029   1.000 25.889 0 98   GLY AAA O   1 ? 
ATOM   684  N  N   . ALA A 1 101 ? 6.273   6.489   4.717   1.000 26.203 0 99   ALA AAA N   1 ? 
ATOM   685  C  CA  . ALA A 1 101 ? 7.686   6.352   4.332   1.000 25.300 0 99   ALA AAA CA  1 ? 
ATOM   686  C  C   . ALA A 1 101 ? 7.744   5.273   3.257   1.000 24.906 0 99   ALA AAA C   1 ? 
ATOM   687  O  O   . ALA A 1 101 ? 8.257   4.175   3.539   1.000 28.164 0 99   ALA AAA O   1 ? 
ATOM   688  C  CB  . ALA A 1 101 ? 8.527   6.010   5.531   1.000 28.426 0 99   ALA AAA CB  1 ? 
ATOM   689  N  N   . HIS A 1 102 ? 7.125   5.544   2.113   1.000 23.948 0 100  HIS AAA N   1 ? 
ATOM   690  C  CA  . HIS A 1 102 ? 7.098   4.593   0.969   1.000 21.924 0 100  HIS AAA CA  1 ? 
ATOM   691  C  C   . HIS A 1 102 ? 7.486   5.266   -0.348  1.000 22.080 0 100  HIS AAA C   1 ? 
ATOM   692  O  O   . HIS A 1 102 ? 7.851   4.513   -1.266  1.000 21.626 0 100  HIS AAA O   1 ? 
ATOM   693  C  CB  . HIS A 1 102 ? 5.722   3.932   0.881   1.000 20.391 0 100  HIS AAA CB  1 ? 
ATOM   694  C  CG  . HIS A 1 102 ? 4.629   4.916   0.644   1.000 21.256 0 100  HIS AAA CG  1 ? 
ATOM   695  N  ND1 . HIS A 1 102 ? 4.232   5.262   -0.631  1.000 21.255 0 100  HIS AAA ND1 1 ? 
ATOM   696  C  CD2 . HIS A 1 102 ? 3.868   5.642   1.505   1.000 22.081 0 100  HIS AAA CD2 1 ? 
ATOM   697  C  CE1 . HIS A 1 102 ? 3.303   6.191   -0.543  1.000 22.029 0 100  HIS AAA CE1 1 ? 
ATOM   698  N  NE2 . HIS A 1 102 ? 3.044   6.415   0.765   1.000 21.596 0 100  HIS AAA NE2 1 ? 
ATOM   699  N  N   . ALA A 1 103 ? 7.370   6.595   -0.487  1.000 23.085 0 101  ALA AAA N   1 ? 
ATOM   700  C  CA  . ALA A 1 103 ? 7.500   7.269   -1.805  1.000 25.831 0 101  ALA AAA CA  1 ? 
ATOM   701  C  C   . ALA A 1 103 ? 7.939   8.707   -1.582  1.000 26.710 0 101  ALA AAA C   1 ? 
ATOM   702  O  O   . ALA A 1 103 ? 7.117   9.602   -1.433  1.000 26.542 0 101  ALA AAA O   1 ? 
ATOM   703  C  CB  . ALA A 1 103 ? 6.204   7.213   -2.571  1.000 24.853 0 101  ALA AAA CB  1 ? 
ATOM   704  N  N   . PRO A 1 104 ? 9.256   8.938   -1.444  1.000 32.066 0 102  PRO AAA N   1 ? 
ATOM   705  C  CA  . PRO A 1 104 ? 9.762   10.263  -1.056  1.000 35.217 0 102  PRO AAA CA  1 ? 
ATOM   706  C  C   . PRO A 1 104 ? 9.186   11.338  -1.991  1.000 30.897 0 102  PRO AAA C   1 ? 
ATOM   707  O  O   . PRO A 1 104 ? 9.051   11.042  -3.184  1.000 35.310 0 102  PRO AAA O   1 ? 
ATOM   708  C  CB  . PRO A 1 104 ? 11.279  10.048  -1.187  1.000 37.010 0 102  PRO AAA CB  1 ? 
ATOM   709  C  CG  . PRO A 1 104 ? 11.446  8.588   -0.844  1.000 36.223 0 102  PRO AAA CG  1 ? 
ATOM   710  C  CD  . PRO A 1 104 ? 10.318  7.930   -1.607  1.000 34.778 0 102  PRO AAA CD  1 ? 
ATOM   711  N  N   . LYS A 1 105 ? 8.775   12.479  -1.436  1.000 32.145 0 103  LYS AAA N   1 ? 
ATOM   712  C  CA  . LYS A 1 105 ? 8.116   13.624  -2.134  1.000 35.976 0 103  LYS AAA CA  1 ? 
ATOM   713  C  C   . LYS A 1 105 ? 6.600   13.391  -2.243  1.000 35.440 0 103  LYS AAA C   1 ? 
ATOM   714  O  O   . LYS A 1 105 ? 5.871   14.376  -2.497  1.000 34.439 0 103  LYS AAA O   1 ? 
ATOM   715  C  CB  . LYS A 1 105 ? 8.744   13.883  -3.514  1.000 41.134 0 103  LYS AAA CB  1 ? 
ATOM   716  C  CG  . LYS A 1 105 ? 10.053  14.642  -3.464  1.000 46.431 0 103  LYS AAA CG  1 ? 
ATOM   717  C  CD  . LYS A 1 105 ? 9.836   16.106  -3.094  1.000 55.526 0 103  LYS AAA CD  1 ? 
ATOM   718  C  CE  . LYS A 1 105 ? 10.771  16.597  -2.013  1.000 59.252 0 103  LYS AAA CE  1 ? 
ATOM   719  N  NZ  . LYS A 1 105 ? 12.183  16.503  -2.450  1.000 63.794 0 103  LYS AAA NZ  1 ? 
ATOM   720  N  N   . TYR A 1 106 ? 6.111   12.148  -2.092  1.000 32.602 0 104  TYR AAA N   1 ? 
ATOM   721  C  CA  . TYR A 1 106 ? 4.657   11.851  -2.173  1.000 28.380 0 104  TYR AAA CA  1 ? 
ATOM   722  C  C   . TYR A 1 106 ? 4.160   11.366  -0.813  1.000 26.098 0 104  TYR AAA C   1 ? 
ATOM   723  O  O   . TYR A 1 106 ? 2.972   11.152  -0.697  1.000 25.502 0 104  TYR AAA O   1 ? 
ATOM   724  C  CB  . TYR A 1 106 ? 4.353   10.864  -3.306  1.000 30.838 0 104  TYR AAA CB  1 ? 
ATOM   725  C  CG  . TYR A 1 106 ? 4.678   11.402  -4.672  1.000 29.357 0 104  TYR AAA CG  1 ? 
ATOM   726  C  CD1 . TYR A 1 106 ? 5.973   11.363  -5.123  1.000 29.003 0 104  TYR AAA CD1 1 ? 
ATOM   727  C  CD2 . TYR A 1 106 ? 3.718   11.971  -5.505  1.000 35.394 0 104  TYR AAA CD2 1 ? 
ATOM   728  C  CE1 . TYR A 1 106 ? 6.323   11.858  -6.361  1.000 35.182 0 104  TYR AAA CE1 1 ? 
ATOM   729  C  CE2 . TYR A 1 106 ? 4.045   12.451  -6.773  1.000 35.165 0 104  TYR AAA CE2 1 ? 
ATOM   730  C  CZ  . TYR A 1 106 ? 5.363   12.398  -7.196  1.000 35.908 0 104  TYR AAA CZ  1 ? 
ATOM   731  O  OH  . TYR A 1 106 ? 5.819   12.845  -8.403  1.000 45.294 0 104  TYR AAA OH  1 ? 
ATOM   732  N  N   . ASN A 1 107 ? 5.013   11.314  0.215   1.000 25.268 0 105  ASN AAA N   1 ? 
ATOM   733  C  CA  . ASN A 1 107 ? 4.660   10.673  1.502   1.000 24.782 0 105  ASN AAA CA  1 ? 
ATOM   734  C  C   . ASN A 1 107 ? 3.564   11.475  2.191   1.000 25.376 0 105  ASN AAA C   1 ? 
ATOM   735  O  O   . ASN A 1 107 ? 2.768   10.846  2.916   1.000 24.717 0 105  ASN AAA O   1 ? 
ATOM   736  C  CB  . ASN A 1 107 ? 5.865   10.475  2.420   1.000 26.794 0 105  ASN AAA CB  1 ? 
ATOM   737  C  CG  . ASN A 1 107 ? 6.692   9.268   2.046   1.000 26.262 0 105  ASN AAA CG  1 ? 
ATOM   738  O  OD1 . ASN A 1 107 ? 6.143   8.245   1.663   1.000 26.628 0 105  ASN AAA OD1 1 ? 
ATOM   739  N  ND2 . ASN A 1 107 ? 8.007   9.375   2.123   1.000 26.100 0 105  ASN AAA ND2 1 ? 
ATOM   740  N  N   . ASP A 1 108 ? 3.504   12.791  1.963   1.000 25.980 0 106  ASP AAA N   1 ? 
ATOM   741  C  CA  . ASP A 1 108 ? 2.588   13.695  2.711   1.000 28.056 0 106  ASP AAA CA  1 ? 
ATOM   742  C  C   . ASP A 1 108 ? 1.337   13.999  1.866   1.000 27.078 0 106  ASP AAA C   1 ? 
ATOM   743  O  O   . ASP A 1 108 ? 0.557   14.892  2.226   1.000 27.572 0 106  ASP AAA O   1 ? 
ATOM   744  C  CB  . ASP A 1 108 ? 3.356   14.951  3.138   1.000 30.539 0 106  ASP AAA CB  1 ? 
ATOM   745  C  CG  . ASP A 1 108 ? 3.685   15.849  1.961   1.000 32.566 0 106  ASP AAA CG  1 ? 
ATOM   746  O  OD1 . ASP A 1 108 ? 3.665   15.371  0.807   1.000 33.132 0 106  ASP AAA OD1 1 ? 
ATOM   747  O  OD2 . ASP A 1 108 ? 3.895   17.036  2.200   1.000 41.116 0 106  ASP AAA OD2 1 ? 
ATOM   748  N  N   . LYS A 1 109 ? 1.111   13.263  0.784   1.000 27.085 0 107  LYS AAA N   1 ? 
ATOM   749  C  CA  . LYS A 1 109 ? -0.034  13.558  -0.118  1.000 28.043 0 107  LYS AAA CA  1 ? 
ATOM   750  C  C   . LYS A 1 109 ? -0.508  12.294  -0.838  1.000 24.467 0 107  LYS AAA C   1 ? 
ATOM   751  O  O   . LYS A 1 109 ? -1.024  12.429  -1.953  1.000 24.992 0 107  LYS AAA O   1 ? 
ATOM   752  C  CB  . LYS A 1 109 ? 0.444   14.586  -1.149  1.000 29.054 0 107  LYS AAA CB  1 ? 
ATOM   753  C  CG  . LYS A 1 109 ? 1.628   14.134  -1.984  1.000 31.821 0 107  LYS AAA CG  1 ? 
ATOM   754  C  CD  . LYS A 1 109 ? 2.141   15.201  -2.930  1.000 37.216 0 107  LYS AAA CD  1 ? 
ATOM   755  C  CE  . LYS A 1 109 ? 2.961   16.255  -2.215  1.000 37.876 0 107  LYS AAA CE  1 ? 
ATOM   756  N  NZ  . LYS A 1 109 ? 3.809   16.988  -3.169  1.000 47.527 0 107  LYS AAA NZ  1 ? 
ATOM   757  N  N   . SER A 1 110 ? -0.276  11.114  -0.263  1.000 22.532 0 108  SER AAA N   1 ? 
ATOM   758  C  CA  . SER A 1 110 ? -0.571  9.814   -0.921  1.000 20.981 0 108  SER AAA CA  1 ? 
ATOM   759  C  C   . SER A 1 110 ? -1.035  8.772   0.101   1.000 20.913 0 108  SER AAA C   1 ? 
ATOM   760  O  O   . SER A 1 110 ? -0.792  8.889   1.335   1.000 16.565 0 108  SER AAA O   1 ? 
ATOM   761  C  CB  . SER A 1 110 ? 0.577   9.288   -1.745  1.000 20.147 0 108  SER AAA CB  1 ? 
ATOM   762  O  OG  . SER A 1 110 ? 1.621   8.777   -0.936  1.000 20.539 0 108  SER AAA OG  1 ? 
ATOM   763  N  N   . VAL A 1 111 ? -1.803  7.836   -0.445  1.000 20.788 0 109  VAL AAA N   1 ? 
ATOM   764  C  CA  . VAL A 1 111 ? -2.055  6.510   0.146   1.000 18.927 0 109  VAL AAA CA  1 ? 
ATOM   765  C  C   . VAL A 1 111 ? -1.072  5.537   -0.516  1.000 16.530 0 109  VAL AAA C   1 ? 
ATOM   766  O  O   . VAL A 1 111 ? -1.203  5.311   -1.744  1.000 16.961 0 109  VAL AAA O   1 ? 
ATOM   767  C  CB  . VAL A 1 111 ? -3.516  6.093   -0.074  1.000 19.536 0 109  VAL AAA CB  1 ? 
ATOM   768  C  CG1 . VAL A 1 111 ? -3.818  4.813   0.688   1.000 19.095 0 109  VAL AAA CG1 1 ? 
ATOM   769  C  CG2 . VAL A 1 111 ? -4.473  7.203   0.341   1.000 22.535 0 109  VAL AAA CG2 1 ? 
ATOM   770  N  N   . GLY A 1 112 ? -0.135  5.008   0.265   1.000 15.971 0 110  GLY AAA N   1 ? 
ATOM   771  C  CA  . GLY A 1 112 ? 0.830   3.983   -0.172  1.000 15.615 0 110  GLY AAA CA  1 ? 
ATOM   772  C  C   . GLY A 1 112 ? 0.289   2.597   0.122   1.000 16.087 0 110  GLY AAA C   1 ? 
ATOM   773  O  O   . GLY A 1 112 ? 0.132   2.252   1.305   1.000 15.413 0 110  GLY AAA O   1 ? 
ATOM   774  N  N   . ILE A 1 113 ? -0.062  1.843   -0.914  1.000 15.567 0 111  ILE AAA N   1 ? 
ATOM   775  C  CA  . ILE A 1 113 ? -0.687  0.502   -0.744  1.000 14.915 0 111  ILE AAA CA  1 ? 
ATOM   776  C  C   . ILE A 1 113 ? 0.319   -0.570  -1.187  1.000 15.095 0 111  ILE AAA C   1 ? 
ATOM   777  O  O   . ILE A 1 113 ? 0.790   -0.484  -2.319  1.000 15.570 0 111  ILE AAA O   1 ? 
ATOM   778  C  CB  . ILE A 1 113 ? -1.972  0.371   -1.563  1.000 15.126 0 111  ILE AAA CB  1 ? 
ATOM   779  C  CG1 . ILE A 1 113 ? -2.956  1.509   -1.286  1.000 17.091 0 111  ILE AAA CG1 1 ? 
ATOM   780  C  CG2 . ILE A 1 113 ? -2.588  -1.006  -1.327  1.000 15.148 0 111  ILE AAA CG2 1 ? 
ATOM   781  C  CD1 . ILE A 1 113 ? -4.196  1.439   -2.145  1.000 17.053 0 111  ILE AAA CD1 1 ? 
ATOM   782  N  N   . VAL A 1 114 ? 0.642   -1.517  -0.327  1.000 15.322 0 112  VAL AAA N   1 ? 
ATOM   783  C  CA  . VAL A 1 114 ? 1.605   -2.593  -0.667  1.000 15.360 0 112  VAL AAA CA  1 ? 
ATOM   784  C  C   . VAL A 1 114 ? 0.824   -3.888  -0.893  1.000 15.959 0 112  VAL AAA C   1 ? 
ATOM   785  O  O   . VAL A 1 114 ? 0.058   -4.275  -0.022  1.000 16.162 0 112  VAL AAA O   1 ? 
ATOM   786  C  CB  . VAL A 1 114 ? 2.740   -2.783  0.359   1.000 16.779 0 112  VAL AAA CB  1 ? 
ATOM   787  C  CG1 . VAL A 1 114 ? 2.258   -3.210  1.717   1.000 17.435 0 112  VAL AAA CG1 1 ? 
ATOM   788  C  CG2 . VAL A 1 114 ? 3.765   -3.785  -0.186  1.000 18.355 0 112  VAL AAA CG2 1 ? 
ATOM   789  N  N   . LEU A 1 115 ? 1.021   -4.525  -2.040  1.000 16.255 0 113  LEU AAA N   1 ? 
ATOM   790  C  CA  . LEU A 1 115 ? 0.504   -5.890  -2.276  1.000 17.853 0 113  LEU AAA CA  1 ? 
ATOM   791  C  C   . LEU A 1 115 ? 1.645   -6.828  -1.882  1.000 19.010 0 113  LEU AAA C   1 ? 
ATOM   792  O  O   . LEU A 1 115 ? 2.712   -6.812  -2.510  1.000 17.422 0 113  LEU AAA O   1 ? 
ATOM   793  C  CB  . LEU A 1 115 ? 0.025   -6.050  -3.722  1.000 18.755 0 113  LEU AAA CB  1 ? 
ATOM   794  C  CG  . LEU A 1 115 ? -1.414  -5.593  -3.992  1.000 20.878 0 113  LEU AAA CG  1 ? 
ATOM   795  C  CD1 . LEU A 1 115 ? -1.563  -4.088  -3.970  1.000 18.610 0 113  LEU AAA CD1 1 ? 
ATOM   796  C  CD2 . LEU A 1 115 ? -1.903  -6.093  -5.352  1.000 22.712 0 113  LEU AAA CD2 1 ? 
ATOM   797  N  N   . ILE A 1 116 ? 1.438   -7.557  -0.804  1.000 20.591 0 114  ILE AAA N   1 ? 
ATOM   798  C  CA  . ILE A 1 116 ? 2.476   -8.454  -0.233  1.000 22.170 0 114  ILE AAA CA  1 ? 
ATOM   799  C  C   . ILE A 1 116 ? 2.803   -9.515  -1.298  1.000 24.029 0 114  ILE AAA C   1 ? 
ATOM   800  O  O   . ILE A 1 116 ? 1.865   -10.136 -1.851  1.000 20.372 0 114  ILE AAA O   1 ? 
ATOM   801  C  CB  . ILE A 1 116 ? 2.008   -9.046  1.104   1.000 22.605 0 114  ILE AAA CB  1 ? 
ATOM   802  C  CG1 . ILE A 1 116 ? 1.668   -7.941  2.106   1.000 23.456 0 114  ILE AAA CG1 1 ? 
ATOM   803  C  CG2 . ILE A 1 116 ? 3.031   -10.030 1.634   1.000 23.237 0 114  ILE AAA CG2 1 ? 
ATOM   804  C  CD1 . ILE A 1 116 ? 1.057   -8.433  3.395   1.000 24.811 0 114  ILE AAA CD1 1 ? 
ATOM   805  N  N   . GLY A 1 117 ? 4.092   -9.642  -1.627  1.000 22.962 0 115  GLY AAA N   1 ? 
ATOM   806  C  CA  . GLY A 1 117 ? 4.610   -10.637 -2.575  1.000 25.027 0 115  GLY AAA CA  1 ? 
ATOM   807  C  C   . GLY A 1 117 ? 5.451   -9.974  -3.636  1.000 24.111 0 115  GLY AAA C   1 ? 
ATOM   808  O  O   . GLY A 1 117 ? 5.619   -8.739  -3.599  1.000 23.177 0 115  GLY AAA O   1 ? 
ATOM   809  N  N   . ASP A 1 118 ? 5.978   -10.805 -4.529  1.000 25.444 0 116  ASP AAA N   1 ? 
ATOM   810  C  CA  . ASP A 1 118 ? 6.848   -10.440 -5.668  1.000 24.260 0 116  ASP AAA CA  1 ? 
ATOM   811  C  C   . ASP A 1 118 ? 6.014   -10.582 -6.929  1.000 25.002 0 116  ASP AAA C   1 ? 
ATOM   812  O  O   . ASP A 1 118 ? 5.699   -11.743 -7.304  1.000 24.493 0 116  ASP AAA O   1 ? 
ATOM   813  C  CB  . ASP A 1 118 ? 8.078   -11.340 -5.633  1.000 26.294 0 116  ASP AAA CB  1 ? 
ATOM   814  C  CG  . ASP A 1 118 ? 8.992   -11.216 -6.833  1.000 29.753 0 116  ASP AAA CG  1 ? 
ATOM   815  O  OD1 . ASP A 1 118 ? 8.869   -10.204 -7.577  1.000 29.344 0 116  ASP AAA OD1 1 ? 
ATOM   816  O  OD2 . ASP A 1 118 ? 9.850   -12.125 -6.977  1.000 27.421 0 116  ASP AAA OD2 1 ? 
ATOM   817  N  N   . TRP A 1 119 ? 5.615   -9.452  -7.503  1.000 24.259 0 117  TRP AAA N   1 ? 
ATOM   818  C  CA  . TRP A 1 119 ? 4.731   -9.361  -8.695  1.000 26.033 0 117  TRP AAA CA  1 ? 
ATOM   819  C  C   . TRP A 1 119 ? 5.503   -8.826  -9.908  1.000 27.117 0 117  TRP AAA C   1 ? 
ATOM   820  O  O   . TRP A 1 119 ? 4.949   -8.109  -10.770 1.000 25.384 0 117  TRP AAA O   1 ? 
ATOM   821  C  CB  . TRP A 1 119 ? 3.496   -8.536  -8.322  1.000 25.061 0 117  TRP AAA CB  1 ? 
ATOM   822  C  CG  . TRP A 1 119 ? 2.872   -9.085  -7.085  1.000 24.084 0 117  TRP AAA CG  1 ? 
ATOM   823  C  CD1 . TRP A 1 119 ? 2.727   -8.441  -5.898  1.000 23.413 0 117  TRP AAA CD1 1 ? 
ATOM   824  C  CD2 . TRP A 1 119 ? 2.379   -10.421 -6.882  1.000 24.276 0 117  TRP AAA CD2 1 ? 
ATOM   825  N  NE1 . TRP A 1 119 ? 2.162   -9.273  -4.978  1.000 24.060 0 117  TRP AAA NE1 1 ? 
ATOM   826  C  CE2 . TRP A 1 119 ? 1.908   -10.485 -5.555  1.000 23.945 0 117  TRP AAA CE2 1 ? 
ATOM   827  C  CE3 . TRP A 1 119 ? 2.234   -11.552 -7.698  1.000 25.182 0 117  TRP AAA CE3 1 ? 
ATOM   828  C  CZ2 . TRP A 1 119 ? 1.348   -11.637 -5.003  1.000 24.975 0 117  TRP AAA CZ2 1 ? 
ATOM   829  C  CZ3 . TRP A 1 119 ? 1.691   -12.699 -7.154  1.000 25.829 0 117  TRP AAA CZ3 1 ? 
ATOM   830  C  CH2 . TRP A 1 119 ? 1.257   -12.741 -5.826  1.000 26.107 0 117  TRP AAA CH2 1 ? 
ATOM   831  N  N   . ARG A 1 120 ? 6.777   -9.183  -9.994  1.000 29.682 0 118  ARG AAA N   1 ? 
ATOM   832  C  CA  . ARG A 1 120 ? 7.580   -8.870  -11.196 1.000 29.979 0 118  ARG AAA CA  1 ? 
ATOM   833  C  C   . ARG A 1 120 ? 6.969   -9.584  -12.389 1.000 29.909 0 118  ARG AAA C   1 ? 
ATOM   834  O  O   . ARG A 1 120 ? 6.736   -8.898  -13.373 1.000 28.284 0 118  ARG AAA O   1 ? 
ATOM   835  C  CB  . ARG A 1 120 ? 9.049   -9.207  -10.953 1.000 33.230 0 118  ARG AAA CB  1 ? 
ATOM   836  C  CG  . ARG A 1 120 ? 9.734   -8.107  -10.156 1.000 34.417 0 118  ARG AAA CG  1 ? 
ATOM   837  C  CD  . ARG A 1 120 ? 11.183  -8.432  -9.894  1.000 37.718 0 118  ARG AAA CD  1 ? 
ATOM   838  N  NE  . ARG A 1 120 ? 11.244  -9.736  -9.259  1.000 38.560 0 118  ARG AAA NE  1 ? 
ATOM   839  C  CZ  . ARG A 1 120 ? 12.338  -10.478 -9.178  1.000 41.009 0 118  ARG AAA CZ  1 ? 
ATOM   840  N  NH1 . ARG A 1 120 ? 13.466  -10.037 -9.718  1.000 44.740 0 118  ARG AAA NH1 1 ? 
ATOM   841  N  NH2 . ARG A 1 120 ? 12.292  -11.651 -8.567  1.000 36.844 0 118  ARG AAA NH2 1 ? 
ATOM   842  N  N   . THR A 1 121 ? 6.665   -10.872 -12.263 1.000 31.202 0 119  THR AAA N   1 ? 
ATOM   843  C  CA  . THR A 1 121 ? 6.268   -11.728 -13.410 1.000 37.158 0 119  THR AAA CA  1 ? 
ATOM   844  C  C   . THR A 1 121 ? 4.848   -12.253 -13.212 1.000 32.521 0 119  THR AAA C   1 ? 
ATOM   845  O  O   . THR A 1 121 ? 4.074   -12.237 -14.169 1.000 35.932 0 119  THR AAA O   1 ? 
ATOM   846  C  CB  . THR A 1 121 ? 7.327   -12.822 -13.626 1.000 37.765 0 119  THR AAA CB  1 ? 
ATOM   847  O  OG1 . THR A 1 121 ? 7.527   -13.527 -12.403 1.000 38.097 0 119  THR AAA OG1 1 ? 
ATOM   848  C  CG2 . THR A 1 121 ? 8.648   -12.239 -14.067 1.000 40.106 0 119  THR AAA CG2 1 ? 
ATOM   849  N  N   . GLU A 1 122 ? 4.526   -12.681 -12.005 1.000 33.200 0 120  GLU AAA N   1 ? 
ATOM   850  C  CA  . GLU A 1 122 ? 3.213   -13.251 -11.626 1.000 33.437 0 120  GLU AAA CA  1 ? 
ATOM   851  C  C   . GLU A 1 122 ? 2.223   -12.118 -11.333 1.000 32.488 0 120  GLU AAA C   1 ? 
ATOM   852  O  O   . GLU A 1 122 ? 2.639   -11.073 -10.798 1.000 31.471 0 120  GLU AAA O   1 ? 
ATOM   853  C  CB  . GLU A 1 122 ? 3.427   -14.160 -10.419 1.000 34.702 0 120  GLU AAA CB  1 ? 
ATOM   854  C  CG  . GLU A 1 122 ? 2.231   -15.009 -10.090 1.000 42.753 0 120  GLU AAA CG  1 ? 
ATOM   855  C  CD  . GLU A 1 122 ? 1.856   -15.956 -11.219 1.000 47.648 0 120  GLU AAA CD  1 ? 
ATOM   856  O  OE1 . GLU A 1 122 ? 2.752   -16.238 -12.070 1.000 41.147 0 120  GLU AAA OE1 1 ? 
ATOM   857  O  OE2 . GLU A 1 122 ? 0.674   -16.376 -11.262 1.000 45.946 0 120  GLU AAA OE2 1 ? 
ATOM   858  N  N   . LEU A 1 123 ? 0.969   -12.305 -11.726 1.000 33.159 0 121  LEU AAA N   1 ? 
ATOM   859  C  CA  . LEU A 1 123 ? -0.147  -11.374 -11.442 1.000 29.840 0 121  LEU AAA CA  1 ? 
ATOM   860  C  C   . LEU A 1 123 ? -0.722  -11.750 -10.085 1.000 28.300 0 121  LEU AAA C   1 ? 
ATOM   861  O  O   . LEU A 1 123 ? -0.934  -12.919 -9.815  1.000 27.367 0 121  LEU AAA O   1 ? 
ATOM   862  C  CB  . LEU A 1 123 ? -1.201  -11.527 -12.535 1.000 33.288 0 121  LEU AAA CB  1 ? 
ATOM   863  C  CG  . LEU A 1 123 ? -2.455  -10.677 -12.351 1.000 34.431 0 121  LEU AAA CG  1 ? 
ATOM   864  C  CD1 . LEU A 1 123 ? -2.205  -9.259  -12.815 1.000 34.373 0 121  LEU AAA CD1 1 ? 
ATOM   865  C  CD2 . LEU A 1 123 ? -3.635  -11.286 -13.096 1.000 38.079 0 121  LEU AAA CD2 1 ? 
ATOM   866  N  N   . PRO A 1 124 ? -0.976  -10.811 -9.151  1.000 25.529 0 122  PRO AAA N   1 ? 
ATOM   867  C  CA  . PRO A 1 124 ? -1.596  -11.193 -7.879  1.000 26.295 0 122  PRO AAA CA  1 ? 
ATOM   868  C  C   . PRO A 1 124 ? -2.911  -11.916 -8.126  1.000 26.938 0 122  PRO AAA C   1 ? 
ATOM   869  O  O   . PRO A 1 124 ? -3.631  -11.546 -9.036  1.000 27.355 0 122  PRO AAA O   1 ? 
ATOM   870  C  CB  . PRO A 1 124 ? -1.835  -9.838  -7.203  1.000 24.090 0 122  PRO AAA CB  1 ? 
ATOM   871  C  CG  . PRO A 1 124 ? -0.728  -8.999  -7.751  1.000 24.472 0 122  PRO AAA CG  1 ? 
ATOM   872  C  CD  . PRO A 1 124 ? -0.619  -9.391  -9.213  1.000 24.994 0 122  PRO AAA CD  1 ? 
ATOM   873  N  N   . PRO A 1 125 ? -3.326  -12.888 -7.289  1.000 30.968 0 123  PRO AAA N   1 ? 
ATOM   874  C  CA  . PRO A 1 125 ? -4.659  -13.458 -7.429  1.000 31.512 0 123  PRO AAA CA  1 ? 
ATOM   875  C  C   . PRO A 1 125 ? -5.745  -12.371 -7.316  1.000 31.916 0 123  PRO AAA C   1 ? 
ATOM   876  O  O   . PRO A 1 125 ? -5.499  -11.299 -6.722  1.000 27.861 0 123  PRO AAA O   1 ? 
ATOM   877  C  CB  . PRO A 1 125 ? -4.729  -14.504 -6.299  1.000 32.563 0 123  PRO AAA CB  1 ? 
ATOM   878  C  CG  . PRO A 1 125 ? -3.724  -14.033 -5.297  1.000 33.592 0 123  PRO AAA CG  1 ? 
ATOM   879  C  CD  . PRO A 1 125 ? -2.613  -13.401 -6.120  1.000 31.298 0 123  PRO AAA CD  1 ? 
ATOM   880  N  N   . LYS A 1 126 ? -6.910  -12.662 -7.904  1.000 27.425 0 124  LYS AAA N   1 ? 
ATOM   881  C  CA  . LYS A 1 126 ? -8.061  -11.734 -8.078  1.000 27.786 0 124  LYS AAA CA  1 ? 
ATOM   882  C  C   . LYS A 1 126 ? -8.422  -11.100 -6.740  1.000 24.678 0 124  LYS AAA C   1 ? 
ATOM   883  O  O   . LYS A 1 126 ? -8.762  -9.955  -6.763  1.000 23.866 0 124  LYS AAA O   1 ? 
ATOM   884  C  CB  . LYS A 1 126 ? -9.315  -12.434 -8.635  1.000 27.102 0 124  LYS AAA CB  1 ? 
ATOM   885  N  N   . GLN A 1 127 ? -8.443  -11.860 -5.642  1.000 25.686 0 125  GLN AAA N   1 ? 
ATOM   886  C  CA  . GLN A 1 127 ? -8.886  -11.343 -4.317  1.000 26.135 0 125  GLN AAA CA  1 ? 
ATOM   887  C  C   . GLN A 1 127 ? -7.969  -10.190 -3.848  1.000 24.217 0 125  GLN AAA C   1 ? 
ATOM   888  O  O   . GLN A 1 127 ? -8.471  -9.263  -3.152  1.000 20.176 0 125  GLN AAA O   1 ? 
ATOM   889  C  CB  . GLN A 1 127 ? -8.997  -12.466 -3.278  1.000 26.620 0 125  GLN AAA CB  1 ? 
ATOM   890  C  CG  . GLN A 1 127 ? -7.695  -13.121 -2.847  1.000 27.569 0 125  GLN AAA CG  1 ? 
ATOM   891  C  CD  . GLN A 1 127 ? -7.265  -14.258 -3.743  1.000 28.849 0 125  GLN AAA CD  1 ? 
ATOM   892  O  OE1 . GLN A 1 127 ? -7.714  -14.402 -4.877  1.000 27.264 0 125  GLN AAA OE1 1 ? 
ATOM   893  N  NE2 . GLN A 1 127 ? -6.358  -15.063 -3.228  1.000 31.902 0 125  GLN AAA NE2 1 ? 
ATOM   894  N  N   . MET A 1 128 ? -6.690  -10.192 -4.231  1.000 23.732 0 126  MET AAA N   1 ? 
ATOM   895  C  CA  . MET A 1 128 ? -5.768  -9.079  -3.854  1.000 24.005 0 126  MET AAA CA  1 ? 
ATOM   896  C  C   . MET A 1 128 ? -6.073  -7.867  -4.715  1.000 22.125 0 126  MET AAA C   1 ? 
ATOM   897  O  O   . MET A 1 128 ? -6.047  -6.763  -4.197  1.000 22.832 0 126  MET AAA O   1 ? 
ATOM   898  C  CB  . MET A 1 128 ? -4.286  -9.418  -4.027  1.000 22.931 0 126  MET AAA CB  1 ? 
ATOM   899  C  CG  . MET A 1 128 ? -3.841  -10.536 -3.156  1.000 23.483 0 126  MET AAA CG  1 ? 
ATOM   900  S  SD  . MET A 1 128 ? -2.073  -10.859 -3.350  1.000 24.742 0 126  MET AAA SD  1 ? 
ATOM   901  C  CE  . MET A 1 128 ? -1.375  -9.330  -2.726  1.000 24.457 0 126  MET AAA CE  1 ? 
ATOM   902  N  N   . LEU A 1 129 ? -6.289  -8.052  -6.002  1.000 21.364 0 127  LEU AAA N   1 ? 
ATOM   903  C  CA  . LEU A 1 129 ? -6.592  -6.918  -6.912  1.000 23.247 0 127  LEU AAA CA  1 ? 
ATOM   904  C  C   . LEU A 1 129 ? -7.927  -6.276  -6.516  1.000 24.035 0 127  LEU AAA C   1 ? 
ATOM   905  O  O   . LEU A 1 129 ? -7.982  -5.045  -6.489  1.000 22.002 0 127  LEU AAA O   1 ? 
ATOM   906  C  CB  . LEU A 1 129 ? -6.640  -7.444  -8.346  1.000 24.327 0 127  LEU AAA CB  1 ? 
ATOM   907  C  CG  . LEU A 1 129 ? -5.361  -8.131  -8.814  1.000 23.227 0 127  LEU AAA CG  1 ? 
ATOM   908  C  CD1 . LEU A 1 129 ? -5.546  -8.685  -10.218 1.000 24.752 0 127  LEU AAA CD1 1 ? 
ATOM   909  C  CD2 . LEU A 1 129 ? -4.200  -7.146  -8.767  1.000 25.408 0 127  LEU AAA CD2 1 ? 
ATOM   910  N  N   . ASP A 1 130 ? -8.942  -7.098  -6.242  1.000 24.881 0 128  ASP AAA N   1 ? 
ATOM   911  C  CA  . ASP A 1 130 ? -10.278 -6.638  -5.766  1.000 27.422 0 128  ASP AAA CA  1 ? 
ATOM   912  C  C   . ASP A 1 130 ? -10.108 -5.907  -4.425  1.000 23.990 0 128  ASP AAA C   1 ? 
ATOM   913  O  O   . ASP A 1 130 ? -10.720 -4.860  -4.231  1.000 23.878 0 128  ASP AAA O   1 ? 
ATOM   914  C  CB  . ASP A 1 130 ? -11.238 -7.817  -5.582  1.000 29.807 0 128  ASP AAA CB  1 ? 
ATOM   915  C  CG  . ASP A 1 130 ? -11.687 -8.508  -6.863  1.000 34.340 0 128  ASP AAA CG  1 ? 
ATOM   916  O  OD1 . ASP A 1 130 ? -11.535 -7.907  -7.934  1.000 35.916 0 128  ASP AAA OD1 1 ? 
ATOM   917  O  OD2 . ASP A 1 130 ? -12.213 -9.648  -6.766  1.000 37.302 0 128  ASP AAA OD2 1 ? 
ATOM   918  N  N   . ALA A 1 131 ? -9.332  -6.459  -3.495  1.000 22.370 0 129  ALA AAA N   1 ? 
ATOM   919  C  CA  . ALA A 1 131 ? -9.122  -5.829  -2.168  1.000 22.435 0 129  ALA AAA CA  1 ? 
ATOM   920  C  C   . ALA A 1 131 ? -8.513  -4.432  -2.367  1.000 22.702 0 129  ALA AAA C   1 ? 
ATOM   921  O  O   . ALA A 1 131 ? -9.014  -3.462  -1.755  1.000 23.990 0 129  ALA AAA O   1 ? 
ATOM   922  C  CB  . ALA A 1 131 ? -8.301  -6.724  -1.282  1.000 21.597 0 129  ALA AAA CB  1 ? 
ATOM   923  N  N   . ALA A 1 132 ? -7.522  -4.285  -3.245  1.000 22.485 0 130  ALA AAA N   1 ? 
ATOM   924  C  CA  . ALA A 1 132 ? -6.848  -2.983  -3.503  1.000 22.826 0 130  ALA AAA CA  1 ? 
ATOM   925  C  C   . ALA A 1 132 ? -7.865  -2.014  -4.106  1.000 21.526 0 130  ALA AAA C   1 ? 
ATOM   926  O  O   . ALA A 1 132 ? -7.948  -0.871  -3.660  1.000 20.608 0 130  ALA AAA O   1 ? 
ATOM   927  C  CB  . ALA A 1 132 ? -5.641  -3.126  -4.395  1.000 21.852 0 130  ALA AAA CB  1 ? 
ATOM   928  N  N   . LYS A 1 133 ? -8.665  -2.482  -5.052  1.000 21.016 0 131  LYS AAA N   1 ? 
ATOM   929  C  CA  . LYS A 1 133 ? -9.634  -1.591  -5.701  1.000 22.347 0 131  LYS AAA CA  1 ? 
ATOM   930  C  C   . LYS A 1 133 ? -10.686 -1.201  -4.679  1.000 21.412 0 131  LYS AAA C   1 ? 
ATOM   931  O  O   . LYS A 1 133 ? -11.108 -0.066  -4.734  1.000 21.553 0 131  LYS AAA O   1 ? 
ATOM   932  C  CB  . LYS A 1 133 ? -10.269 -2.250  -6.915  1.000 26.139 0 131  LYS AAA CB  1 ? 
ATOM   933  C  CG  . LYS A 1 133 ? -9.323  -2.538  -8.073  1.000 29.338 0 131  LYS AAA CG  1 ? 
ATOM   934  C  CD  . LYS A 1 133 ? -9.948  -3.544  -9.057  1.000 29.677 0 131  LYS AAA CD  1 ? 
ATOM   935  C  CE  . LYS A 1 133 ? -9.345  -3.433  -10.433 1.000 32.681 0 131  LYS AAA CE  1 ? 
ATOM   936  N  NZ  . LYS A 1 133 ? -9.655  -4.639  -11.241 1.000 33.413 0 131  LYS AAA NZ  1 ? 
ATOM   937  N  N   . ASN A 1 134 ? -11.121 -2.126  -3.827  1.000 21.995 0 132  ASN AAA N   1 ? 
ATOM   938  C  CA  . ASN A 1 134 ? -12.164 -1.811  -2.814  1.000 23.915 0 132  ASN AAA CA  1 ? 
ATOM   939  C  C   . ASN A 1 134 ? -11.627 -0.764  -1.845  1.000 23.018 0 132  ASN AAA C   1 ? 
ATOM   940  O  O   . ASN A 1 134 ? -12.368 0.155   -1.502  1.000 21.558 0 132  ASN AAA O   1 ? 
ATOM   941  C  CB  . ASN A 1 134 ? -12.645 -3.049  -2.049  1.000 26.689 0 132  ASN AAA CB  1 ? 
ATOM   942  C  CG  . ASN A 1 134 ? -13.452 -3.999  -2.916  1.000 32.863 0 132  ASN AAA CG  1 ? 
ATOM   943  O  OD1 . ASN A 1 134 ? -13.941 -3.644  -3.995  1.000 39.327 0 132  ASN AAA OD1 1 ? 
ATOM   944  N  ND2 . ASN A 1 134 ? -13.577 -5.231  -2.469  1.000 40.580 0 132  ASN AAA ND2 1 ? 
ATOM   945  N  N   . LEU A 1 135 ? -10.390 -0.933  -1.362  1.000 20.642 0 133  LEU AAA N   1 ? 
ATOM   946  C  CA  . LEU A 1 135 ? -9.767  0.038   -0.436  1.000 19.902 0 133  LEU AAA CA  1 ? 
ATOM   947  C  C   . LEU A 1 135 ? -9.793  1.428   -1.061  1.000 18.226 0 133  LEU AAA C   1 ? 
ATOM   948  O  O   . LEU A 1 135 ? -10.099 2.406   -0.360  1.000 19.619 0 133  LEU AAA O   1 ? 
ATOM   949  C  CB  . LEU A 1 135 ? -8.327  -0.378  -0.155  1.000 19.722 0 133  LEU AAA CB  1 ? 
ATOM   950  C  CG  . LEU A 1 135 ? -7.510  0.613   0.656   1.000 19.565 0 133  LEU AAA CG  1 ? 
ATOM   951  C  CD1 . LEU A 1 135 ? -8.154  0.847   2.015   1.000 21.151 0 133  LEU AAA CD1 1 ? 
ATOM   952  C  CD2 . LEU A 1 135 ? -6.079  0.064   0.783   1.000 21.481 0 133  LEU AAA CD2 1 ? 
ATOM   953  N  N   . ILE A 1 136 ? -9.419  1.536   -2.322  1.000 18.948 0 134  ILE AAA N   1 ? 
ATOM   954  C  CA  . ILE A 1 136 ? -9.407  2.848   -3.007  1.000 19.050 0 134  ILE AAA CA  1 ? 
ATOM   955  C  C   . ILE A 1 136 ? -10.848 3.408   -3.033  1.000 20.370 0 134  ILE AAA C   1 ? 
ATOM   956  O  O   . ILE A 1 136 ? -11.024 4.601   -2.719  1.000 18.406 0 134  ILE AAA O   1 ? 
ATOM   957  C  CB  . ILE A 1 136 ? -8.775  2.702   -4.403  1.000 21.897 0 134  ILE AAA CB  1 ? 
ATOM   958  C  CG1 . ILE A 1 136 ? -7.299  2.294   -4.285  1.000 24.359 0 134  ILE AAA CG1 1 ? 
ATOM   959  C  CG2 . ILE A 1 136 ? -8.966  3.988   -5.204  1.000 22.427 0 134  ILE AAA CG2 1 ? 
ATOM   960  C  CD1 . ILE A 1 136 ? -6.598  2.035   -5.628  1.000 23.745 0 134  ILE AAA CD1 1 ? 
ATOM   961  N  N   . ALA A 1 137 ? -11.830 2.596   -3.425  1.000 21.270 0 135  ALA AAA N   1 ? 
ATOM   962  C  CA  . ALA A 1 137 ? -13.251 3.021   -3.542  1.000 23.451 0 135  ALA AAA CA  1 ? 
ATOM   963  C  C   . ALA A 1 137 ? -13.776 3.519   -2.179  1.000 21.736 0 135  ALA AAA C   1 ? 
ATOM   964  O  O   . ALA A 1 137 ? -14.350 4.620   -2.177  1.000 24.185 0 135  ALA AAA O   1 ? 
ATOM   965  C  CB  . ALA A 1 137 ? -14.077 1.897   -4.115  1.000 23.809 0 135  ALA AAA CB  1 ? 
ATOM   966  N  N   . PHE A 1 138 ? -13.498 2.805   -1.078  1.000 22.605 0 136  PHE AAA N   1 ? 
ATOM   967  C  CA  . PHE A 1 138 ? -13.844 3.183   0.321   1.000 23.538 0 136  PHE AAA CA  1 ? 
ATOM   968  C  C   . PHE A 1 138 ? -13.278 4.574   0.624   1.000 23.994 0 136  PHE AAA C   1 ? 
ATOM   969  O  O   . PHE A 1 138 ? -14.021 5.472   1.099   1.000 25.917 0 136  PHE AAA O   1 ? 
ATOM   970  C  CB  . PHE A 1 138 ? -13.341 2.174   1.362   1.000 23.388 0 136  PHE AAA CB  1 ? 
ATOM   971  N  N   . GLY A 1 139 ? -11.982 4.744   0.373   1.000 23.294 0 137  GLY AAA N   1 ? 
ATOM   972  C  CA  . GLY A 1 139 ? -11.254 6.015   0.523   1.000 22.298 0 137  GLY AAA CA  1 ? 
ATOM   973  C  C   . GLY A 1 139 ? -11.907 7.167   -0.209  1.000 22.981 0 137  GLY AAA C   1 ? 
ATOM   974  O  O   . GLY A 1 139 ? -12.016 8.234   0.416   1.000 22.782 0 137  GLY AAA O   1 ? 
ATOM   975  N  N   . VAL A 1 140 ? -12.331 6.984   -1.472  1.000 22.542 0 138  VAL AAA N   1 ? 
ATOM   976  C  CA  . VAL A 1 140 ? -12.995 8.059   -2.253  1.000 26.308 0 138  VAL AAA CA  1 ? 
ATOM   977  C  C   . VAL A 1 140 ? -14.370 8.314   -1.610  1.000 28.656 0 138  VAL AAA C   1 ? 
ATOM   978  O  O   . VAL A 1 140 ? -14.696 9.481   -1.320  1.000 26.787 0 138  VAL AAA O   1 ? 
ATOM   979  C  CB  . VAL A 1 140 ? -13.135 7.710   -3.740  1.000 27.478 0 138  VAL AAA CB  1 ? 
ATOM   980  C  CG1 . VAL A 1 140 ? -14.051 8.701   -4.446  1.000 28.708 0 138  VAL AAA CG1 1 ? 
ATOM   981  C  CG2 . VAL A 1 140 ? -11.786 7.647   -4.432  1.000 26.510 0 138  VAL AAA CG2 1 ? 
ATOM   982  N  N   . PHE A 1 141 ? -15.097 7.230   -1.355  1.000 27.029 0 139  PHE AAA N   1 ? 
ATOM   983  C  CA  . PHE A 1 141 ? -16.425 7.219   -0.697  1.000 29.606 0 139  PHE AAA CA  1 ? 
ATOM   984  C  C   . PHE A 1 141 ? -16.398 8.028   0.606   1.000 28.436 0 139  PHE AAA C   1 ? 
ATOM   985  O  O   . PHE A 1 141 ? -17.290 8.858   0.856   1.000 27.332 0 139  PHE AAA O   1 ? 
ATOM   986  C  CB  . PHE A 1 141 ? -16.802 5.762   -0.451  1.000 30.398 0 139  PHE AAA CB  1 ? 
ATOM   987  C  CG  . PHE A 1 141 ? -18.101 5.547   0.262   1.000 33.594 0 139  PHE AAA CG  1 ? 
ATOM   988  C  CD1 . PHE A 1 141 ? -19.291 5.545   -0.450  1.000 37.832 0 139  PHE AAA CD1 1 ? 
ATOM   989  C  CD2 . PHE A 1 141 ? -18.124 5.319   1.628   1.000 34.385 0 139  PHE AAA CD2 1 ? 
ATOM   990  C  CE1 . PHE A 1 141 ? -20.484 5.299   0.205   1.000 38.468 0 139  PHE AAA CE1 1 ? 
ATOM   991  C  CE2 . PHE A 1 141 ? -19.327 5.111   2.284   1.000 37.372 0 139  PHE AAA CE2 1 ? 
ATOM   992  C  CZ  . PHE A 1 141 ? -20.498 5.099   1.569   1.000 38.270 0 139  PHE AAA CZ  1 ? 
ATOM   993  N  N   . LYS A 1 142 ? -15.358 7.822   1.407   1.000 29.961 0 140  LYS AAA N   1 ? 
ATOM   994  C  CA  . LYS A 1 142 ? -15.225 8.385   2.776   1.000 30.141 0 140  LYS AAA CA  1 ? 
ATOM   995  C  C   . LYS A 1 142 ? -14.532 9.764   2.740   1.000 29.855 0 140  LYS AAA C   1 ? 
ATOM   996  O  O   . LYS A 1 142 ? -14.485 10.410  3.777   1.000 30.363 0 140  LYS AAA O   1 ? 
ATOM   997  C  CB  . LYS A 1 142 ? -14.527 7.297   3.602   1.000 34.076 0 140  LYS AAA CB  1 ? 
ATOM   998  C  CG  . LYS A 1 142 ? -14.564 7.442   5.105   1.000 42.048 0 140  LYS AAA CG  1 ? 
ATOM   999  C  CD  . LYS A 1 142 ? -15.941 7.476   5.736   1.000 44.722 0 140  LYS AAA CD  1 ? 
ATOM   1000 C  CE  . LYS A 1 142 ? -15.831 7.596   7.243   1.000 40.902 0 140  LYS AAA CE  1 ? 
ATOM   1001 N  NZ  . LYS A 1 142 ? -17.053 8.185   7.846   1.000 45.340 0 140  LYS AAA NZ  1 ? 
ATOM   1002 N  N   . GLY A 1 143 ? -14.020 10.235  1.599   1.000 27.061 0 141  GLY AAA N   1 ? 
ATOM   1003 C  CA  . GLY A 1 143 ? -13.358 11.551  1.483   1.000 27.667 0 141  GLY AAA CA  1 ? 
ATOM   1004 C  C   . GLY A 1 143 ? -11.889 11.553  1.901   1.000 26.535 0 141  GLY AAA C   1 ? 
ATOM   1005 O  O   . GLY A 1 143 ? -11.369 12.633  2.153   1.000 24.864 0 141  GLY AAA O   1 ? 
ATOM   1006 N  N   . TYR A 1 144 ? -11.234 10.397  2.018   1.000 24.649 0 142  TYR AAA N   1 ? 
ATOM   1007 C  CA  . TYR A 1 144 ? -9.783  10.302  2.342   1.000 24.908 0 142  TYR AAA CA  1 ? 
ATOM   1008 C  C   . TYR A 1 144 ? -8.934  10.331  1.074   1.000 22.527 0 142  TYR AAA C   1 ? 
ATOM   1009 O  O   . TYR A 1 144 ? -7.712  10.605  1.154   1.000 21.970 0 142  TYR AAA O   1 ? 
ATOM   1010 C  CB  . TYR A 1 144 ? -9.450  9.010   3.077   1.000 25.359 0 142  TYR AAA CB  1 ? 
ATOM   1011 C  CG  . TYR A 1 144 ? -10.187 8.852   4.382   1.000 29.489 0 142  TYR AAA CG  1 ? 
ATOM   1012 C  CD1 . TYR A 1 144 ? -10.855 7.679   4.678   1.000 29.319 0 142  TYR AAA CD1 1 ? 
ATOM   1013 C  CD2 . TYR A 1 144 ? -10.192 9.860   5.324   1.000 32.042 0 142  TYR AAA CD2 1 ? 
ATOM   1014 C  CE1 . TYR A 1 144 ? -11.505 7.504   5.885   1.000 34.829 0 142  TYR AAA CE1 1 ? 
ATOM   1015 C  CE2 . TYR A 1 144 ? -10.869 9.718   6.526   1.000 36.554 0 142  TYR AAA CE2 1 ? 
ATOM   1016 C  CZ  . TYR A 1 144 ? -11.530 8.537   6.801   1.000 39.154 0 142  TYR AAA CZ  1 ? 
ATOM   1017 O  OH  . TYR A 1 144 ? -12.189 8.369   7.980   1.000 43.206 0 142  TYR AAA OH  1 ? 
ATOM   1018 N  N   . ILE A 1 145 ? -9.539  9.978   -0.055  1.000 21.471 0 143  ILE AAA N   1 ? 
ATOM   1019 C  CA  . ILE A 1 145 ? -8.833  9.963   -1.369  1.000 21.944 0 143  ILE AAA CA  1 ? 
ATOM   1020 C  C   . ILE A 1 145 ? -9.552  10.965  -2.275  1.000 24.334 0 143  ILE AAA C   1 ? 
ATOM   1021 O  O   . ILE A 1 145 ? -10.813 10.934  -2.354  1.000 25.710 0 143  ILE AAA O   1 ? 
ATOM   1022 C  CB  . ILE A 1 145 ? -8.757  8.533   -1.946  1.000 20.910 0 143  ILE AAA CB  1 ? 
ATOM   1023 C  CG1 . ILE A 1 145 ? -7.977  7.590   -1.018  1.000 20.849 0 143  ILE AAA CG1 1 ? 
ATOM   1024 C  CG2 . ILE A 1 145 ? -8.164  8.581   -3.346  1.000 21.515 0 143  ILE AAA CG2 1 ? 
ATOM   1025 C  CD1 . ILE A 1 145 ? -7.957  6.124   -1.468  1.000 20.669 0 143  ILE AAA CD1 1 ? 
ATOM   1026 N  N   . ASP A 1 146 ? -8.798  11.846  -2.904  1.000 26.407 0 144  ASP AAA N   1 ? 
ATOM   1027 C  CA  . ASP A 1 146 ? -9.367  12.868  -3.821  1.000 28.972 0 144  ASP AAA CA  1 ? 
ATOM   1028 C  C   . ASP A 1 146 ? -10.213 12.170  -4.879  1.000 28.970 0 144  ASP AAA C   1 ? 
ATOM   1029 O  O   . ASP A 1 146 ? -9.820  11.157  -5.462  1.000 27.936 0 144  ASP AAA O   1 ? 
ATOM   1030 C  CB  . ASP A 1 146 ? -8.277  13.713  -4.467  1.000 31.722 0 144  ASP AAA CB  1 ? 
ATOM   1031 C  CG  . ASP A 1 146 ? -8.824  14.987  -5.086  1.000 34.085 0 144  ASP AAA CG  1 ? 
ATOM   1032 O  OD1 . ASP A 1 146 ? -8.811  16.006  -4.400  1.000 36.849 0 144  ASP AAA OD1 1 ? 
ATOM   1033 O  OD2 . ASP A 1 146 ? -9.263  14.939  -6.224  1.000 38.827 0 144  ASP AAA OD2 1 ? 
ATOM   1034 N  N   . PRO A 1 147 ? -11.424 12.683  -5.176  1.000 29.956 0 145  PRO AAA N   1 ? 
ATOM   1035 C  CA  . PRO A 1 147 ? -12.224 12.095  -6.242  1.000 29.708 0 145  PRO AAA CA  1 ? 
ATOM   1036 C  C   . PRO A 1 147 ? -11.483 12.124  -7.595  1.000 27.860 0 145  PRO AAA C   1 ? 
ATOM   1037 O  O   . PRO A 1 147 ? -11.725 11.285  -8.393  1.000 32.350 0 145  PRO AAA O   1 ? 
ATOM   1038 C  CB  . PRO A 1 147 ? -13.494 12.963  -6.282  1.000 30.284 0 145  PRO AAA CB  1 ? 
ATOM   1039 C  CG  . PRO A 1 147 ? -13.499 13.762  -4.984  1.000 30.614 0 145  PRO AAA CG  1 ? 
ATOM   1040 C  CD  . PRO A 1 147 ? -12.068 13.835  -4.521  1.000 29.113 0 145  PRO AAA CD  1 ? 
ATOM   1041 N  N   . ALA A 1 148 ? -10.585 13.083  -7.804  1.000 30.681 0 146  ALA AAA N   1 ? 
ATOM   1042 C  CA  . ALA A 1 148 ? -9.719  13.176  -9.006  1.000 31.636 0 146  ALA AAA CA  1 ? 
ATOM   1043 C  C   . ALA A 1 148 ? -8.306  12.636  -8.701  1.000 28.952 0 146  ALA AAA C   1 ? 
ATOM   1044 O  O   . ALA A 1 148 ? -7.322  13.195  -9.233  1.000 26.806 0 146  ALA AAA O   1 ? 
ATOM   1045 C  CB  . ALA A 1 148 ? -9.664  14.627  -9.452  1.000 32.326 0 146  ALA AAA CB  1 ? 
ATOM   1046 N  N   . TYR A 1 149 ? -8.183  11.624  -7.845  1.000 29.931 0 147  TYR AAA N   1 ? 
ATOM   1047 C  CA  . TYR A 1 149 ? -6.874  11.061  -7.423  1.000 27.446 0 147  TYR AAA CA  1 ? 
ATOM   1048 C  C   . TYR A 1 149 ? -6.144  10.513  -8.651  1.000 25.334 0 147  TYR AAA C   1 ? 
ATOM   1049 O  O   . TYR A 1 149 ? -6.733  10.049  -9.624  1.000 23.282 0 147  TYR AAA O   1 ? 
ATOM   1050 C  CB  . TYR A 1 149 ? -7.037  9.964   -6.368  1.000 26.529 0 147  TYR AAA CB  1 ? 
ATOM   1051 C  CG  . TYR A 1 149 ? -7.622  8.673   -6.886  1.000 27.934 0 147  TYR AAA CG  1 ? 
ATOM   1052 C  CD1 . TYR A 1 149 ? -6.804  7.655   -7.335  1.000 26.982 0 147  TYR AAA CD1 1 ? 
ATOM   1053 C  CD2 . TYR A 1 149 ? -8.997  8.444   -6.890  1.000 28.946 0 147  TYR AAA CD2 1 ? 
ATOM   1054 C  CE1 . TYR A 1 149 ? -7.323  6.457   -7.798  1.000 25.229 0 147  TYR AAA CE1 1 ? 
ATOM   1055 C  CE2 . TYR A 1 149 ? -9.535  7.250   -7.349  1.000 27.816 0 147  TYR AAA CE2 1 ? 
ATOM   1056 C  CZ  . TYR A 1 149 ? -8.691  6.254   -7.806  1.000 27.661 0 147  TYR AAA CZ  1 ? 
ATOM   1057 O  OH  . TYR A 1 149 ? -9.196  5.078   -8.255  1.000 28.162 0 147  TYR AAA OH  1 ? 
ATOM   1058 N  N   . LYS A 1 150 ? -4.826  10.522  -8.577  1.000 26.705 0 148  LYS AAA N   1 ? 
ATOM   1059 C  CA  . LYS A 1 150 ? -3.973  9.920   -9.617  1.000 26.654 0 148  LYS AAA CA  1 ? 
ATOM   1060 C  C   . LYS A 1 150 ? -3.386  8.619   -9.057  1.000 22.517 0 148  LYS AAA C   1 ? 
ATOM   1061 O  O   . LYS A 1 150 ? -2.755  8.671   -7.971  1.000 19.359 0 148  LYS AAA O   1 ? 
ATOM   1062 C  CB  . LYS A 1 150 ? -2.874  10.920  -9.966  1.000 29.504 0 148  LYS AAA CB  1 ? 
ATOM   1063 C  CG  . LYS A 1 150 ? -3.338  12.246  -10.547 1.000 31.868 0 148  LYS AAA CG  1 ? 
ATOM   1064 C  CD  . LYS A 1 150 ? -2.196  13.231  -10.636 1.000 36.781 0 148  LYS AAA CD  1 ? 
ATOM   1065 C  CE  . LYS A 1 150 ? -2.313  14.174  -11.812 1.000 42.786 0 148  LYS AAA CE  1 ? 
ATOM   1066 N  NZ  . LYS A 1 150 ? -3.498  15.056  -11.662 1.000 46.567 0 148  LYS AAA NZ  1 ? 
ATOM   1067 N  N   . LEU A 1 151 ? -3.545  7.523   -9.801  1.000 20.658 0 149  LEU AAA N   1 ? 
ATOM   1068 C  CA  . LEU A 1 151 ? -2.983  6.206   -9.465  1.000 21.535 0 149  LEU AAA CA  1 ? 
ATOM   1069 C  C   . LEU A 1 151 ? -1.624  6.067   -10.162 1.000 23.125 0 149  LEU AAA C   1 ? 
ATOM   1070 O  O   . LEU A 1 151 ? -1.560  6.192   -11.424 1.000 25.119 0 149  LEU AAA O   1 ? 
ATOM   1071 C  CB  . LEU A 1 151 ? -3.952  5.110   -9.891  1.000 21.833 0 149  LEU AAA CB  1 ? 
ATOM   1072 C  CG  . LEU A 1 151 ? -3.481  3.683   -9.648  1.000 22.753 0 149  LEU AAA CG  1 ? 
ATOM   1073 C  CD1 . LEU A 1 151 ? -3.568  3.333   -8.171  1.000 23.311 0 149  LEU AAA CD1 1 ? 
ATOM   1074 C  CD2 . LEU A 1 151 ? -4.306  2.732   -10.467 1.000 24.168 0 149  LEU AAA CD2 1 ? 
ATOM   1075 N  N   . LEU A 1 152 ? -0.595  5.817   -9.352  1.000 23.482 0 150  LEU AAA N   1 ? 
ATOM   1076 C  CA  . LEU A 1 152 ? 0.798   5.586   -9.785  1.000 21.937 0 150  LEU AAA CA  1 ? 
ATOM   1077 C  C   . LEU A 1 152 ? 1.323   4.274   -9.208  1.000 22.837 0 150  LEU AAA C   1 ? 
ATOM   1078 O  O   . LEU A 1 152 ? 0.839   3.805   -8.156  1.000 21.534 0 150  LEU AAA O   1 ? 
ATOM   1079 C  CB  . LEU A 1 152 ? 1.652   6.748   -9.286  1.000 24.193 0 150  LEU AAA CB  1 ? 
ATOM   1080 C  CG  . LEU A 1 152 ? 1.172   8.145   -9.675  1.000 23.877 0 150  LEU AAA CG  1 ? 
ATOM   1081 C  CD1 . LEU A 1 152 ? 1.987   9.197   -8.976  1.000 25.244 0 150  LEU AAA CD1 1 ? 
ATOM   1082 C  CD2 . LEU A 1 152 ? 1.206   8.331   -11.178 1.000 23.603 0 150  LEU AAA CD2 1 ? 
ATOM   1083 N  N   . GLY A 1 153 ? 2.296   3.707   -9.910  1.000 20.777 0 151  GLY AAA N   1 ? 
ATOM   1084 C  CA  . GLY A 1 153 ? 3.251   2.728   -9.379  1.000 21.058 0 151  GLY AAA CA  1 ? 
ATOM   1085 C  C   . GLY A 1 153 ? 4.459   3.449   -8.850  1.000 20.594 0 151  GLY AAA C   1 ? 
ATOM   1086 O  O   . GLY A 1 153 ? 4.754   4.562   -9.346  1.000 22.282 0 151  GLY AAA O   1 ? 
ATOM   1087 N  N   . HIS A 1 154 ? 5.110   2.858   -7.851  1.000 20.373 0 152  HIS AAA N   1 ? 
ATOM   1088 C  CA  . HIS A 1 154 ? 6.302   3.433   -7.193  1.000 21.388 0 152  HIS AAA CA  1 ? 
ATOM   1089 C  C   . HIS A 1 154 ? 7.301   3.819   -8.291  1.000 22.093 0 152  HIS AAA C   1 ? 
ATOM   1090 O  O   . HIS A 1 154 ? 7.848   4.945   -8.205  1.000 22.495 0 152  HIS AAA O   1 ? 
ATOM   1091 C  CB  . HIS A 1 154 ? 6.866   2.421   -6.201  1.000 21.548 0 152  HIS AAA CB  1 ? 
ATOM   1092 C  CG  . HIS A 1 154 ? 7.969   2.935   -5.342  1.000 21.904 0 152  HIS AAA CG  1 ? 
ATOM   1093 N  ND1 . HIS A 1 154 ? 8.551   2.141   -4.366  1.000 21.251 0 152  HIS AAA ND1 1 ? 
ATOM   1094 C  CD2 . HIS A 1 154 ? 8.602   4.134   -5.289  1.000 21.989 0 152  HIS AAA CD2 1 ? 
ATOM   1095 C  CE1 . HIS A 1 154 ? 9.489   2.829   -3.754  1.000 21.550 0 152  HIS AAA CE1 1 ? 
ATOM   1096 N  NE2 . HIS A 1 154 ? 9.534   4.054   -4.298  1.000 21.885 0 152  HIS AAA NE2 1 ? 
ATOM   1097 N  N   . ARG A 1 155 ? 7.487   2.940   -9.294  1.000 22.545 0 153  ARG AAA N   1 ? 
ATOM   1098 C  CA  . ARG A 1 155 ? 8.521   3.118   -10.354 1.000 26.677 0 153  ARG AAA CA  1 ? 
ATOM   1099 C  C   . ARG A 1 155 ? 8.303   4.387   -11.184 1.000 30.747 0 153  ARG AAA C   1 ? 
ATOM   1100 O  O   . ARG A 1 155 ? 9.173   4.698   -12.008 1.000 30.047 0 153  ARG AAA O   1 ? 
ATOM   1101 C  CB  . ARG A 1 155 ? 8.508   1.941   -11.313 1.000 28.396 0 153  ARG AAA CB  1 ? 
ATOM   1102 C  CG  . ARG A 1 155 ? 7.170   1.721   -12.003 1.000 30.142 0 153  ARG AAA CG  1 ? 
ATOM   1103 C  CD  . ARG A 1 155 ? 7.331   0.772   -13.169 1.000 31.389 0 153  ARG AAA CD  1 ? 
ATOM   1104 N  NE  . ARG A 1 155 ? 7.900   -0.486  -12.718 1.000 35.386 0 153  ARG AAA NE  1 ? 
ATOM   1105 C  CZ  . ARG A 1 155 ? 8.217   -1.508  -13.516 1.000 34.564 0 153  ARG AAA CZ  1 ? 
ATOM   1106 N  NH1 . ARG A 1 155 ? 8.016   -1.420  -14.821 1.000 34.568 0 153  ARG AAA NH1 1 ? 
ATOM   1107 N  NH2 . ARG A 1 155 ? 8.734   -2.612  -13.001 1.000 33.775 0 153  ARG AAA NH2 1 ? 
ATOM   1108 N  N   . GLN A 1 156 ? 7.173   5.082   -11.038 1.000 28.658 0 154  GLN AAA N   1 ? 
ATOM   1109 C  CA  . GLN A 1 156 ? 6.902   6.319   -11.803 1.000 27.175 0 154  GLN AAA CA  1 ? 
ATOM   1110 C  C   . GLN A 1 156 ? 7.475   7.521   -11.051 1.000 30.030 0 154  GLN AAA C   1 ? 
ATOM   1111 O  O   . GLN A 1 156 ? 7.647   8.610   -11.640 1.000 36.347 0 154  GLN AAA O   1 ? 
ATOM   1112 C  CB  . GLN A 1 156 ? 5.403   6.464   -12.000 1.000 28.247 0 154  GLN AAA CB  1 ? 
ATOM   1113 C  CG  . GLN A 1 156 ? 4.854   5.486   -13.004 1.000 26.185 0 154  GLN AAA CG  1 ? 
ATOM   1114 C  CD  . GLN A 1 156 ? 3.361   5.693   -13.090 1.000 29.367 0 154  GLN AAA CD  1 ? 
ATOM   1115 O  OE1 . GLN A 1 156 ? 2.583   5.076   -12.375 1.000 27.491 0 154  GLN AAA OE1 1 ? 
ATOM   1116 N  NE2 . GLN A 1 156 ? 2.942   6.543   -14.005 1.000 31.282 0 154  GLN AAA NE2 1 ? 
ATOM   1117 N  N   . VAL A 1 157 ? 7.782   7.374   -9.780  1.000 29.504 0 155  VAL AAA N   1 ? 
ATOM   1118 C  CA  . VAL A 1 157 ? 8.259   8.550   -9.000  1.000 32.534 0 155  VAL AAA CA  1 ? 
ATOM   1119 C  C   . VAL A 1 157 ? 9.684   8.325   -8.479  1.000 33.247 0 155  VAL AAA C   1 ? 
ATOM   1120 O  O   . VAL A 1 157 ? 10.253  9.243   -7.823  1.000 31.146 0 155  VAL AAA O   1 ? 
ATOM   1121 C  CB  . VAL A 1 157 ? 7.269   8.890   -7.875  1.000 31.372 0 155  VAL AAA CB  1 ? 
ATOM   1122 C  CG1 . VAL A 1 157 ? 5.855   9.010   -8.426  1.000 30.290 0 155  VAL AAA CG1 1 ? 
ATOM   1123 C  CG2 . VAL A 1 157 ? 7.362   7.911   -6.714  1.000 32.672 0 155  VAL AAA CG2 1 ? 
ATOM   1124 N  N   . ARG A 1 158 ? 10.220  7.136   -8.694  1.000 35.029 0 156  ARG AAA N   1 ? 
ATOM   1125 C  CA  . ARG A 1 158 ? 11.564  6.765   -8.186  1.000 37.990 0 156  ARG AAA CA  1 ? 
ATOM   1126 C  C   . ARG A 1 158 ? 12.067  5.662   -9.098  1.000 34.670 0 156  ARG AAA C   1 ? 
ATOM   1127 O  O   . ARG A 1 158 ? 11.233  4.917   -9.629  1.000 31.494 0 156  ARG AAA O   1 ? 
ATOM   1128 C  CB  . ARG A 1 158 ? 11.497  6.287   -6.734  1.000 44.676 0 156  ARG AAA CB  1 ? 
ATOM   1129 C  CG  . ARG A 1 158 ? 12.811  5.764   -6.166  1.000 54.273 0 156  ARG AAA CG  1 ? 
ATOM   1130 C  CD  . ARG A 1 158 ? 13.655  6.918   -5.679  1.000 64.387 0 156  ARG AAA CD  1 ? 
ATOM   1131 N  NE  . ARG A 1 158 ? 12.739  7.816   -4.986  1.000 72.431 0 156  ARG AAA NE  1 ? 
ATOM   1132 C  CZ  . ARG A 1 158 ? 12.716  9.134   -5.102  1.000 80.265 0 156  ARG AAA CZ  1 ? 
ATOM   1133 N  NH1 . ARG A 1 158 ? 13.584  9.763   -5.877  1.000 85.555 0 156  ARG AAA NH1 1 ? 
ATOM   1134 N  NH2 . ARG A 1 158 ? 11.810  9.821   -4.436  1.000 89.948 0 156  ARG AAA NH2 1 ? 
ATOM   1135 N  N   . ASP A 1 159 ? 13.380  5.584   -9.270  1.000 35.241 0 157  ASP AAA N   1 ? 
ATOM   1136 C  CA  . ASP A 1 159 ? 14.022  4.505   -10.044 1.000 37.016 0 157  ASP AAA CA  1 ? 
ATOM   1137 C  C   . ASP A 1 159 ? 13.888  3.230   -9.223  1.000 30.105 0 157  ASP AAA C   1 ? 
ATOM   1138 O  O   . ASP A 1 159 ? 14.570  3.124   -8.238  1.000 33.761 0 157  ASP AAA O   1 ? 
ATOM   1139 C  CB  . ASP A 1 159 ? 15.478  4.860   -10.336 1.000 42.635 0 157  ASP AAA CB  1 ? 
ATOM   1140 C  CG  . ASP A 1 159 ? 16.123  3.955   -11.367 1.000 48.074 0 157  ASP AAA CG  1 ? 
ATOM   1141 O  OD1 . ASP A 1 159 ? 15.491  3.705   -12.403 1.000 50.845 0 157  ASP AAA OD1 1 ? 
ATOM   1142 O  OD2 . ASP A 1 159 ? 17.252  3.501   -11.109 1.000 56.532 0 157  ASP AAA OD2 1 ? 
ATOM   1143 N  N   . THR A 1 160 ? 12.989  2.339   -9.608  1.000 28.892 0 158  THR AAA N   1 ? 
ATOM   1144 C  CA  . THR A 1 160 ? 12.766  1.047   -8.933  1.000 27.480 0 158  THR AAA CA  1 ? 
ATOM   1145 C  C   . THR A 1 160 ? 11.969  0.168   -9.901  1.000 28.758 0 158  THR AAA C   1 ? 
ATOM   1146 O  O   . THR A 1 160 ? 11.293  0.729   -10.784 1.000 29.641 0 158  THR AAA O   1 ? 
ATOM   1147 C  CB  . THR A 1 160 ? 12.114  1.287   -7.551  1.000 26.787 0 158  THR AAA CB  1 ? 
ATOM   1148 O  OG1 . THR A 1 160 ? 11.950  0.047   -6.868  1.000 23.291 0 158  THR AAA OG1 1 ? 
ATOM   1149 C  CG2 . THR A 1 160 ? 10.745  1.926   -7.655  1.000 25.140 0 158  THR AAA CG2 1 ? 
ATOM   1150 N  N   . GLU A 1 161 ? 11.999  -1.152  -9.695  1.000 27.559 0 159  GLU AAA N   1 ? 
ATOM   1151 C  CA  . GLU A 1 161 ? 11.080  -2.117  -10.336 1.000 30.126 0 159  GLU AAA CA  1 ? 
ATOM   1152 C  C   . GLU A 1 161 ? 9.743   -2.145  -9.588  1.000 24.814 0 159  GLU AAA C   1 ? 
ATOM   1153 O  O   . GLU A 1 161 ? 8.754   -2.478  -10.236 1.000 23.675 0 159  GLU AAA O   1 ? 
ATOM   1154 C  CB  . GLU A 1 161 ? 11.719  -3.497  -10.452 1.000 34.917 0 159  GLU AAA CB  1 ? 
ATOM   1155 C  CG  . GLU A 1 161 ? 12.753  -3.531  -11.569 1.000 39.734 0 159  GLU AAA CG  1 ? 
ATOM   1156 C  CD  . GLU A 1 161 ? 13.606  -4.785  -11.572 1.000 48.337 0 159  GLU AAA CD  1 ? 
ATOM   1157 O  OE1 . GLU A 1 161 ? 13.062  -5.864  -11.207 1.000 56.023 0 159  GLU AAA OE1 1 ? 
ATOM   1158 O  OE2 . GLU A 1 161 ? 14.824  -4.675  -11.910 1.000 58.339 0 159  GLU AAA OE2 1 ? 
ATOM   1159 N  N   . CYS A 1 162 ? 9.702   -1.769  -8.309  1.000 24.676 0 160  CYS AAA N   1 ? 
ATOM   1160 C  CA  . CYS A 1 162 ? 8.445   -1.735  -7.508  1.000 23.016 0 160  CYS AAA CA  1 ? 
ATOM   1161 C  C   . CYS A 1 162 ? 7.373   -1.012  -8.318  1.000 22.315 0 160  CYS AAA C   1 ? 
ATOM   1162 O  O   . CYS A 1 162 ? 7.650   0.089   -8.803  1.000 21.028 0 160  CYS AAA O   1 ? 
ATOM   1163 C  CB  . CYS A 1 162 ? 8.672   -1.008  -6.202  1.000 24.062 0 160  CYS AAA CB  1 ? 
ATOM   1164 S  SG  . CYS A 1 162 ? 7.220   -1.078  -5.126  1.000 21.587 0 160  CYS AAA SG  1 ? 
ATOM   1165 N  N   . PRO A 1 163 ? 6.131   -1.525  -8.502  1.000 20.637 0 161  PRO AAA N   1 ? 
ATOM   1166 C  CA  . PRO A 1 163 ? 5.594   -2.712  -7.820  1.000 23.419 0 161  PRO AAA CA  1 ? 
ATOM   1167 C  C   . PRO A 1 163 ? 5.714   -4.063  -8.558  1.000 23.578 0 161  PRO AAA C   1 ? 
ATOM   1168 O  O   . PRO A 1 163 ? 4.898   -4.938  -8.309  1.000 20.771 0 161  PRO AAA O   1 ? 
ATOM   1169 C  CB  . PRO A 1 163 ? 4.099   -2.359  -7.723  1.000 22.468 0 161  PRO AAA CB  1 ? 
ATOM   1170 C  CG  . PRO A 1 163 ? 3.828   -1.626  -9.045  1.000 21.828 0 161  PRO AAA CG  1 ? 
ATOM   1171 C  CD  . PRO A 1 163 ? 5.100   -0.847  -9.310  1.000 21.848 0 161  PRO AAA CD  1 ? 
ATOM   1172 N  N   . GLY A 1 164 ? 6.729   -4.212  -9.421  1.000 24.553 0 162  GLY AAA N   1 ? 
ATOM   1173 C  CA  . GLY A 1 164 ? 6.902   -5.413  -10.253 1.000 26.339 0 162  GLY AAA CA  1 ? 
ATOM   1174 C  C   . GLY A 1 164 ? 6.261   -5.193  -11.608 1.000 28.850 0 162  GLY AAA C   1 ? 
ATOM   1175 O  O   . GLY A 1 164 ? 5.148   -4.636  -11.654 1.000 27.504 0 162  GLY AAA O   1 ? 
ATOM   1176 N  N   . GLY A 1 165 ? 6.938   -5.597  -12.685 1.000 27.976 0 163  GLY AAA N   1 ? 
ATOM   1177 C  CA  . GLY A 1 165 ? 6.429   -5.433  -14.056 1.000 26.296 0 163  GLY AAA CA  1 ? 
ATOM   1178 C  C   . GLY A 1 165 ? 5.008   -5.928  -14.234 1.000 25.573 0 163  GLY AAA C   1 ? 
ATOM   1179 O  O   . GLY A 1 165 ? 4.198   -5.211  -14.854 1.000 27.563 0 163  GLY AAA O   1 ? 
ATOM   1180 N  N   . ARG A 1 166 ? 4.689   -7.130  -13.780 1.000 25.609 0 164  ARG AAA N   1 ? 
ATOM   1181 C  CA  . ARG A 1 166 ? 3.366   -7.707  -14.091 1.000 25.832 0 164  ARG AAA CA  1 ? 
ATOM   1182 C  C   . ARG A 1 166 ? 2.279   -6.931  -13.337 1.000 27.518 0 164  ARG AAA C   1 ? 
ATOM   1183 O  O   . ARG A 1 166 ? 1.244   -6.593  -13.967 1.000 24.776 0 164  ARG AAA O   1 ? 
ATOM   1184 C  CB  . ARG A 1 166 ? 3.313   -9.184  -13.729 1.000 25.996 0 164  ARG AAA CB  1 ? 
ATOM   1185 C  CG  . ARG A 1 166 ? 2.023   -9.849  -14.176 1.000 28.443 0 164  ARG AAA CG  1 ? 
ATOM   1186 C  CD  . ARG A 1 166 ? 1.871   -9.829  -15.675 1.000 28.614 0 164  ARG AAA CD  1 ? 
ATOM   1187 N  NE  . ARG A 1 166 ? 0.514   -10.199 -16.046 1.000 30.052 0 164  ARG AAA NE  1 ? 
ATOM   1188 C  CZ  . ARG A 1 166 ? -0.498  -9.349  -16.184 1.000 31.262 0 164  ARG AAA CZ  1 ? 
ATOM   1189 N  NH1 . ARG A 1 166 ? -0.341  -8.055  -15.959 1.000 29.593 0 164  ARG AAA NH1 1 ? 
ATOM   1190 N  NH2 . ARG A 1 166 ? -1.683  -9.810  -16.542 1.000 31.848 0 164  ARG AAA NH2 1 ? 
ATOM   1191 N  N   . LEU A 1 167 ? 2.505   -6.625  -12.051 1.000 25.982 0 165  LEU AAA N   1 ? 
ATOM   1192 C  CA  . LEU A 1 167 ? 1.518   -5.823  -11.271 1.000 24.869 0 165  LEU AAA CA  1 ? 
ATOM   1193 C  C   . LEU A 1 167 ? 1.450   -4.418  -11.871 1.000 23.500 0 165  LEU AAA C   1 ? 
ATOM   1194 O  O   . LEU A 1 167 ? 0.342   -3.866  -11.968 1.000 24.965 0 165  LEU AAA O   1 ? 
ATOM   1195 C  CB  . LEU A 1 167 ? 1.871   -5.799  -9.775  1.000 24.183 0 165  LEU AAA CB  1 ? 
ATOM   1196 C  CG  . LEU A 1 167 ? 1.030   -4.873  -8.899  1.000 22.632 0 165  LEU AAA CG  1 ? 
ATOM   1197 C  CD1 . LEU A 1 167 ? -0.443  -5.189  -9.050  1.000 24.293 0 165  LEU AAA CD1 1 ? 
ATOM   1198 C  CD2 . LEU A 1 167 ? 1.443   -4.965  -7.421  1.000 22.561 0 165  LEU AAA CD2 1 ? 
ATOM   1199 N  N   . PHE A 1 168 ? 2.567   -3.847  -12.304 1.000 25.866 0 166  PHE AAA N   1 ? 
ATOM   1200 C  CA  . PHE A 1 168 ? 2.544   -2.512  -12.959 1.000 25.886 0 166  PHE AAA CA  1 ? 
ATOM   1201 C  C   . PHE A 1 168 ? 1.658   -2.557  -14.212 1.000 27.918 0 166  PHE AAA C   1 ? 
ATOM   1202 O  O   . PHE A 1 168 ? 0.888   -1.593  -14.460 1.000 25.291 0 166  PHE AAA O   1 ? 
ATOM   1203 C  CB  . PHE A 1 168 ? 3.945   -1.987  -13.257 1.000 25.981 0 166  PHE AAA CB  1 ? 
ATOM   1204 C  CG  . PHE A 1 168 ? 3.959   -0.559  -13.739 1.000 25.778 0 166  PHE AAA CG  1 ? 
ATOM   1205 C  CD1 . PHE A 1 168 ? 3.584   0.487   -12.896 1.000 26.574 0 166  PHE AAA CD1 1 ? 
ATOM   1206 C  CD2 . PHE A 1 168 ? 4.308   -0.255  -15.050 1.000 26.088 0 166  PHE AAA CD2 1 ? 
ATOM   1207 C  CE1 . PHE A 1 168 ? 3.586   1.801   -13.331 1.000 25.004 0 166  PHE AAA CE1 1 ? 
ATOM   1208 C  CE2 . PHE A 1 168 ? 4.275   1.056   -15.498 1.000 27.384 0 166  PHE AAA CE2 1 ? 
ATOM   1209 C  CZ  . PHE A 1 168 ? 3.933   2.083   -14.635 1.000 27.979 0 166  PHE AAA CZ  1 ? 
ATOM   1210 N  N   . ALA A 1 169 ? 1.735   -3.640  -14.985 1.000 28.945 0 167  ALA AAA N   1 ? 
ATOM   1211 C  CA  . ALA A 1 169 ? 0.916   -3.764  -16.216 1.000 31.575 0 167  ALA AAA CA  1 ? 
ATOM   1212 C  C   . ALA A 1 169 ? -0.563  -3.787  -15.810 1.000 29.060 0 167  ALA AAA C   1 ? 
ATOM   1213 O  O   . ALA A 1 169 ? -1.374  -3.148  -16.489 1.000 27.881 0 167  ALA AAA O   1 ? 
ATOM   1214 C  CB  . ALA A 1 169 ? 1.326   -4.987  -17.008 1.000 30.393 0 167  ALA AAA CB  1 ? 
ATOM   1215 N  N   . GLU A 1 170 ? -0.890  -4.476  -14.712 1.000 26.764 0 168  GLU AAA N   1 ? 
ATOM   1216 C  CA  . GLU A 1 170 ? -2.276  -4.627  -14.222 1.000 27.174 0 168  GLU AAA CA  1 ? 
ATOM   1217 C  C   . GLU A 1 170 ? -2.801  -3.251  -13.821 1.000 27.073 0 168  GLU AAA C   1 ? 
ATOM   1218 O  O   . GLU A 1 170 ? -3.866  -2.881  -14.330 1.000 26.421 0 168  GLU AAA O   1 ? 
ATOM   1219 C  CB  . GLU A 1 170 ? -2.332  -5.680  -13.113 1.000 29.583 0 168  GLU AAA CB  1 ? 
ATOM   1220 C  CG  . GLU A 1 170 ? -3.634  -5.739  -12.331 1.000 31.083 0 168  GLU AAA CG  1 ? 
ATOM   1221 C  CD  . GLU A 1 170 ? -4.858  -6.045  -13.173 1.000 36.435 0 168  GLU AAA CD  1 ? 
ATOM   1222 O  OE1 . GLU A 1 170 ? -4.681  -6.544  -14.307 1.000 38.332 0 168  GLU AAA OE1 1 ? 
ATOM   1223 O  OE2 . GLU A 1 170 ? -5.963  -5.739  -12.718 1.000 34.764 0 168  GLU AAA OE2 1 ? 
ATOM   1224 N  N   . ILE A 1 171 ? -2.103  -2.506  -12.949 1.000 25.722 0 169  ILE AAA N   1 ? 
ATOM   1225 C  CA  . ILE A 1 171 ? -2.635  -1.206  -12.438 1.000 25.895 0 169  ILE AAA CA  1 ? 
ATOM   1226 C  C   . ILE A 1 171 ? -2.704  -0.188  -13.585 1.000 25.863 0 169  ILE AAA C   1 ? 
ATOM   1227 O  O   . ILE A 1 171 ? -3.501  0.734   -13.487 1.000 24.600 0 169  ILE AAA O   1 ? 
ATOM   1228 C  CB  . ILE A 1 171 ? -1.839  -0.636  -11.233 1.000 24.401 0 169  ILE AAA CB  1 ? 
ATOM   1229 C  CG1 . ILE A 1 171 ? -0.460  -0.098  -11.636 1.000 24.540 0 169  ILE AAA CG1 1 ? 
ATOM   1230 C  CG2 . ILE A 1 171 ? -1.761  -1.659  -10.110 1.000 23.652 0 169  ILE AAA CG2 1 ? 
ATOM   1231 C  CD1 . ILE A 1 171 ? 0.250   0.707   -10.547 1.000 22.559 0 169  ILE AAA CD1 1 ? 
ATOM   1232 N  N   . SER A 1 172 ? -1.856  -0.302  -14.610 1.000 30.115 0 170  SER AAA N   1 ? 
ATOM   1233 C  CA  . SER A 1 172 ? -1.939  0.540   -15.839 1.000 33.501 0 170  SER AAA CA  1 ? 
ATOM   1234 C  C   . SER A 1 172 ? -3.335  0.424   -16.478 1.000 29.707 0 170  SER AAA C   1 ? 
ATOM   1235 O  O   . SER A 1 172 ? -3.688  1.287   -17.235 1.000 34.272 0 170  SER AAA O   1 ? 
ATOM   1236 C  CB  . SER A 1 172 ? -0.869  0.156   -16.821 1.000 36.918 0 170  SER AAA CB  1 ? 
ATOM   1237 O  OG  . SER A 1 172 ? 0.402   0.231   -16.197 1.000 40.746 0 170  SER AAA OG  1 ? 
ATOM   1238 N  N   . SER A 1 173 ? -4.093  -0.623  -16.174 1.000 30.065 0 171  SER AAA N   1 ? 
ATOM   1239 C  CA  . SER A 1 173 ? -5.452  -0.861  -16.715 1.000 32.280 0 171  SER AAA CA  1 ? 
ATOM   1240 C  C   . SER A 1 173 ? -6.521  -0.363  -15.750 1.000 33.030 0 171  SER AAA C   1 ? 
ATOM   1241 O  O   . SER A 1 173 ? -7.716  -0.510  -16.083 1.000 30.625 0 171  SER AAA O   1 ? 
ATOM   1242 C  CB  . SER A 1 173 ? -5.657  -2.293  -16.973 1.000 31.887 0 171  SER AAA CB  1 ? 
ATOM   1243 O  OG  . SER A 1 173 ? -6.014  -2.945  -15.777 1.000 33.861 0 171  SER AAA OG  1 ? 
ATOM   1244 N  N   . TRP A 1 174 ? -6.126  0.160   -14.584 1.000 30.801 0 172  TRP AAA N   1 ? 
ATOM   1245 C  CA  . TRP A 1 174 ? -7.107  0.605   -13.567 1.000 30.869 0 172  TRP AAA CA  1 ? 
ATOM   1246 C  C   . TRP A 1 174 ? -7.572  2.017   -13.884 1.000 29.983 0 172  TRP AAA C   1 ? 
ATOM   1247 O  O   . TRP A 1 174 ? -6.856  2.785   -14.534 1.000 34.525 0 172  TRP AAA O   1 ? 
ATOM   1248 C  CB  . TRP A 1 174 ? -6.500  0.522   -12.171 1.000 28.734 0 172  TRP AAA CB  1 ? 
ATOM   1249 C  CG  . TRP A 1 174 ? -6.288  -0.871  -11.689 1.000 28.178 0 172  TRP AAA CG  1 ? 
ATOM   1250 C  CD1 . TRP A 1 174 ? -6.347  -2.041  -12.394 1.000 29.479 0 172  TRP AAA CD1 1 ? 
ATOM   1251 C  CD2 . TRP A 1 174 ? -5.933  -1.228  -10.348 1.000 27.905 0 172  TRP AAA CD2 1 ? 
ATOM   1252 N  NE1 . TRP A 1 174 ? -6.089  -3.096  -11.556 1.000 27.918 0 172  TRP AAA NE1 1 ? 
ATOM   1253 C  CE2 . TRP A 1 174 ? -5.807  -2.627  -10.311 1.000 26.609 0 172  TRP AAA CE2 1 ? 
ATOM   1254 C  CE3 . TRP A 1 174 ? -5.678  -0.481  -9.194  1.000 27.740 0 172  TRP AAA CE3 1 ? 
ATOM   1255 C  CZ2 . TRP A 1 174 ? -5.455  -3.313  -9.152  1.000 26.790 0 172  TRP AAA CZ2 1 ? 
ATOM   1256 C  CZ3 . TRP A 1 174 ? -5.315  -1.156  -8.050  1.000 27.331 0 172  TRP AAA CZ3 1 ? 
ATOM   1257 C  CH2 . TRP A 1 174 ? -5.222  -2.550  -8.029  1.000 28.703 0 172  TRP AAA CH2 1 ? 
ATOM   1258 N  N   . PRO A 1 175 ? -8.772  2.425   -13.410 1.000 33.498 0 173  PRO AAA N   1 ? 
ATOM   1259 C  CA  . PRO A 1 175 ? -9.199  3.812   -13.554 1.000 32.984 0 173  PRO AAA CA  1 ? 
ATOM   1260 C  C   . PRO A 1 175 ? -8.241  4.696   -12.749 1.000 31.782 0 173  PRO AAA C   1 ? 
ATOM   1261 O  O   . PRO A 1 175 ? -7.748  4.256   -11.688 1.000 32.367 0 173  PRO AAA O   1 ? 
ATOM   1262 C  CB  . PRO A 1 175 ? -10.627 3.887   -12.976 1.000 34.198 0 173  PRO AAA CB  1 ? 
ATOM   1263 C  CG  . PRO A 1 175 ? -11.043 2.440   -12.775 1.000 35.995 0 173  PRO AAA CG  1 ? 
ATOM   1264 C  CD  . PRO A 1 175 ? -9.774  1.607   -12.706 1.000 33.632 0 173  PRO AAA CD  1 ? 
ATOM   1265 N  N   . HIS A 1 176 ? -8.021  5.903   -13.260 1.000 25.992 0 174  HIS AAA N   1 ? 
ATOM   1266 C  CA  . HIS A 1 176 ? -7.244  6.996   -12.646 1.000 28.446 0 174  HIS AAA CA  1 ? 
ATOM   1267 C  C   . HIS A 1 176 ? -5.741  6.726   -12.836 1.000 27.707 0 174  HIS AAA C   1 ? 
ATOM   1268 O  O   . HIS A 1 176 ? -4.936  7.568   -12.398 1.000 24.852 0 174  HIS AAA O   1 ? 
ATOM   1269 C  CB  . HIS A 1 176 ? -7.652  7.197   -11.177 1.000 30.776 0 174  HIS AAA CB  1 ? 
ATOM   1270 C  CG  . HIS A 1 176 ? -9.013  7.762   -10.948 1.000 31.067 0 174  HIS AAA CG  1 ? 
ATOM   1271 N  ND1 . HIS A 1 176 ? -9.210  9.015   -10.411 1.000 31.740 0 174  HIS AAA ND1 1 ? 
ATOM   1272 C  CD2 . HIS A 1 176 ? -10.241 7.221   -11.091 1.000 36.567 0 174  HIS AAA CD2 1 ? 
ATOM   1273 C  CE1 . HIS A 1 176 ? -10.501 9.239   -10.276 1.000 32.450 0 174  HIS AAA CE1 1 ? 
ATOM   1274 N  NE2 . HIS A 1 176 ? -11.149 8.152   -10.669 1.000 32.713 0 174  HIS AAA NE2 1 ? 
ATOM   1275 N  N   . PHE A 1 177 ? -5.348  5.603   -13.457 1.000 27.386 0 175  PHE AAA N   1 ? 
ATOM   1276 C  CA  . PHE A 1 177 ? -3.914  5.375   -13.793 1.000 28.630 0 175  PHE AAA CA  1 ? 
ATOM   1277 C  C   . PHE A 1 177 ? -3.441  6.574   -14.623 1.000 30.273 0 175  PHE AAA C   1 ? 
ATOM   1278 O  O   . PHE A 1 177 ? -4.095  6.918   -15.621 1.000 32.514 0 175  PHE AAA O   1 ? 
ATOM   1279 C  CB  . PHE A 1 177 ? -3.661  4.052   -14.518 1.000 29.627 0 175  PHE AAA CB  1 ? 
ATOM   1280 C  CG  . PHE A 1 177 ? -2.193  3.894   -14.808 1.000 32.125 0 175  PHE AAA CG  1 ? 
ATOM   1281 C  CD1 . PHE A 1 177 ? -1.312  3.572   -13.793 1.000 32.981 0 175  PHE AAA CD1 1 ? 
ATOM   1282 C  CD2 . PHE A 1 177 ? -1.676  4.219   -16.050 1.000 33.274 0 175  PHE AAA CD2 1 ? 
ATOM   1283 C  CE1 . PHE A 1 177 ? 0.052   3.465   -14.033 1.000 36.499 0 175  PHE AAA CE1 1 ? 
ATOM   1284 C  CE2 . PHE A 1 177 ? -0.311  4.112   -16.289 1.000 36.701 0 175  PHE AAA CE2 1 ? 
ATOM   1285 C  CZ  . PHE A 1 177 ? 0.551   3.726   -15.277 1.000 32.935 0 175  PHE AAA CZ  1 ? 
ATOM   1286 N  N   . THR A 1 178 ? -2.362  7.209   -14.192 1.000 29.095 0 176  THR AAA N   1 ? 
ATOM   1287 C  CA  . THR A 1 178 ? -1.912  8.551   -14.623 1.000 33.860 0 176  THR AAA CA  1 ? 
ATOM   1288 C  C   . THR A 1 178 ? -0.451  8.465   -15.089 1.000 37.043 0 176  THR AAA C   1 ? 
ATOM   1289 O  O   . THR A 1 178 ? 0.367   7.874   -14.363 1.000 37.735 0 176  THR AAA O   1 ? 
ATOM   1290 C  CB  . THR A 1 178 ? -2.050  9.511   -13.440 1.000 34.636 0 176  THR AAA CB  1 ? 
ATOM   1291 O  OG1 . THR A 1 178 ? -3.436  9.531   -13.116 1.000 43.208 0 176  THR AAA OG1 1 ? 
ATOM   1292 C  CG2 . THR A 1 178 ? -1.564  10.917  -13.699 1.000 36.055 0 176  THR AAA CG2 1 ? 
ATOM   1293 N  N   . HIS A 1 179 ? -0.141  9.057   -16.244 1.000 40.136 0 177  HIS AAA N   1 ? 
ATOM   1294 C  CA  . HIS A 1 179 ? 1.239   9.324   -16.735 1.000 37.907 0 177  HIS AAA CA  1 ? 
ATOM   1295 C  C   . HIS A 1 179 ? 1.642   10.696  -16.217 1.000 36.874 0 177  HIS AAA C   1 ? 
ATOM   1296 O  O   . HIS A 1 179 ? 0.859   11.639  -16.431 1.000 40.107 0 177  HIS AAA O   1 ? 
ATOM   1297 C  CB  . HIS A 1 179 ? 1.304   9.281   -18.269 1.000 39.642 0 177  HIS AAA CB  1 ? 
ATOM   1298 C  CG  . HIS A 1 179 ? 0.835   7.988   -18.839 1.000 42.875 0 177  HIS AAA CG  1 ? 
ATOM   1299 N  ND1 . HIS A 1 179 ? 1.497   6.788   -18.596 1.000 50.197 0 177  HIS AAA ND1 1 ? 
ATOM   1300 C  CD2 . HIS A 1 179 ? -0.217  7.696   -19.635 1.000 42.347 0 177  HIS AAA CD2 1 ? 
ATOM   1301 C  CE1 . HIS A 1 179 ? 0.871   5.813   -19.234 1.000 48.933 0 177  HIS AAA CE1 1 ? 
ATOM   1302 N  NE2 . HIS A 1 179 ? -0.196  6.348   -19.864 1.000 46.767 0 177  HIS AAA NE2 1 ? 
ATOM   1303 N  N   . ILE A 1 180 ? 2.778   10.790  -15.534 1.000 32.330 0 178  ILE AAA N   1 ? 
ATOM   1304 C  CA  . ILE A 1 180 ? 3.276   12.054  -14.924 1.000 35.079 0 178  ILE AAA CA  1 ? 
ATOM   1305 C  C   . ILE A 1 180 ? 4.537   12.539  -15.660 1.000 35.471 0 178  ILE AAA C   1 ? 
ATOM   1306 O  O   . ILE A 1 180 ? 5.005   13.657  -15.355 1.000 31.977 0 178  ILE AAA O   1 ? 
ATOM   1307 C  CB  . ILE A 1 180 ? 3.505   11.887  -13.405 1.000 34.377 0 178  ILE AAA CB  1 ? 
ATOM   1308 C  CG1 . ILE A 1 180 ? 4.464   10.743  -13.056 1.000 35.172 0 178  ILE AAA CG1 1 ? 
ATOM   1309 C  CG2 . ILE A 1 180 ? 2.163   11.743  -12.697 1.000 35.878 0 178  ILE AAA CG2 1 ? 
ATOM   1310 C  CD1 . ILE A 1 180 ? 5.050   10.863  -11.671 1.000 35.713 0 178  ILE AAA CD1 1 ? 
ATOM   1311 N  N   . ASN A 1 181 ? 5.099   11.740  -16.570 1.000 37.006 0 179  ASN AAA N   1 ? 
ATOM   1312 C  CA  . ASN A 1 181 ? 6.333   12.141  -17.302 1.000 38.002 0 179  ASN AAA CA  1 ? 
ATOM   1313 C  C   . ASN A 1 181 ? 6.134   11.729  -18.760 1.000 36.156 0 179  ASN AAA C   1 ? 
ATOM   1314 O  O   . ASN A 1 181 ? 5.207   10.944  -19.034 1.000 32.333 0 179  ASN AAA O   1 ? 
ATOM   1315 C  CB  . ASN A 1 181 ? 7.588   11.661  -16.552 1.000 38.860 0 179  ASN AAA CB  1 ? 
ATOM   1316 C  CG  . ASN A 1 181 ? 7.770   12.336  -15.196 1.000 42.594 0 179  ASN AAA CG  1 ? 
ATOM   1317 O  OD1 . ASN A 1 181 ? 7.721   11.664  -14.150 1.000 43.252 0 179  ASN AAA OD1 1 ? 
ATOM   1318 N  ND2 . ASN A 1 181 ? 7.969   13.659  -15.180 1.000 39.107 0 179  ASN AAA ND2 1 ? 
ATOM   1319 N  N   . ASP A 1 182 ? 6.869   12.347  -19.681 1.000 34.091 0 180  ASP AAA N   1 ? 
ATOM   1320 C  CA  . ASP A 1 182 ? 6.645   12.152  -21.139 1.000 33.917 0 180  ASP AAA CA  1 ? 
ATOM   1321 C  C   . ASP A 1 182 ? 6.938   10.688  -21.536 1.000 36.949 0 180  ASP AAA C   1 ? 
ATOM   1322 O  O   . ASP A 1 182 ? 6.521   10.301  -22.595 1.000 35.972 0 180  ASP AAA O   1 ? 
ATOM   1323 C  CB  . ASP A 1 182 ? 7.478   13.125  -21.979 1.000 29.959 0 180  ASP AAA CB  1 ? 
ATOM   1324 C  CG  . ASP A 1 182 ? 7.178   14.602  -21.751 1.000 29.533 0 180  ASP AAA CG  1 ? 
ATOM   1325 O  OD1 . ASP A 1 182 ? 6.194   14.901  -21.030 1.000 28.807 0 180  ASP AAA OD1 1 ? 
ATOM   1326 O  OD2 . ASP A 1 182 ? 7.941   15.441  -22.279 1.000 27.616 0 180  ASP AAA OD2 1 ? 
ATOM   1327 N  N   . THR A 1 183 ? 7.633   9.906   -20.715 1.000 41.423 0 181  THR AAA N   1 ? 
ATOM   1328 C  CA  . THR A 1 183 ? 7.904   8.462   -20.967 1.000 53.377 0 181  THR AAA CA  1 ? 
ATOM   1329 C  C   . THR A 1 183 ? 6.644   7.599   -20.765 1.000 60.124 0 181  THR AAA C   1 ? 
ATOM   1330 O  O   . THR A 1 183 ? 6.553   6.546   -21.398 1.000 56.545 0 181  THR AAA O   1 ? 
ATOM   1331 C  CB  . THR A 1 183 ? 9.040   8.006   -20.054 1.000 55.474 0 181  THR AAA CB  1 ? 
ATOM   1332 O  OG1 . THR A 1 183 ? 8.571   8.282   -18.728 1.000 61.948 0 181  THR AAA OG1 1 ? 
ATOM   1333 C  CG2 . THR A 1 183 ? 10.337  8.720   -20.373 1.000 50.657 0 181  THR AAA CG2 1 ? 
HETATM 1334 ZN ZN  . ZN  B 2 .   ? 7.676   0.450   -3.637  1.000 19.636 0 2000 ZN  AAA ZN  1 ? 
HETATM 1335 O  O   . HOH C 3 .   ? 12.278  0.178   -4.439  1.000 34.254 0 2101 HOH AAA O   1 ? 
HETATM 1336 O  O   . HOH C 3 .   ? -11.274 -4.618  12.810  1.000 39.431 0 2102 HOH AAA O   1 ? 
HETATM 1337 O  O   . HOH C 3 .   ? 7.282   9.190   -14.434 1.000 41.435 0 2103 HOH AAA O   1 ? 
HETATM 1338 O  O   . HOH C 3 .   ? -13.599 11.686  -1.932  1.000 27.702 0 2104 HOH AAA O   1 ? 
HETATM 1339 O  O   . HOH C 3 .   ? -7.992  3.090   -9.436  1.000 30.332 0 2105 HOH AAA O   1 ? 
HETATM 1340 O  O   . HOH C 3 .   ? 10.586  -13.606 -4.990  1.000 37.426 0 2106 HOH AAA O   1 ? 
HETATM 1341 O  O   . HOH C 3 .   ? -0.173  6.772   5.204   1.000 25.417 0 2107 HOH AAA O   1 ? 
HETATM 1342 O  O   . HOH C 3 .   ? 0.072   -14.316 12.680  1.000 36.588 0 2108 HOH AAA O   1 ? 
HETATM 1343 O  O   . HOH C 3 .   ? 5.315   -5.851  14.477  1.000 36.666 0 2109 HOH AAA O   1 ? 
HETATM 1344 O  O   . HOH C 3 .   ? -0.830  0.382   16.627  1.000 36.374 0 2110 HOH AAA O   1 ? 
HETATM 1345 O  O   . HOH C 3 .   ? -5.813  10.066  2.890   1.000 28.058 0 2111 HOH AAA O   1 ? 
HETATM 1346 O  O   . HOH C 3 .   ? 6.410   -12.404 -9.756  1.000 23.025 0 2112 HOH AAA O   1 ? 
HETATM 1347 O  O   . HOH C 3 .   ? -11.423 1.474   -6.876  1.000 32.552 0 2113 HOH AAA O   1 ? 
HETATM 1348 O  O   . HOH C 3 .   ? 9.289   -3.429  -3.197  1.000 25.543 0 2114 HOH AAA O   1 ? 
HETATM 1349 O  O   . HOH C 3 .   ? 1.602   8.388   2.408   1.000 21.657 0 2115 HOH AAA O   1 ? 
HETATM 1350 O  O   . HOH C 3 .   ? -17.296 11.491  1.376   1.000 36.304 0 2116 HOH AAA O   1 ? 
HETATM 1351 O  O   . HOH C 3 .   ? -0.911  5.806   11.888  1.000 31.757 0 2117 HOH AAA O   1 ? 
HETATM 1352 O  O   . HOH C 3 .   ? -3.013  -7.103  -16.390 1.000 38.417 0 2118 HOH AAA O   1 ? 
HETATM 1353 O  O   . HOH C 3 .   ? -8.382  0.818   10.306  1.000 40.309 0 2119 HOH AAA O   1 ? 
HETATM 1354 O  O   . HOH C 3 .   ? 0.292   -11.778 -0.319  1.000 34.341 0 2120 HOH AAA O   1 ? 
HETATM 1355 O  O   . HOH C 3 .   ? -9.550  -14.982 3.432   1.000 37.930 0 2121 HOH AAA O   1 ? 
HETATM 1356 O  O   . HOH C 3 .   ? 1.630   5.517   11.780  1.000 26.644 0 2122 HOH AAA O   1 ? 
HETATM 1357 O  O   . HOH C 3 .   ? 5.551   -11.336 14.835  1.000 34.460 0 2123 HOH AAA O   1 ? 
HETATM 1358 O  O   . HOH C 3 .   ? 5.666   -13.479 -3.687  1.000 28.204 0 2124 HOH AAA O   1 ? 
HETATM 1359 O  O   . HOH C 3 .   ? -8.987  -15.305 5.756   1.000 28.171 0 2125 HOH AAA O   1 ? 
HETATM 1360 O  O   . HOH C 3 .   ? 3.916   7.388   11.627  1.000 28.906 0 2126 HOH AAA O   1 ? 
HETATM 1361 O  O   . HOH C 3 .   ? 9.708   -5.990  -12.675 1.000 36.413 0 2127 HOH AAA O   1 ? 
HETATM 1362 O  O   . HOH C 3 .   ? 4.927   15.990  -5.570  1.000 49.426 0 2128 HOH AAA O   1 ? 
HETATM 1363 O  O   . HOH C 3 .   ? 3.785   -0.837  21.036  1.000 39.640 0 2129 HOH AAA O   1 ? 
HETATM 1364 O  O   . HOH C 3 .   ? 16.471  -0.527  0.542   1.000 39.129 0 2130 HOH AAA O   1 ? 
HETATM 1365 O  O   . HOH C 3 .   ? 10.094  11.521  -6.018  1.000 38.933 0 2131 HOH AAA O   1 ? 
HETATM 1366 O  O   . HOH C 3 .   ? -6.835  -15.222 -9.248  1.000 41.420 0 2132 HOH AAA O   1 ? 
HETATM 1367 O  O   . HOH C 3 .   ? 8.856   -4.037  1.234   1.000 32.409 0 2133 HOH AAA O   1 ? 
HETATM 1368 O  O   . HOH C 3 .   ? 3.632   9.521   10.343  1.000 26.922 0 2134 HOH AAA O   1 ? 
HETATM 1369 O  O   . HOH C 3 .   ? 2.698   11.155  17.618  1.000 39.553 0 2135 HOH AAA O   1 ? 
HETATM 1370 O  O   . HOH C 3 .   ? 4.574   -14.134 -6.015  1.000 37.708 0 2136 HOH AAA O   1 ? 
HETATM 1371 O  O   . HOH C 3 .   ? -2.763  8.296   3.456   1.000 29.795 0 2137 HOH AAA O   1 ? 
HETATM 1372 O  O   . HOH C 3 .   ? 11.751  5.030   -2.597  1.000 30.822 0 2138 HOH AAA O   1 ? 
HETATM 1373 O  O   . HOH C 3 .   ? 10.217  7.404   2.195   1.000 28.270 0 2139 HOH AAA O   1 ? 
HETATM 1374 O  O   . HOH C 3 .   ? -6.952  4.911   8.251   1.000 26.387 0 2140 HOH AAA O   1 ? 
HETATM 1375 O  O   . HOH C 3 .   ? -6.006  0.700   13.203  1.000 19.666 0 2141 HOH AAA O   1 ? 
HETATM 1376 O  O   . HOH C 3 .   ? 6.469   13.775  1.077   1.000 28.780 0 2142 HOH AAA O   1 ? 
HETATM 1377 O  O   . HOH C 3 .   ? 4.667   8.485   -15.772 1.000 30.326 0 2143 HOH AAA O   1 ? 
HETATM 1378 O  O   . HOH C 3 .   ? -8.138  15.879  6.767   1.000 46.557 0 2144 HOH AAA O   1 ? 
HETATM 1379 O  O   . HOH C 3 .   ? -9.516  13.559  4.325   1.000 33.714 0 2145 HOH AAA O   1 ? 
HETATM 1380 O  O   . HOH C 3 .   ? -5.335  -17.551 -4.635  1.000 32.208 0 2146 HOH AAA O   1 ? 
HETATM 1381 O  O   . HOH C 3 .   ? -0.305  13.692  -14.494 1.000 40.850 0 2147 HOH AAA O   1 ? 
HETATM 1382 O  O   . HOH C 3 .   ? -6.103  -0.614  15.982  1.000 32.472 0 2148 HOH AAA O   1 ? 
HETATM 1383 O  O   . HOH C 3 .   ? 9.164   7.411   9.338   1.000 24.387 0 2149 HOH AAA O   1 ? 
HETATM 1384 O  O   . HOH C 3 .   ? 3.054   -16.191 -6.982  1.000 41.928 0 2150 HOH AAA O   1 ? 
HETATM 1385 O  O   . HOH C 3 .   ? 11.652  8.453   5.335   1.000 41.621 0 2151 HOH AAA O   1 ? 
# 
